data_1TN9
#
_entry.id   1TN9
#
_cell.length_a   1.000
_cell.length_b   1.000
_cell.length_c   1.000
_cell.angle_alpha   90.00
_cell.angle_beta   90.00
_cell.angle_gamma   90.00
#
_symmetry.space_group_name_H-M   'P 1'
#
loop_
_entity.id
_entity.type
_entity.pdbx_description
1 polymer "DNA (5'-D(*GP*AP*GP*TP*AP*GP*TP*AP*AP*AP*TP*TP*C)-3')"
2 polymer "DNA (5'-D(*GP*AP*AP*TP*TP*TP*AP*CP*TP*AP*CP*TP*C)-3')"
3 polymer 'PROTEIN (INTEGRASE)'
#
loop_
_entity_poly.entity_id
_entity_poly.type
_entity_poly.pdbx_seq_one_letter_code
_entity_poly.pdbx_strand_id
1 'polydeoxyribonucleotide' (DG)(DA)(DG)(DT)(DA)(DG)(DT)(DA)(DA)(DA)(DT)(DT)(DC) B
2 'polydeoxyribonucleotide' (DG)(DA)(DA)(DT)(DT)(DT)(DA)(DC)(DT)(DA)(DC)(DT)(DC) C
3 'polypeptide(L)' EKRRDNRGRILKTGESQRKDGRYLYKYIDSFGEPQFVYSWKLVATDRVPAGKRDAISLREKIAELQKDI A
#
# COMPACT_ATOMS: atom_id res chain seq x y z
N GLU C 1 5.47 18.14 1.34
CA GLU C 1 4.34 18.70 0.56
C GLU C 1 3.63 17.57 -0.19
N LYS C 2 4.30 16.45 -0.38
CA LYS C 2 3.67 15.32 -1.11
C LYS C 2 4.30 14.01 -0.64
N ARG C 3 3.54 12.95 -0.61
CA ARG C 3 4.11 11.64 -0.16
C ARG C 3 4.88 11.00 -1.31
N ARG C 4 6.16 10.80 -1.13
CA ARG C 4 7.00 10.17 -2.20
C ARG C 4 7.33 8.73 -1.80
N ASP C 5 7.59 7.88 -2.74
CA ASP C 5 7.91 6.46 -2.41
C ASP C 5 9.37 6.35 -2.00
N ASN C 6 9.89 5.15 -1.95
CA ASN C 6 11.31 4.97 -1.54
C ASN C 6 12.23 5.28 -2.72
N ARG C 7 11.70 5.84 -3.78
CA ARG C 7 12.54 6.18 -4.97
C ARG C 7 12.21 7.59 -5.45
N GLY C 8 11.31 7.72 -6.40
CA GLY C 8 10.97 9.09 -6.91
C GLY C 8 9.52 9.09 -7.41
N ARG C 9 8.79 8.04 -7.18
CA ARG C 9 7.37 7.99 -7.64
C ARG C 9 6.47 8.66 -6.61
N ILE C 10 5.43 9.33 -7.06
CA ILE C 10 4.50 10.02 -6.10
C ILE C 10 3.38 9.08 -5.68
N LEU C 11 3.20 8.88 -4.40
CA LEU C 11 2.10 7.99 -3.92
C LEU C 11 0.84 8.85 -3.75
N LYS C 12 -0.33 8.25 -3.77
CA LYS C 12 -1.58 9.05 -3.60
C LYS C 12 -1.90 9.14 -2.11
N THR C 13 -2.66 10.13 -1.70
CA THR C 13 -3.01 10.26 -0.25
C THR C 13 -3.46 8.91 0.29
N GLY C 14 -3.58 8.78 1.58
CA GLY C 14 -4.01 7.48 2.15
C GLY C 14 -2.85 6.49 2.09
N GLU C 15 -2.13 6.49 0.98
CA GLU C 15 -0.98 5.54 0.83
C GLU C 15 0.31 6.20 1.31
N SER C 16 1.32 5.40 1.53
CA SER C 16 2.64 5.94 1.99
C SER C 16 3.64 4.78 2.07
N GLN C 17 4.56 4.83 2.99
CA GLN C 17 5.54 3.71 3.12
C GLN C 17 6.00 3.56 4.57
N ARG C 18 5.94 2.37 5.09
CA ARG C 18 6.34 2.13 6.50
C ARG C 18 7.82 2.54 6.68
N LYS C 19 8.49 1.94 7.62
CA LYS C 19 9.93 2.26 7.86
C LYS C 19 10.78 1.25 7.10
N ASP C 20 10.22 0.11 6.77
CA ASP C 20 10.99 -0.92 6.03
C ASP C 20 10.97 -0.61 4.53
N GLY C 21 10.27 0.43 4.13
CA GLY C 21 10.22 0.78 2.68
C GLY C 21 8.98 0.16 2.03
N ARG C 22 8.34 -0.77 2.68
CA ARG C 22 7.13 -1.40 2.08
C ARG C 22 6.01 -0.36 2.00
N TYR C 23 5.00 -0.63 1.22
CA TYR C 23 3.88 0.36 1.10
C TYR C 23 2.85 0.12 2.20
N LEU C 24 2.19 1.18 2.63
CA LEU C 24 1.15 1.05 3.69
C LEU C 24 -0.04 1.93 3.31
N TYR C 25 -1.22 1.47 3.58
CA TYR C 25 -2.45 2.25 3.25
C TYR C 25 -3.34 2.29 4.49
N LYS C 26 -3.26 3.35 5.24
CA LYS C 26 -4.08 3.50 6.48
C LYS C 26 -5.38 4.21 6.11
N TYR C 27 -6.50 3.77 6.62
CA TYR C 27 -7.77 4.46 6.27
C TYR C 27 -8.83 4.21 7.35
N ILE C 28 -9.57 5.23 7.70
CA ILE C 28 -10.62 5.09 8.75
C ILE C 28 -11.77 4.25 8.18
N ASP C 29 -11.97 3.07 8.70
CA ASP C 29 -13.08 2.21 8.18
C ASP C 29 -14.41 2.64 8.80
N SER C 30 -15.47 1.96 8.46
CA SER C 30 -16.80 2.32 9.02
C SER C 30 -16.93 1.81 10.45
N PHE C 31 -15.84 1.41 11.05
CA PHE C 31 -15.88 0.88 12.45
C PHE C 31 -15.54 2.03 13.40
N GLY C 32 -14.72 2.95 12.96
CA GLY C 32 -14.32 4.10 13.82
C GLY C 32 -12.88 3.88 14.30
N GLU C 33 -12.10 3.16 13.54
CA GLU C 33 -10.69 2.90 13.96
C GLU C 33 -9.83 2.64 12.70
N PRO C 34 -8.76 3.36 12.48
CA PRO C 34 -7.88 3.16 11.29
C PRO C 34 -7.68 1.68 10.94
N GLN C 35 -7.36 1.39 9.71
CA GLN C 35 -7.14 -0.02 9.28
C GLN C 35 -5.78 -0.12 8.57
N PHE C 36 -4.97 -1.08 8.93
CA PHE C 36 -3.62 -1.24 8.31
C PHE C 36 -3.64 -2.26 7.17
N VAL C 37 -3.26 -1.86 5.98
CA VAL C 37 -3.16 -2.82 4.83
C VAL C 37 -1.70 -2.80 4.38
N TYR C 38 -1.03 -3.94 4.40
CA TYR C 38 0.41 -3.97 4.02
C TYR C 38 0.60 -4.47 2.59
N SER C 39 1.70 -4.10 1.98
CA SER C 39 2.00 -4.54 0.58
C SER C 39 3.40 -4.04 0.22
N TRP C 40 4.11 -4.76 -0.61
CA TRP C 40 5.48 -4.31 -1.02
C TRP C 40 5.41 -3.70 -2.42
N LYS C 41 4.49 -4.18 -3.22
CA LYS C 41 4.35 -3.67 -4.61
C LYS C 41 3.24 -2.61 -4.66
N LEU C 42 3.51 -1.47 -5.24
CA LEU C 42 2.43 -0.45 -5.34
C LEU C 42 1.44 -0.94 -6.37
N VAL C 43 1.91 -1.67 -7.34
CA VAL C 43 1.02 -2.23 -8.40
C VAL C 43 1.43 -3.68 -8.64
N ALA C 44 0.56 -4.48 -9.18
CA ALA C 44 0.90 -5.91 -9.39
C ALA C 44 1.82 -6.07 -10.62
N THR C 45 2.96 -5.43 -10.60
CA THR C 45 3.93 -5.56 -11.74
C THR C 45 5.35 -5.42 -11.19
N ASP C 46 5.51 -4.70 -10.12
CA ASP C 46 6.86 -4.51 -9.51
C ASP C 46 7.37 -5.85 -8.94
N ARG C 47 8.26 -5.80 -7.97
CA ARG C 47 8.80 -7.05 -7.36
C ARG C 47 8.82 -6.90 -5.84
N VAL C 48 9.57 -7.73 -5.14
CA VAL C 48 9.60 -7.62 -3.64
C VAL C 48 10.96 -8.16 -3.12
N PRO C 49 11.63 -7.43 -2.25
CA PRO C 49 12.94 -7.91 -1.69
C PRO C 49 12.94 -9.40 -1.34
N ALA C 50 13.95 -10.10 -1.76
CA ALA C 50 14.02 -11.55 -1.47
C ALA C 50 13.86 -11.78 0.05
N GLY C 51 13.17 -12.83 0.42
CA GLY C 51 12.97 -13.12 1.88
C GLY C 51 11.61 -12.59 2.34
N LYS C 52 11.01 -11.73 1.56
CA LYS C 52 9.68 -11.16 1.95
C LYS C 52 8.56 -12.08 1.44
N ARG C 53 7.41 -12.02 2.03
CA ARG C 53 6.28 -12.88 1.59
C ARG C 53 5.64 -12.28 0.34
N ASP C 54 4.88 -13.06 -0.38
CA ASP C 54 4.23 -12.54 -1.62
C ASP C 54 2.84 -12.00 -1.27
N ALA C 55 2.31 -11.12 -2.08
CA ALA C 55 0.97 -10.54 -1.81
C ALA C 55 0.55 -9.71 -3.02
N ILE C 56 -0.72 -9.48 -3.19
CA ILE C 56 -1.15 -8.65 -4.34
C ILE C 56 -0.82 -7.20 -4.02
N SER C 57 -0.37 -6.47 -5.00
CA SER C 57 -0.01 -5.04 -4.76
C SER C 57 -1.11 -4.35 -3.95
N LEU C 58 -0.76 -3.35 -3.19
CA LEU C 58 -1.78 -2.65 -2.39
C LEU C 58 -2.91 -2.21 -3.31
N ARG C 59 -2.58 -1.77 -4.49
CA ARG C 59 -3.63 -1.32 -5.45
C ARG C 59 -4.64 -2.46 -5.67
N GLU C 60 -4.21 -3.69 -5.57
CA GLU C 60 -5.15 -4.81 -5.75
C GLU C 60 -5.96 -4.99 -4.46
N LYS C 61 -5.31 -4.86 -3.31
CA LYS C 61 -6.06 -4.98 -2.04
C LYS C 61 -7.07 -3.84 -1.97
N ILE C 62 -6.61 -2.64 -2.17
CA ILE C 62 -7.50 -1.46 -2.15
C ILE C 62 -8.66 -1.69 -3.12
N ALA C 63 -8.36 -2.12 -4.31
CA ALA C 63 -9.43 -2.35 -5.32
C ALA C 63 -10.52 -3.24 -4.72
N GLU C 64 -10.18 -4.09 -3.81
CA GLU C 64 -11.22 -4.98 -3.21
C GLU C 64 -12.07 -4.15 -2.24
N LEU C 65 -11.44 -3.24 -1.55
CA LEU C 65 -12.20 -2.39 -0.59
C LEU C 65 -13.10 -1.41 -1.33
N GLN C 66 -12.67 -0.92 -2.46
CA GLN C 66 -13.51 0.06 -3.22
C GLN C 66 -14.57 -0.69 -4.03
N LYS C 67 -14.22 -1.83 -4.58
CA LYS C 67 -15.19 -2.61 -5.39
C LYS C 67 -16.22 -3.27 -4.47
N ASP C 68 -16.09 -4.54 -4.24
CA ASP C 68 -17.06 -5.25 -3.36
C ASP C 68 -16.40 -6.52 -2.79
N ILE C 69 -15.83 -6.43 -1.63
CA ILE C 69 -15.16 -7.62 -1.03
C ILE C 69 -16.19 -8.44 -0.24
N GLU C 1 -1.06 18.42 -0.08
CA GLU C 1 0.39 18.12 -0.25
C GLU C 1 0.55 16.75 -0.91
N LYS C 2 1.05 16.72 -2.12
CA LYS C 2 1.24 15.41 -2.82
C LYS C 2 2.55 14.77 -2.35
N ARG C 3 2.47 13.63 -1.71
CA ARG C 3 3.72 12.97 -1.23
C ARG C 3 4.39 12.25 -2.40
N ARG C 4 5.59 11.77 -2.21
CA ARG C 4 6.32 11.04 -3.29
C ARG C 4 6.83 9.70 -2.77
N ASP C 5 7.06 8.75 -3.64
CA ASP C 5 7.55 7.43 -3.20
C ASP C 5 9.06 7.51 -2.96
N ASN C 6 9.71 6.39 -2.78
CA ASN C 6 11.19 6.40 -2.56
C ASN C 6 11.91 6.35 -3.90
N ARG C 7 11.23 6.69 -4.97
CA ARG C 7 11.86 6.66 -6.32
C ARG C 7 11.50 7.94 -7.09
N GLY C 8 10.40 7.92 -7.80
CA GLY C 8 9.98 9.12 -8.57
C GLY C 8 8.48 9.05 -8.88
N ARG C 9 7.79 8.10 -8.32
CA ARG C 9 6.33 7.99 -8.58
C ARG C 9 5.60 8.95 -7.65
N ILE C 10 4.31 8.82 -7.50
CA ILE C 10 3.54 9.75 -6.62
C ILE C 10 2.57 8.95 -5.75
N LEU C 11 2.66 9.09 -4.45
CA LEU C 11 1.73 8.35 -3.54
C LEU C 11 0.49 9.21 -3.31
N LYS C 12 -0.67 8.61 -3.27
CA LYS C 12 -1.92 9.40 -3.04
C LYS C 12 -2.18 9.51 -1.54
N THR C 13 -3.41 9.71 -1.15
CA THR C 13 -3.74 9.83 0.30
C THR C 13 -3.95 8.42 0.87
N GLY C 14 -3.80 8.26 2.16
CA GLY C 14 -3.98 6.92 2.76
C GLY C 14 -2.77 6.04 2.42
N GLU C 15 -2.15 6.29 1.30
CA GLU C 15 -0.96 5.48 0.89
C GLU C 15 0.32 6.10 1.45
N SER C 16 1.15 5.30 2.05
CA SER C 16 2.43 5.82 2.61
C SER C 16 3.32 4.63 2.98
N GLN C 17 4.60 4.86 3.17
CA GLN C 17 5.53 3.74 3.52
C GLN C 17 5.88 3.78 5.00
N ARG C 18 5.93 2.64 5.62
CA ARG C 18 6.29 2.59 7.07
C ARG C 18 7.77 2.96 7.21
N LYS C 19 8.45 2.34 8.12
CA LYS C 19 9.90 2.63 8.32
C LYS C 19 10.73 1.61 7.54
N ASP C 20 10.13 0.49 7.21
CA ASP C 20 10.88 -0.56 6.45
C ASP C 20 10.83 -0.25 4.95
N GLY C 21 10.13 0.79 4.55
CA GLY C 21 10.06 1.13 3.10
C GLY C 21 8.88 0.40 2.47
N ARG C 22 8.30 -0.54 3.17
CA ARG C 22 7.13 -1.27 2.60
C ARG C 22 5.96 -0.31 2.48
N TYR C 23 5.24 -0.37 1.39
CA TYR C 23 4.08 0.55 1.22
C TYR C 23 2.93 0.06 2.11
N LEU C 24 2.14 0.97 2.64
CA LEU C 24 0.99 0.56 3.50
C LEU C 24 -0.18 1.51 3.26
N TYR C 25 -1.38 1.00 3.26
CA TYR C 25 -2.58 1.86 3.03
C TYR C 25 -3.38 1.95 4.33
N LYS C 26 -3.29 3.08 5.00
CA LYS C 26 -4.04 3.26 6.27
C LYS C 26 -5.31 4.04 5.96
N TYR C 27 -6.42 3.58 6.45
CA TYR C 27 -7.70 4.31 6.19
C TYR C 27 -8.71 3.99 7.30
N ILE C 28 -9.26 5.01 7.90
CA ILE C 28 -10.25 4.77 8.98
C ILE C 28 -11.56 4.31 8.37
N ASP C 29 -12.17 3.32 8.94
CA ASP C 29 -13.46 2.80 8.38
C ASP C 29 -14.60 3.71 8.85
N SER C 30 -15.74 3.60 8.23
CA SER C 30 -16.90 4.46 8.63
C SER C 30 -17.32 4.11 10.06
N PHE C 31 -16.56 3.28 10.74
CA PHE C 31 -16.90 2.91 12.13
C PHE C 31 -16.06 3.75 13.09
N GLY C 32 -14.90 4.15 12.65
CA GLY C 32 -14.00 4.97 13.51
C GLY C 32 -12.88 4.09 14.05
N GLU C 33 -12.44 3.13 13.25
CA GLU C 33 -11.35 2.21 13.70
C GLU C 33 -10.27 2.12 12.61
N PRO C 34 -9.10 2.69 12.81
CA PRO C 34 -8.00 2.63 11.80
C PRO C 34 -7.87 1.25 11.16
N GLN C 35 -7.53 1.19 9.90
CA GLN C 35 -7.40 -0.13 9.19
C GLN C 35 -6.08 -0.18 8.41
N PHE C 36 -5.17 -1.04 8.82
CA PHE C 36 -3.85 -1.16 8.14
C PHE C 36 -3.86 -2.24 7.04
N VAL C 37 -3.20 -1.96 5.95
CA VAL C 37 -3.08 -2.95 4.84
C VAL C 37 -1.63 -2.83 4.34
N TYR C 38 -0.83 -3.87 4.51
CA TYR C 38 0.62 -3.78 4.11
C TYR C 38 0.88 -4.47 2.76
N SER C 39 2.06 -4.22 2.22
CA SER C 39 2.48 -4.83 0.92
C SER C 39 3.88 -4.33 0.60
N TRP C 40 4.54 -4.88 -0.42
CA TRP C 40 5.93 -4.42 -0.77
C TRP C 40 5.93 -3.76 -2.15
N LYS C 41 5.09 -4.22 -3.04
CA LYS C 41 5.06 -3.63 -4.42
C LYS C 41 3.96 -2.57 -4.47
N LEU C 42 4.30 -1.33 -4.72
CA LEU C 42 3.24 -0.29 -4.80
C LEU C 42 2.36 -0.60 -6.01
N VAL C 43 2.92 -1.24 -7.02
CA VAL C 43 2.13 -1.61 -8.22
C VAL C 43 2.54 -3.01 -8.63
N ALA C 44 1.64 -3.80 -9.12
CA ALA C 44 2.00 -5.19 -9.49
C ALA C 44 2.97 -5.18 -10.69
N THR C 45 4.15 -4.68 -10.45
CA THR C 45 5.19 -4.64 -11.52
C THR C 45 6.56 -4.73 -10.84
N ASP C 46 6.68 -4.16 -9.67
CA ASP C 46 7.96 -4.20 -8.92
C ASP C 46 8.24 -5.63 -8.46
N ARG C 47 9.10 -5.82 -7.49
CA ARG C 47 9.42 -7.20 -7.00
C ARG C 47 9.46 -7.19 -5.47
N VAL C 48 10.09 -8.18 -4.87
CA VAL C 48 10.17 -8.25 -3.38
C VAL C 48 11.42 -9.07 -3.00
N PRO C 49 12.37 -8.50 -2.28
CA PRO C 49 13.61 -9.24 -1.91
C PRO C 49 13.33 -10.68 -1.49
N ALA C 50 14.09 -11.60 -2.01
CA ALA C 50 13.88 -13.02 -1.67
C ALA C 50 13.78 -13.18 -0.14
N GLY C 51 13.16 -14.23 0.31
CA GLY C 51 13.01 -14.44 1.79
C GLY C 51 11.73 -13.78 2.27
N LYS C 52 11.21 -12.83 1.52
CA LYS C 52 9.95 -12.15 1.94
C LYS C 52 8.75 -12.93 1.40
N ARG C 53 7.60 -12.75 1.99
CA ARG C 53 6.39 -13.48 1.52
C ARG C 53 5.85 -12.80 0.26
N ASP C 54 5.46 -13.56 -0.72
CA ASP C 54 4.92 -12.96 -1.97
C ASP C 54 3.55 -12.36 -1.70
N ALA C 55 3.16 -11.37 -2.46
CA ALA C 55 1.83 -10.74 -2.26
C ALA C 55 1.51 -9.88 -3.46
N ILE C 56 0.26 -9.55 -3.67
CA ILE C 56 -0.09 -8.69 -4.81
C ILE C 56 0.43 -7.30 -4.49
N SER C 57 0.21 -6.35 -5.33
CA SER C 57 0.70 -4.98 -5.02
C SER C 57 -0.33 -4.25 -4.18
N LEU C 58 0.12 -3.40 -3.31
CA LEU C 58 -0.81 -2.64 -2.44
C LEU C 58 -1.95 -2.08 -3.29
N ARG C 59 -1.66 -1.72 -4.51
CA ARG C 59 -2.70 -1.16 -5.40
C ARG C 59 -3.76 -2.23 -5.68
N GLU C 60 -3.38 -3.49 -5.71
CA GLU C 60 -4.38 -4.55 -5.96
C GLU C 60 -5.20 -4.76 -4.68
N LYS C 61 -4.56 -4.74 -3.54
CA LYS C 61 -5.32 -4.89 -2.27
C LYS C 61 -6.28 -3.72 -2.15
N ILE C 62 -5.77 -2.53 -2.30
CA ILE C 62 -6.64 -1.32 -2.21
C ILE C 62 -7.86 -1.53 -3.12
N ALA C 63 -7.65 -2.13 -4.27
CA ALA C 63 -8.79 -2.36 -5.22
C ALA C 63 -9.88 -3.19 -4.56
N GLU C 64 -9.52 -4.12 -3.72
CA GLU C 64 -10.56 -4.96 -3.07
C GLU C 64 -11.30 -4.12 -2.02
N LEU C 65 -10.62 -3.20 -1.41
CA LEU C 65 -11.29 -2.35 -0.39
C LEU C 65 -12.32 -1.45 -1.08
N GLN C 66 -11.98 -0.93 -2.22
CA GLN C 66 -12.93 -0.06 -2.96
C GLN C 66 -13.90 -0.95 -3.73
N LYS C 67 -14.12 -2.13 -3.24
CA LYS C 67 -15.05 -3.08 -3.93
C LYS C 67 -15.43 -4.19 -2.94
N ASP C 68 -14.97 -5.39 -3.16
CA ASP C 68 -15.32 -6.51 -2.24
C ASP C 68 -14.26 -7.61 -2.34
N ILE C 69 -14.48 -8.58 -3.19
CA ILE C 69 -13.48 -9.68 -3.34
C ILE C 69 -12.45 -9.29 -4.40
N GLU C 1 1.38 19.72 -1.75
CA GLU C 1 1.98 18.76 -0.79
C GLU C 1 1.55 17.34 -1.15
N LYS C 2 2.49 16.50 -1.49
CA LYS C 2 2.14 15.09 -1.86
C LYS C 2 3.30 14.16 -1.47
N ARG C 3 2.98 12.97 -1.06
CA ARG C 3 4.05 12.02 -0.65
C ARG C 3 4.65 11.37 -1.90
N ARG C 4 5.84 10.82 -1.77
CA ARG C 4 6.51 10.16 -2.94
C ARG C 4 7.06 8.81 -2.48
N ASP C 5 7.33 7.92 -3.41
CA ASP C 5 7.87 6.58 -3.01
C ASP C 5 9.38 6.70 -2.78
N ASN C 6 10.02 5.59 -2.47
CA ASN C 6 11.49 5.64 -2.24
C ASN C 6 12.22 5.94 -3.55
N ARG C 7 11.50 6.10 -4.63
CA ARG C 7 12.15 6.40 -5.94
C ARG C 7 11.88 7.85 -6.31
N GLY C 8 10.81 8.11 -7.01
CA GLY C 8 10.50 9.52 -7.40
C GLY C 8 9.05 9.60 -7.89
N ARG C 9 8.25 8.63 -7.59
CA ARG C 9 6.83 8.64 -8.03
C ARG C 9 6.00 9.43 -7.03
N ILE C 10 4.72 9.54 -7.25
CA ILE C 10 3.83 10.30 -6.31
C ILE C 10 2.84 9.35 -5.62
N LEU C 11 2.93 9.22 -4.32
CA LEU C 11 1.97 8.33 -3.59
C LEU C 11 0.72 9.17 -3.29
N LYS C 12 -0.45 8.60 -3.39
CA LYS C 12 -1.67 9.40 -3.11
C LYS C 12 -2.01 9.34 -1.62
N THR C 13 -2.93 10.16 -1.19
CA THR C 13 -3.30 10.17 0.25
C THR C 13 -3.67 8.75 0.69
N GLY C 14 -3.62 8.47 1.95
CA GLY C 14 -3.97 7.11 2.43
C GLY C 14 -2.79 6.17 2.19
N GLU C 15 -2.12 6.33 1.08
CA GLU C 15 -0.95 5.44 0.77
C GLU C 15 0.33 6.07 1.30
N SER C 16 1.25 5.27 1.75
CA SER C 16 2.53 5.80 2.29
C SER C 16 3.53 4.64 2.43
N GLN C 17 4.47 4.76 3.34
CA GLN C 17 5.46 3.66 3.54
C GLN C 17 5.87 3.58 5.00
N ARG C 18 6.60 2.56 5.37
CA ARG C 18 7.05 2.38 6.78
C ARG C 18 8.58 2.39 6.84
N LYS C 19 9.15 1.91 7.91
CA LYS C 19 10.63 1.89 8.02
C LYS C 19 11.22 0.83 7.07
N ASP C 20 10.47 -0.18 6.77
CA ASP C 20 10.98 -1.25 5.86
C ASP C 20 10.81 -0.80 4.40
N GLY C 21 10.30 0.38 4.19
CA GLY C 21 10.11 0.88 2.80
C GLY C 21 8.88 0.23 2.18
N ARG C 22 8.28 -0.70 2.88
CA ARG C 22 7.07 -1.38 2.33
C ARG C 22 5.92 -0.37 2.28
N TYR C 23 5.05 -0.49 1.33
CA TYR C 23 3.92 0.48 1.24
C TYR C 23 2.86 0.14 2.31
N LEU C 24 2.12 1.12 2.74
CA LEU C 24 1.07 0.88 3.78
C LEU C 24 -0.14 1.77 3.48
N TYR C 25 -1.29 1.19 3.30
CA TYR C 25 -2.52 2.00 3.02
C TYR C 25 -3.35 2.07 4.30
N LYS C 26 -3.32 3.19 4.96
CA LYS C 26 -4.09 3.37 6.23
C LYS C 26 -5.36 4.14 5.92
N TYR C 27 -6.48 3.70 6.41
CA TYR C 27 -7.76 4.43 6.14
C TYR C 27 -8.79 4.11 7.23
N ILE C 28 -9.46 5.12 7.72
CA ILE C 28 -10.49 4.89 8.77
C ILE C 28 -11.70 4.21 8.11
N ASP C 29 -12.05 3.03 8.54
CA ASP C 29 -13.20 2.32 7.91
C ASP C 29 -14.51 2.83 8.51
N SER C 30 -15.61 2.45 7.94
CA SER C 30 -16.93 2.90 8.46
C SER C 30 -17.20 2.25 9.81
N PHE C 31 -16.21 1.68 10.41
CA PHE C 31 -16.40 1.01 11.75
C PHE C 31 -15.99 2.00 12.84
N GLY C 32 -15.06 2.88 12.52
CA GLY C 32 -14.59 3.88 13.52
C GLY C 32 -13.25 3.40 14.11
N GLU C 33 -12.47 2.72 13.32
CA GLU C 33 -11.16 2.21 13.83
C GLU C 33 -10.17 2.08 12.64
N PRO C 34 -9.04 2.77 12.67
CA PRO C 34 -8.05 2.69 11.56
C PRO C 34 -7.85 1.27 11.05
N GLN C 35 -7.48 1.12 9.80
CA GLN C 35 -7.25 -0.23 9.20
C GLN C 35 -5.88 -0.25 8.52
N PHE C 36 -5.12 -1.30 8.70
CA PHE C 36 -3.75 -1.37 8.09
C PHE C 36 -3.71 -2.41 6.96
N VAL C 37 -3.18 -2.01 5.83
CA VAL C 37 -3.03 -2.96 4.68
C VAL C 37 -1.59 -2.82 4.18
N TYR C 38 -0.79 -3.84 4.35
CA TYR C 38 0.65 -3.76 3.94
C TYR C 38 0.87 -4.43 2.59
N SER C 39 2.01 -4.16 1.98
CA SER C 39 2.33 -4.78 0.66
C SER C 39 3.74 -4.34 0.24
N TRP C 40 4.15 -4.66 -0.97
CA TRP C 40 5.52 -4.26 -1.44
C TRP C 40 5.43 -3.65 -2.85
N LYS C 41 4.64 -4.24 -3.70
CA LYS C 41 4.53 -3.73 -5.10
C LYS C 41 3.39 -2.71 -5.18
N LEU C 42 3.67 -1.53 -5.66
CA LEU C 42 2.59 -0.52 -5.79
C LEU C 42 1.59 -1.02 -6.83
N VAL C 43 2.09 -1.64 -7.87
CA VAL C 43 1.21 -2.20 -8.94
C VAL C 43 1.73 -3.58 -9.29
N ALA C 44 0.91 -4.41 -9.84
CA ALA C 44 1.37 -5.79 -10.17
C ALA C 44 2.36 -5.74 -11.33
N THR C 45 3.49 -5.13 -11.10
CA THR C 45 4.53 -5.05 -12.16
C THR C 45 5.93 -4.97 -11.50
N ASP C 46 5.99 -4.38 -10.34
CA ASP C 46 7.31 -4.27 -9.64
C ASP C 46 7.74 -5.67 -9.16
N ARG C 47 8.59 -5.75 -8.17
CA ARG C 47 9.06 -7.09 -7.67
C ARG C 47 9.02 -7.09 -6.14
N VAL C 48 9.67 -8.03 -5.51
CA VAL C 48 9.68 -8.09 -4.01
C VAL C 48 10.94 -8.84 -3.53
N PRO C 49 11.83 -8.19 -2.79
CA PRO C 49 13.06 -8.88 -2.29
C PRO C 49 12.78 -10.26 -1.72
N ALA C 50 13.62 -11.21 -2.03
CA ALA C 50 13.41 -12.59 -1.51
C ALA C 50 13.24 -12.55 0.01
N GLY C 51 12.61 -13.55 0.57
CA GLY C 51 12.39 -13.58 2.05
C GLY C 51 11.10 -12.84 2.41
N LYS C 52 10.58 -12.05 1.51
CA LYS C 52 9.32 -11.31 1.79
C LYS C 52 8.11 -12.19 1.41
N ARG C 53 6.97 -11.92 1.99
CA ARG C 53 5.76 -12.73 1.68
C ARG C 53 5.19 -12.28 0.34
N ASP C 54 5.21 -13.14 -0.65
CA ASP C 54 4.66 -12.76 -1.97
C ASP C 54 3.25 -12.20 -1.80
N ALA C 55 2.81 -11.39 -2.72
CA ALA C 55 1.45 -10.80 -2.60
C ALA C 55 1.14 -10.00 -3.86
N ILE C 56 -0.09 -9.60 -4.04
CA ILE C 56 -0.44 -8.80 -5.23
C ILE C 56 0.16 -7.42 -5.04
N SER C 57 -0.40 -6.42 -5.65
CA SER C 57 0.12 -5.04 -5.47
C SER C 57 -0.81 -4.27 -4.55
N LEU C 58 -0.27 -3.43 -3.73
CA LEU C 58 -1.12 -2.64 -2.80
C LEU C 58 -2.30 -2.06 -3.58
N ARG C 59 -2.07 -1.72 -4.82
CA ARG C 59 -3.16 -1.14 -5.64
C ARG C 59 -4.22 -2.22 -5.90
N GLU C 60 -3.83 -3.47 -5.95
CA GLU C 60 -4.84 -4.53 -6.17
C GLU C 60 -5.58 -4.77 -4.85
N LYS C 61 -4.87 -4.71 -3.74
CA LYS C 61 -5.54 -4.88 -2.43
C LYS C 61 -6.51 -3.71 -2.24
N ILE C 62 -6.01 -2.51 -2.39
CA ILE C 62 -6.90 -1.32 -2.26
C ILE C 62 -8.14 -1.53 -3.14
N ALA C 63 -7.93 -2.06 -4.31
CA ALA C 63 -9.08 -2.29 -5.23
C ALA C 63 -10.15 -3.14 -4.56
N GLU C 64 -9.77 -4.07 -3.72
CA GLU C 64 -10.79 -4.91 -3.04
C GLU C 64 -11.52 -4.09 -1.98
N LEU C 65 -10.83 -3.16 -1.38
CA LEU C 65 -11.46 -2.31 -0.34
C LEU C 65 -12.50 -1.41 -0.98
N GLN C 66 -12.32 -1.07 -2.23
CA GLN C 66 -13.30 -0.19 -2.92
C GLN C 66 -14.49 -1.04 -3.37
N LYS C 67 -14.50 -2.29 -3.02
CA LYS C 67 -15.61 -3.19 -3.40
C LYS C 67 -15.51 -4.47 -2.56
N ASP C 68 -16.34 -4.58 -1.55
CA ASP C 68 -16.31 -5.78 -0.66
C ASP C 68 -17.19 -6.88 -1.26
N ILE C 69 -16.80 -7.41 -2.39
CA ILE C 69 -17.61 -8.49 -3.02
C ILE C 69 -17.19 -9.85 -2.45
N GLU C 1 0.78 19.99 -1.04
CA GLU C 1 1.85 19.06 -0.58
C GLU C 1 1.59 17.66 -1.14
N LYS C 2 2.63 16.94 -1.50
CA LYS C 2 2.45 15.57 -2.05
C LYS C 2 3.58 14.67 -1.54
N ARG C 3 3.26 13.51 -1.06
CA ARG C 3 4.32 12.58 -0.55
C ARG C 3 4.93 11.84 -1.74
N ARG C 4 6.09 11.25 -1.55
CA ARG C 4 6.76 10.50 -2.66
C ARG C 4 7.31 9.18 -2.13
N ASP C 5 7.45 8.20 -2.98
CA ASP C 5 7.98 6.87 -2.53
C ASP C 5 9.51 6.91 -2.52
N ASN C 6 10.13 5.79 -2.29
CA ASN C 6 11.63 5.75 -2.26
C ASN C 6 12.16 5.45 -3.67
N ARG C 7 11.28 5.38 -4.65
CA ARG C 7 11.74 5.09 -6.05
C ARG C 7 11.67 6.37 -6.88
N GLY C 8 10.52 6.94 -7.04
CA GLY C 8 10.42 8.20 -7.83
C GLY C 8 8.97 8.46 -8.26
N ARG C 9 8.07 7.57 -7.94
CA ARG C 9 6.65 7.77 -8.33
C ARG C 9 6.00 8.74 -7.33
N ILE C 10 4.69 8.77 -7.27
CA ILE C 10 3.99 9.70 -6.32
C ILE C 10 2.94 8.92 -5.52
N LEU C 11 3.05 8.93 -4.21
CA LEU C 11 2.05 8.22 -3.37
C LEU C 11 0.87 9.17 -3.15
N LYS C 12 -0.35 8.70 -3.28
CA LYS C 12 -1.51 9.63 -3.07
C LYS C 12 -1.90 9.65 -1.60
N THR C 13 -2.76 10.55 -1.23
CA THR C 13 -3.18 10.65 0.19
C THR C 13 -3.67 9.29 0.66
N GLY C 14 -2.80 8.46 1.15
CA GLY C 14 -3.23 7.12 1.62
C GLY C 14 -2.02 6.19 1.71
N GLU C 15 -1.29 6.04 0.64
CA GLU C 15 -0.12 5.12 0.66
C GLU C 15 1.13 5.87 1.15
N SER C 16 1.96 5.21 1.91
CA SER C 16 3.20 5.87 2.43
C SER C 16 4.32 4.84 2.52
N GLN C 17 5.08 4.84 3.58
CA GLN C 17 6.20 3.86 3.70
C GLN C 17 6.60 3.72 5.19
N ARG C 18 7.09 2.56 5.57
CA ARG C 18 7.49 2.33 7.00
C ARG C 18 9.03 2.28 7.11
N LYS C 19 9.55 1.74 8.19
CA LYS C 19 11.02 1.65 8.36
C LYS C 19 11.56 0.53 7.45
N ASP C 20 10.74 -0.41 7.11
CA ASP C 20 11.20 -1.54 6.25
C ASP C 20 11.21 -1.11 4.78
N GLY C 21 10.84 0.11 4.50
CA GLY C 21 10.84 0.59 3.09
C GLY C 21 9.58 0.10 2.38
N ARG C 22 8.88 -0.84 2.96
CA ARG C 22 7.64 -1.35 2.31
C ARG C 22 6.58 -0.24 2.32
N TYR C 23 5.56 -0.37 1.51
CA TYR C 23 4.51 0.68 1.47
C TYR C 23 3.53 0.48 2.64
N LEU C 24 2.86 1.53 3.02
CA LEU C 24 1.87 1.44 4.15
C LEU C 24 0.61 2.22 3.75
N TYR C 25 -0.50 1.55 3.65
CA TYR C 25 -1.78 2.22 3.30
C TYR C 25 -2.67 2.23 4.54
N LYS C 26 -2.69 3.32 5.24
CA LYS C 26 -3.53 3.44 6.46
C LYS C 26 -4.84 4.13 6.10
N TYR C 27 -5.95 3.61 6.54
CA TYR C 27 -7.25 4.26 6.20
C TYR C 27 -8.31 3.88 7.24
N ILE C 28 -9.21 4.77 7.51
CA ILE C 28 -10.29 4.51 8.50
C ILE C 28 -11.36 3.63 7.85
N ASP C 29 -11.74 2.56 8.51
CA ASP C 29 -12.77 1.65 7.91
C ASP C 29 -14.17 2.25 8.15
N SER C 30 -15.14 1.77 7.43
CA SER C 30 -16.53 2.29 7.59
C SER C 30 -17.05 1.97 8.99
N PHE C 31 -16.21 1.42 9.83
CA PHE C 31 -16.64 1.09 11.22
C PHE C 31 -16.15 2.19 12.17
N GLY C 32 -15.06 2.81 11.83
CA GLY C 32 -14.50 3.90 12.68
C GLY C 32 -13.25 3.40 13.39
N GLU C 33 -12.51 2.53 12.75
CA GLU C 33 -11.27 1.97 13.38
C GLU C 33 -10.15 1.90 12.32
N PRO C 34 -9.03 2.58 12.51
CA PRO C 34 -7.91 2.56 11.53
C PRO C 34 -7.66 1.15 10.96
N GLN C 35 -7.12 1.06 9.78
CA GLN C 35 -6.85 -0.27 9.15
C GLN C 35 -5.47 -0.26 8.48
N PHE C 36 -4.57 -1.09 8.95
CA PHE C 36 -3.19 -1.14 8.36
C PHE C 36 -3.13 -2.17 7.22
N VAL C 37 -2.55 -1.79 6.10
CA VAL C 37 -2.39 -2.74 4.96
C VAL C 37 -0.96 -2.57 4.42
N TYR C 38 -0.17 -3.62 4.45
CA TYR C 38 1.25 -3.51 3.98
C TYR C 38 1.44 -4.16 2.61
N SER C 39 2.52 -3.81 1.95
CA SER C 39 2.81 -4.41 0.61
C SER C 39 4.22 -3.95 0.18
N TRP C 40 4.80 -4.60 -0.80
CA TRP C 40 6.18 -4.20 -1.26
C TRP C 40 6.08 -3.55 -2.64
N LYS C 41 5.17 -4.02 -3.45
CA LYS C 41 5.02 -3.47 -4.83
C LYS C 41 3.88 -2.45 -4.85
N LEU C 42 4.11 -1.28 -5.39
CA LEU C 42 2.99 -0.30 -5.46
C LEU C 42 1.98 -0.84 -6.46
N VAL C 43 2.45 -1.50 -7.49
CA VAL C 43 1.53 -2.08 -8.51
C VAL C 43 2.03 -3.47 -8.88
N ALA C 44 1.17 -4.32 -9.34
CA ALA C 44 1.60 -5.69 -9.68
C ALA C 44 2.46 -5.67 -10.95
N THR C 45 3.63 -5.09 -10.84
CA THR C 45 4.57 -5.03 -11.99
C THR C 45 6.00 -5.03 -11.43
N ASP C 46 6.20 -4.36 -10.33
CA ASP C 46 7.55 -4.32 -9.70
C ASP C 46 7.89 -5.72 -9.18
N ARG C 47 8.85 -5.85 -8.29
CA ARG C 47 9.24 -7.19 -7.75
C ARG C 47 9.32 -7.12 -6.22
N VAL C 48 10.01 -8.05 -5.61
CA VAL C 48 10.13 -8.03 -4.11
C VAL C 48 11.41 -8.80 -3.71
N PRO C 49 12.21 -8.28 -2.79
CA PRO C 49 13.45 -8.97 -2.35
C PRO C 49 13.26 -10.48 -2.17
N ALA C 50 14.25 -11.24 -2.49
CA ALA C 50 14.15 -12.71 -2.35
C ALA C 50 13.90 -13.07 -0.87
N GLY C 51 13.04 -14.02 -0.60
CA GLY C 51 12.78 -14.41 0.82
C GLY C 51 11.59 -13.61 1.39
N LYS C 52 10.98 -12.79 0.59
CA LYS C 52 9.83 -11.99 1.08
C LYS C 52 8.53 -12.78 0.89
N ARG C 53 7.51 -12.47 1.65
CA ARG C 53 6.22 -13.20 1.49
C ARG C 53 5.48 -12.64 0.28
N ASP C 54 5.39 -13.40 -0.77
CA ASP C 54 4.69 -12.91 -2.00
C ASP C 54 3.35 -12.27 -1.60
N ALA C 55 2.92 -11.30 -2.35
CA ALA C 55 1.63 -10.62 -2.04
C ALA C 55 1.24 -9.76 -3.24
N ILE C 56 -0.03 -9.49 -3.42
CA ILE C 56 -0.43 -8.63 -4.56
C ILE C 56 -0.05 -7.19 -4.24
N SER C 57 0.35 -6.45 -5.23
CA SER C 57 0.74 -5.04 -4.99
C SER C 57 -0.34 -4.36 -4.13
N LEU C 58 0.04 -3.42 -3.32
CA LEU C 58 -0.96 -2.74 -2.46
C LEU C 58 -2.15 -2.31 -3.34
N ARG C 59 -1.87 -1.67 -4.44
CA ARG C 59 -2.96 -1.21 -5.33
C ARG C 59 -3.94 -2.36 -5.60
N GLU C 60 -3.47 -3.58 -5.61
CA GLU C 60 -4.40 -4.72 -5.83
C GLU C 60 -5.15 -4.99 -4.51
N LYS C 61 -4.49 -4.75 -3.40
CA LYS C 61 -5.16 -4.96 -2.09
C LYS C 61 -6.25 -3.90 -1.93
N ILE C 62 -5.87 -2.65 -2.03
CA ILE C 62 -6.87 -1.55 -1.92
C ILE C 62 -8.07 -1.88 -2.81
N ALA C 63 -7.82 -2.35 -4.00
CA ALA C 63 -8.93 -2.69 -4.92
C ALA C 63 -9.88 -3.69 -4.25
N GLU C 64 -9.37 -4.58 -3.44
CA GLU C 64 -10.25 -5.58 -2.78
C GLU C 64 -11.04 -4.90 -1.66
N LEU C 65 -10.44 -3.95 -1.00
CA LEU C 65 -11.14 -3.25 0.11
C LEU C 65 -12.29 -2.42 -0.47
N GLN C 66 -12.12 -1.92 -1.67
CA GLN C 66 -13.20 -1.10 -2.28
C GLN C 66 -14.26 -2.03 -2.87
N LYS C 67 -13.85 -3.06 -3.55
CA LYS C 67 -14.84 -4.01 -4.16
C LYS C 67 -15.46 -4.85 -3.04
N ASP C 68 -14.99 -6.06 -2.87
CA ASP C 68 -15.55 -6.94 -1.81
C ASP C 68 -14.49 -7.98 -1.40
N ILE C 69 -14.26 -8.94 -2.23
CA ILE C 69 -13.25 -9.99 -1.91
C ILE C 69 -12.67 -10.54 -3.21
N GLU C 1 -1.76 16.45 -1.74
CA GLU C 1 -0.55 16.39 -0.87
C GLU C 1 0.69 16.13 -1.73
N LYS C 2 0.49 15.60 -2.91
CA LYS C 2 1.65 15.33 -3.80
C LYS C 2 2.57 14.28 -3.15
N ARG C 3 3.41 14.68 -2.23
CA ARG C 3 4.32 13.70 -1.57
C ARG C 3 5.11 12.93 -2.63
N ARG C 4 6.15 12.24 -2.24
CA ARG C 4 6.97 11.47 -3.21
C ARG C 4 7.36 10.11 -2.59
N ASP C 5 7.46 9.09 -3.39
CA ASP C 5 7.82 7.75 -2.86
C ASP C 5 9.35 7.66 -2.72
N ASN C 6 9.88 6.46 -2.76
CA ASN C 6 11.36 6.30 -2.62
C ASN C 6 12.02 6.35 -4.00
N ARG C 7 11.24 6.28 -5.05
CA ARG C 7 11.82 6.32 -6.43
C ARG C 7 11.58 7.70 -7.05
N GLY C 8 10.57 7.84 -7.88
CA GLY C 8 10.29 9.15 -8.51
C GLY C 8 8.80 9.26 -8.83
N ARG C 9 8.01 8.35 -8.33
CA ARG C 9 6.54 8.40 -8.61
C ARG C 9 5.89 9.39 -7.64
N ILE C 10 4.59 9.36 -7.52
CA ILE C 10 3.90 10.31 -6.58
C ILE C 10 2.87 9.54 -5.75
N LEU C 11 2.93 9.67 -4.44
CA LEU C 11 1.94 8.95 -3.57
C LEU C 11 0.71 9.84 -3.37
N LYS C 12 -0.47 9.29 -3.53
CA LYS C 12 -1.71 10.11 -3.34
C LYS C 12 -2.15 10.03 -1.88
N THR C 13 -2.92 10.99 -1.42
CA THR C 13 -3.38 10.97 0.00
C THR C 13 -3.93 9.59 0.34
N GLY C 14 -3.26 8.86 1.18
CA GLY C 14 -3.73 7.50 1.58
C GLY C 14 -2.53 6.56 1.64
N GLU C 15 -1.73 6.52 0.60
CA GLU C 15 -0.54 5.60 0.61
C GLU C 15 0.67 6.33 1.20
N SER C 16 1.62 5.59 1.68
CA SER C 16 2.83 6.23 2.28
C SER C 16 3.98 5.23 2.30
N GLN C 17 4.85 5.34 3.28
CA GLN C 17 6.01 4.40 3.38
C GLN C 17 6.46 4.31 4.83
N ARG C 18 6.56 3.11 5.36
CA ARG C 18 6.98 2.96 6.78
C ARG C 18 8.51 3.03 6.88
N LYS C 19 9.08 2.43 7.89
CA LYS C 19 10.56 2.45 8.08
C LYS C 19 11.18 1.19 7.47
N ASP C 20 10.39 0.17 7.27
CA ASP C 20 10.94 -1.09 6.70
C ASP C 20 11.08 -0.97 5.18
N GLY C 21 10.78 0.17 4.62
CA GLY C 21 10.90 0.35 3.14
C GLY C 21 9.61 -0.11 2.45
N ARG C 22 8.86 -0.98 3.06
CA ARG C 22 7.59 -1.45 2.42
C ARG C 22 6.58 -0.30 2.41
N TYR C 23 5.64 -0.33 1.52
CA TYR C 23 4.62 0.76 1.47
C TYR C 23 3.65 0.62 2.64
N LEU C 24 3.03 1.70 3.04
CA LEU C 24 2.07 1.66 4.19
C LEU C 24 0.80 2.41 3.81
N TYR C 25 -0.32 1.71 3.75
CA TYR C 25 -1.62 2.36 3.41
C TYR C 25 -2.56 2.22 4.60
N LYS C 26 -2.82 3.31 5.28
CA LYS C 26 -3.75 3.26 6.45
C LYS C 26 -5.11 3.82 6.03
N TYR C 27 -6.18 3.26 6.54
CA TYR C 27 -7.53 3.77 6.17
C TYR C 27 -8.54 3.44 7.27
N ILE C 28 -9.36 4.38 7.63
CA ILE C 28 -10.38 4.11 8.69
C ILE C 28 -11.45 3.16 8.13
N ASP C 29 -11.62 2.01 8.73
CA ASP C 29 -12.63 1.05 8.22
C ASP C 29 -14.01 1.39 8.77
N SER C 30 -15.03 0.72 8.31
CA SER C 30 -16.41 1.00 8.80
C SER C 30 -16.60 0.36 10.17
N PHE C 31 -15.54 -0.02 10.82
CA PHE C 31 -15.66 -0.65 12.16
C PHE C 31 -15.46 0.44 13.22
N GLY C 32 -14.67 1.43 12.91
CA GLY C 32 -14.42 2.55 13.88
C GLY C 32 -12.99 2.46 14.40
N GLU C 33 -12.09 1.93 13.61
CA GLU C 33 -10.68 1.82 14.08
C GLU C 33 -9.73 1.68 12.87
N PRO C 34 -8.69 2.47 12.77
CA PRO C 34 -7.72 2.40 11.64
C PRO C 34 -7.43 0.96 11.20
N GLN C 35 -6.99 0.79 9.97
CA GLN C 35 -6.68 -0.58 9.46
C GLN C 35 -5.35 -0.53 8.69
N PHE C 36 -4.38 -1.30 9.09
CA PHE C 36 -3.06 -1.30 8.39
C PHE C 36 -3.05 -2.27 7.19
N VAL C 37 -2.45 -1.85 6.12
CA VAL C 37 -2.32 -2.73 4.91
C VAL C 37 -0.87 -2.59 4.43
N TYR C 38 -0.10 -3.65 4.52
CA TYR C 38 1.35 -3.56 4.11
C TYR C 38 1.55 -4.16 2.72
N SER C 39 2.52 -3.66 2.01
CA SER C 39 2.81 -4.20 0.65
C SER C 39 4.19 -3.73 0.21
N TRP C 40 4.84 -4.47 -0.66
CA TRP C 40 6.20 -4.08 -1.14
C TRP C 40 6.09 -3.50 -2.54
N LYS C 41 5.11 -3.94 -3.30
CA LYS C 41 4.94 -3.45 -4.70
C LYS C 41 3.86 -2.36 -4.73
N LEU C 42 4.20 -1.18 -5.17
CA LEU C 42 3.16 -0.11 -5.25
C LEU C 42 2.28 -0.42 -6.45
N VAL C 43 2.74 -1.27 -7.33
CA VAL C 43 1.94 -1.65 -8.53
C VAL C 43 2.20 -3.12 -8.83
N ALA C 44 1.28 -3.78 -9.47
CA ALA C 44 1.48 -5.22 -9.74
C ALA C 44 2.47 -5.42 -10.89
N THR C 45 3.66 -4.90 -10.76
CA THR C 45 4.71 -5.07 -11.82
C THR C 45 6.10 -5.08 -11.17
N ASP C 46 6.22 -4.45 -10.03
CA ASP C 46 7.54 -4.42 -9.33
C ASP C 46 7.89 -5.83 -8.82
N ARG C 47 8.81 -5.92 -7.88
CA ARG C 47 9.23 -7.25 -7.33
C ARG C 47 9.17 -7.20 -5.79
N VAL C 48 9.89 -8.06 -5.11
CA VAL C 48 9.85 -8.05 -3.61
C VAL C 48 11.19 -8.61 -3.07
N PRO C 49 11.85 -7.92 -2.16
CA PRO C 49 13.14 -8.40 -1.58
C PRO C 49 13.13 -9.90 -1.28
N ALA C 50 14.14 -10.60 -1.70
CA ALA C 50 14.20 -12.06 -1.44
C ALA C 50 13.96 -12.33 0.04
N GLY C 51 13.16 -13.33 0.36
CA GLY C 51 12.88 -13.65 1.80
C GLY C 51 11.53 -13.08 2.22
N LYS C 52 11.03 -12.12 1.48
CA LYS C 52 9.71 -11.52 1.83
C LYS C 52 8.59 -12.33 1.17
N ARG C 53 7.40 -12.26 1.72
CA ARG C 53 6.27 -13.03 1.12
C ARG C 53 5.71 -12.26 -0.07
N ASP C 54 5.34 -12.96 -1.11
CA ASP C 54 4.78 -12.27 -2.30
C ASP C 54 3.39 -11.72 -1.97
N ALA C 55 2.94 -10.73 -2.68
CA ALA C 55 1.60 -10.15 -2.40
C ALA C 55 1.18 -9.26 -3.57
N ILE C 56 -0.08 -9.01 -3.73
CA ILE C 56 -0.51 -8.13 -4.84
C ILE C 56 -0.11 -6.71 -4.50
N SER C 57 -0.03 -5.85 -5.46
CA SER C 57 0.36 -4.46 -5.15
C SER C 57 -0.67 -3.87 -4.20
N LEU C 58 -0.32 -2.83 -3.49
CA LEU C 58 -1.29 -2.21 -2.56
C LEU C 58 -2.50 -1.73 -3.37
N ARG C 59 -2.29 -1.31 -4.60
CA ARG C 59 -3.41 -0.83 -5.44
C ARG C 59 -4.48 -1.93 -5.56
N GLU C 60 -4.10 -3.17 -5.59
CA GLU C 60 -5.12 -4.25 -5.70
C GLU C 60 -5.78 -4.42 -4.32
N LYS C 61 -4.99 -4.53 -3.28
CA LYS C 61 -5.59 -4.67 -1.93
C LYS C 61 -6.52 -3.47 -1.71
N ILE C 62 -6.09 -2.32 -2.16
CA ILE C 62 -6.92 -1.10 -2.01
C ILE C 62 -8.16 -1.22 -2.90
N ALA C 63 -8.03 -1.91 -3.99
CA ALA C 63 -9.19 -2.07 -4.92
C ALA C 63 -10.34 -2.83 -4.25
N GLU C 64 -10.04 -3.80 -3.43
CA GLU C 64 -11.15 -4.55 -2.79
C GLU C 64 -11.80 -3.71 -1.69
N LEU C 65 -11.05 -2.82 -1.09
CA LEU C 65 -11.67 -1.96 -0.03
C LEU C 65 -12.73 -1.09 -0.69
N GLN C 66 -12.45 -0.58 -1.85
CA GLN C 66 -13.43 0.28 -2.56
C GLN C 66 -14.43 -0.61 -3.29
N LYS C 67 -14.67 -1.78 -2.76
CA LYS C 67 -15.63 -2.72 -3.40
C LYS C 67 -16.13 -3.73 -2.36
N ASP C 68 -15.23 -4.47 -1.77
CA ASP C 68 -15.63 -5.48 -0.74
C ASP C 68 -16.52 -6.55 -1.39
N ILE C 69 -16.85 -6.39 -2.64
CA ILE C 69 -17.70 -7.39 -3.35
C ILE C 69 -17.22 -7.50 -4.81
N GLU C 1 6.50 19.20 -5.25
CA GLU C 1 5.95 19.06 -3.88
C GLU C 1 5.13 17.77 -3.78
N LYS C 2 4.02 17.80 -3.10
CA LYS C 2 3.18 16.58 -2.98
C LYS C 2 4.01 15.47 -2.31
N ARG C 3 3.38 14.42 -1.87
CA ARG C 3 4.14 13.32 -1.22
C ARG C 3 4.78 12.46 -2.31
N ARG C 4 5.94 11.91 -2.03
CA ARG C 4 6.63 11.06 -3.05
C ARG C 4 7.11 9.75 -2.39
N ASP C 5 7.22 8.70 -3.15
CA ASP C 5 7.67 7.40 -2.57
C ASP C 5 9.21 7.39 -2.54
N ASN C 6 9.79 6.24 -2.29
CA ASN C 6 11.27 6.15 -2.25
C ASN C 6 11.80 5.88 -3.65
N ARG C 7 11.07 6.29 -4.66
CA ARG C 7 11.51 6.06 -6.08
C ARG C 7 11.30 7.34 -6.89
N GLY C 8 10.20 7.45 -7.59
CA GLY C 8 9.96 8.69 -8.39
C GLY C 8 8.46 8.83 -8.68
N ARG C 9 7.66 7.92 -8.20
CA ARG C 9 6.19 8.03 -8.46
C ARG C 9 5.59 9.00 -7.43
N ILE C 10 4.30 9.11 -7.38
CA ILE C 10 3.65 10.04 -6.39
C ILE C 10 2.63 9.26 -5.57
N LEU C 11 2.78 9.24 -4.27
CA LEU C 11 1.81 8.50 -3.41
C LEU C 11 0.64 9.44 -3.09
N LYS C 12 -0.57 8.96 -3.22
CA LYS C 12 -1.76 9.81 -2.93
C LYS C 12 -2.12 9.70 -1.45
N THR C 13 -3.02 10.53 -1.00
CA THR C 13 -3.43 10.49 0.43
C THR C 13 -3.77 9.03 0.81
N GLY C 14 -3.55 8.67 2.04
CA GLY C 14 -3.85 7.27 2.47
C GLY C 14 -2.66 6.37 2.19
N GLU C 15 -1.92 6.64 1.14
CA GLU C 15 -0.75 5.78 0.81
C GLU C 15 0.51 6.34 1.48
N SER C 16 1.41 5.48 1.87
CA SER C 16 2.67 5.94 2.53
C SER C 16 3.60 4.74 2.74
N GLN C 17 4.89 4.97 2.85
CA GLN C 17 5.85 3.84 3.04
C GLN C 17 6.18 3.71 4.53
N ARG C 18 6.31 2.50 5.01
CA ARG C 18 6.63 2.30 6.45
C ARG C 18 8.15 2.32 6.66
N LYS C 19 8.58 2.46 7.88
CA LYS C 19 10.03 2.50 8.18
C LYS C 19 10.72 1.25 7.59
N ASP C 20 9.97 0.22 7.33
CA ASP C 20 10.59 -1.02 6.78
C ASP C 20 10.78 -0.88 5.27
N GLY C 21 10.40 0.22 4.70
CA GLY C 21 10.57 0.41 3.24
C GLY C 21 9.36 -0.16 2.49
N ARG C 22 8.66 -1.08 3.09
CA ARG C 22 7.48 -1.67 2.40
C ARG C 22 6.40 -0.60 2.26
N TYR C 23 5.49 -0.77 1.34
CA TYR C 23 4.42 0.24 1.16
C TYR C 23 3.37 0.06 2.26
N LEU C 24 2.67 1.12 2.58
CA LEU C 24 1.65 1.04 3.67
C LEU C 24 0.45 1.90 3.30
N TYR C 25 -0.75 1.39 3.51
CA TYR C 25 -1.99 2.17 3.17
C TYR C 25 -2.92 2.16 4.38
N LYS C 26 -3.13 3.31 4.99
CA LYS C 26 -4.02 3.40 6.17
C LYS C 26 -5.39 3.95 5.73
N TYR C 27 -6.46 3.42 6.25
CA TYR C 27 -7.81 3.95 5.85
C TYR C 27 -8.83 3.65 6.96
N ILE C 28 -9.67 4.59 7.24
CA ILE C 28 -10.69 4.41 8.32
C ILE C 28 -11.86 3.57 7.78
N ASP C 29 -12.18 2.49 8.43
CA ASP C 29 -13.30 1.63 7.96
C ASP C 29 -14.63 2.21 8.44
N SER C 30 -15.70 1.47 8.29
CA SER C 30 -17.03 1.98 8.73
C SER C 30 -17.19 1.80 10.23
N PHE C 31 -16.13 1.44 10.91
CA PHE C 31 -16.20 1.25 12.39
C PHE C 31 -15.66 2.50 13.08
N GLY C 32 -14.72 3.17 12.45
CA GLY C 32 -14.13 4.41 13.04
C GLY C 32 -12.75 4.09 13.59
N GLU C 33 -12.22 2.93 13.26
CA GLU C 33 -10.86 2.53 13.74
C GLU C 33 -9.94 2.31 12.52
N PRO C 34 -8.88 3.07 12.38
CA PRO C 34 -7.95 2.90 11.22
C PRO C 34 -7.67 1.44 10.88
N GLN C 35 -7.41 1.15 9.63
CA GLN C 35 -7.13 -0.25 9.19
C GLN C 35 -5.85 -0.27 8.38
N PHE C 36 -4.84 -0.96 8.83
CA PHE C 36 -3.53 -0.99 8.12
C PHE C 36 -3.53 -2.07 7.01
N VAL C 37 -2.79 -1.82 5.95
CA VAL C 37 -2.66 -2.80 4.84
C VAL C 37 -1.18 -2.81 4.43
N TYR C 38 -0.57 -3.97 4.32
CA TYR C 38 0.89 -4.03 3.97
C TYR C 38 1.11 -4.53 2.55
N SER C 39 2.18 -4.09 1.93
CA SER C 39 2.49 -4.52 0.54
C SER C 39 3.91 -4.07 0.20
N TRP C 40 4.63 -4.81 -0.61
CA TRP C 40 6.03 -4.42 -0.97
C TRP C 40 6.04 -3.84 -2.39
N LYS C 41 5.19 -4.33 -3.24
CA LYS C 41 5.16 -3.84 -4.66
C LYS C 41 4.10 -2.74 -4.81
N LEU C 42 4.49 -1.56 -5.20
CA LEU C 42 3.49 -0.47 -5.38
C LEU C 42 2.63 -0.80 -6.59
N VAL C 43 3.14 -1.59 -7.50
CA VAL C 43 2.37 -1.98 -8.70
C VAL C 43 2.70 -3.44 -9.04
N ALA C 44 1.81 -4.14 -9.67
CA ALA C 44 2.08 -5.56 -9.98
C ALA C 44 3.13 -5.64 -11.09
N THR C 45 4.32 -5.20 -10.80
CA THR C 45 5.42 -5.25 -11.81
C THR C 45 6.76 -5.36 -11.05
N ASP C 46 6.84 -4.75 -9.91
CA ASP C 46 8.10 -4.80 -9.11
C ASP C 46 8.31 -6.23 -8.59
N ARG C 47 9.16 -6.40 -7.59
CA ARG C 47 9.43 -7.76 -7.03
C ARG C 47 9.45 -7.68 -5.50
N VAL C 48 9.98 -8.69 -4.85
CA VAL C 48 10.03 -8.68 -3.35
C VAL C 48 11.18 -9.60 -2.88
N PRO C 49 12.17 -9.09 -2.18
CA PRO C 49 13.30 -9.94 -1.70
C PRO C 49 12.82 -11.29 -1.14
N ALA C 50 13.58 -12.31 -1.38
CA ALA C 50 13.18 -13.66 -0.89
C ALA C 50 12.92 -13.61 0.62
N GLY C 51 12.25 -14.59 1.15
CA GLY C 51 11.96 -14.59 2.62
C GLY C 51 10.71 -13.76 2.90
N LYS C 52 10.30 -12.94 1.97
CA LYS C 52 9.09 -12.09 2.18
C LYS C 52 7.84 -12.87 1.77
N ARG C 53 6.70 -12.48 2.28
CA ARG C 53 5.44 -13.19 1.93
C ARG C 53 4.97 -12.73 0.54
N ASP C 54 4.94 -13.61 -0.42
CA ASP C 54 4.51 -13.21 -1.78
C ASP C 54 3.19 -12.43 -1.68
N ALA C 55 3.00 -11.45 -2.51
CA ALA C 55 1.74 -10.66 -2.44
C ALA C 55 1.54 -9.89 -3.73
N ILE C 56 0.34 -9.48 -3.99
CA ILE C 56 0.06 -8.70 -5.22
C ILE C 56 0.65 -7.32 -5.04
N SER C 57 0.08 -6.32 -5.66
CA SER C 57 0.59 -4.94 -5.51
C SER C 57 -0.36 -4.17 -4.62
N LEU C 58 0.14 -3.23 -3.87
CA LEU C 58 -0.74 -2.45 -2.98
C LEU C 58 -1.98 -1.98 -3.76
N ARG C 59 -1.80 -1.59 -4.98
CA ARG C 59 -2.96 -1.10 -5.80
C ARG C 59 -3.97 -2.24 -5.97
N GLU C 60 -3.53 -3.47 -6.05
CA GLU C 60 -4.52 -4.56 -6.21
C GLU C 60 -5.22 -4.78 -4.87
N LYS C 61 -4.50 -4.61 -3.78
CA LYS C 61 -5.15 -4.73 -2.45
C LYS C 61 -6.10 -3.55 -2.28
N ILE C 62 -5.56 -2.36 -2.32
CA ILE C 62 -6.40 -1.14 -2.19
C ILE C 62 -7.64 -1.29 -3.09
N ALA C 63 -7.45 -1.80 -4.28
CA ALA C 63 -8.59 -1.98 -5.21
C ALA C 63 -9.68 -2.85 -4.58
N GLU C 64 -9.32 -3.83 -3.80
CA GLU C 64 -10.35 -4.69 -3.16
C GLU C 64 -11.05 -3.92 -2.05
N LEU C 65 -10.35 -3.04 -1.41
CA LEU C 65 -10.97 -2.25 -0.31
C LEU C 65 -12.01 -1.29 -0.91
N GLN C 66 -11.74 -0.78 -2.07
CA GLN C 66 -12.70 0.16 -2.72
C GLN C 66 -13.80 -0.66 -3.42
N LYS C 67 -13.53 -1.90 -3.72
CA LYS C 67 -14.55 -2.74 -4.39
C LYS C 67 -15.61 -3.15 -3.36
N ASP C 68 -15.63 -4.40 -2.97
CA ASP C 68 -16.63 -4.85 -1.96
C ASP C 68 -16.13 -6.12 -1.28
N ILE C 69 -15.58 -7.04 -2.03
CA ILE C 69 -15.06 -8.31 -1.42
C ILE C 69 -13.91 -8.85 -2.28
N GLU C 1 4.37 19.01 -2.82
CA GLU C 1 3.75 18.68 -1.50
C GLU C 1 2.83 17.47 -1.67
N LYS C 2 2.77 16.91 -2.84
CA LYS C 2 1.89 15.73 -3.06
C LYS C 2 2.56 14.48 -2.47
N ARG C 3 3.74 14.61 -1.95
CA ARG C 3 4.46 13.44 -1.38
C ARG C 3 4.66 12.39 -2.48
N ARG C 4 5.76 11.67 -2.43
CA ARG C 4 6.05 10.64 -3.48
C ARG C 4 6.44 9.32 -2.80
N ASP C 5 6.55 8.27 -3.56
CA ASP C 5 6.94 6.96 -2.97
C ASP C 5 8.46 6.89 -2.82
N ASN C 6 9.01 5.71 -2.59
CA ASN C 6 10.48 5.60 -2.42
C ASN C 6 11.17 5.65 -3.79
N ARG C 7 10.41 5.67 -4.85
CA ARG C 7 11.03 5.72 -6.22
C ARG C 7 10.90 7.13 -6.78
N GLY C 8 9.94 7.35 -7.65
CA GLY C 8 9.76 8.71 -8.24
C GLY C 8 8.32 8.83 -8.77
N ARG C 9 7.48 7.90 -8.43
CA ARG C 9 6.08 7.94 -8.90
C ARG C 9 5.27 8.84 -7.97
N ILE C 10 3.97 8.85 -8.12
CA ILE C 10 3.10 9.71 -7.23
C ILE C 10 2.01 8.86 -6.58
N LEU C 11 2.20 8.48 -5.34
CA LEU C 11 1.15 7.68 -4.66
C LEU C 11 0.13 8.66 -4.07
N LYS C 12 -1.04 8.20 -3.72
CA LYS C 12 -2.07 9.14 -3.18
C LYS C 12 -1.93 9.28 -1.66
N THR C 13 -2.53 10.29 -1.11
CA THR C 13 -2.45 10.51 0.37
C THR C 13 -2.80 9.21 1.10
N GLY C 14 -3.92 8.63 0.78
CA GLY C 14 -4.33 7.35 1.44
C GLY C 14 -3.13 6.41 1.54
N GLU C 15 -2.27 6.43 0.56
CA GLU C 15 -1.07 5.54 0.57
C GLU C 15 0.07 6.21 1.33
N SER C 16 1.03 5.46 1.78
CA SER C 16 2.17 6.05 2.53
C SER C 16 3.28 5.01 2.68
N GLN C 17 4.37 5.39 3.31
CA GLN C 17 5.51 4.45 3.50
C GLN C 17 6.00 4.57 4.95
N ARG C 18 6.41 3.47 5.54
CA ARG C 18 6.88 3.51 6.97
C ARG C 18 8.39 3.30 7.05
N LYS C 19 8.89 3.05 8.23
CA LYS C 19 10.37 2.85 8.42
C LYS C 19 10.84 1.61 7.67
N ASP C 20 9.97 0.68 7.40
CA ASP C 20 10.39 -0.55 6.68
C ASP C 20 10.46 -0.28 5.18
N GLY C 21 10.14 0.93 4.78
CA GLY C 21 10.19 1.27 3.33
C GLY C 21 9.01 0.60 2.62
N ARG C 22 8.36 -0.32 3.27
CA ARG C 22 7.21 -1.01 2.62
C ARG C 22 6.03 -0.05 2.50
N TYR C 23 5.25 -0.20 1.47
CA TYR C 23 4.07 0.70 1.29
C TYR C 23 2.92 0.20 2.16
N LEU C 24 2.11 1.09 2.66
CA LEU C 24 0.96 0.66 3.50
C LEU C 24 -0.21 1.62 3.26
N TYR C 25 -1.39 1.09 3.10
CA TYR C 25 -2.59 1.93 2.86
C TYR C 25 -3.36 2.04 4.17
N LYS C 26 -3.26 3.15 4.84
CA LYS C 26 -3.99 3.36 6.13
C LYS C 26 -5.21 4.23 5.86
N TYR C 27 -6.35 3.87 6.37
CA TYR C 27 -7.55 4.70 6.12
C TYR C 27 -8.58 4.50 7.24
N ILE C 28 -9.38 5.51 7.46
CA ILE C 28 -10.41 5.44 8.53
C ILE C 28 -11.63 4.67 8.02
N ASP C 29 -11.83 3.46 8.48
CA ASP C 29 -13.00 2.68 8.00
C ASP C 29 -14.26 3.10 8.74
N SER C 30 -15.40 2.68 8.27
CA SER C 30 -16.68 3.07 8.92
C SER C 30 -16.83 2.30 10.24
N PHE C 31 -15.75 1.81 10.79
CA PHE C 31 -15.83 1.07 12.07
C PHE C 31 -15.54 2.03 13.23
N GLY C 32 -14.59 2.91 13.05
CA GLY C 32 -14.24 3.90 14.12
C GLY C 32 -12.75 3.83 14.43
N GLU C 33 -11.97 3.21 13.58
CA GLU C 33 -10.50 3.12 13.85
C GLU C 33 -9.73 2.81 12.55
N PRO C 34 -8.60 3.46 12.31
CA PRO C 34 -7.78 3.21 11.08
C PRO C 34 -7.69 1.72 10.72
N GLN C 35 -7.24 1.44 9.52
CA GLN C 35 -7.10 0.02 9.07
C GLN C 35 -5.78 -0.12 8.30
N PHE C 36 -4.95 -1.04 8.69
CA PHE C 36 -3.62 -1.21 8.02
C PHE C 36 -3.66 -2.29 6.92
N VAL C 37 -3.08 -1.96 5.79
CA VAL C 37 -2.97 -2.95 4.67
C VAL C 37 -1.53 -2.81 4.15
N TYR C 38 -0.70 -3.81 4.38
CA TYR C 38 0.74 -3.70 3.96
C TYR C 38 1.02 -4.41 2.64
N SER C 39 2.19 -4.17 2.11
CA SER C 39 2.61 -4.82 0.83
C SER C 39 4.06 -4.40 0.54
N TRP C 40 4.46 -4.35 -0.71
CA TRP C 40 5.85 -3.93 -1.05
C TRP C 40 5.84 -3.24 -2.40
N LYS C 41 4.96 -3.67 -3.28
CA LYS C 41 4.90 -3.08 -4.65
C LYS C 41 3.76 -2.07 -4.72
N LEU C 42 4.03 -0.87 -5.17
CA LEU C 42 2.95 0.14 -5.29
C LEU C 42 2.05 -0.26 -6.46
N VAL C 43 2.63 -0.87 -7.47
CA VAL C 43 1.82 -1.32 -8.65
C VAL C 43 2.33 -2.69 -9.08
N ALA C 44 1.53 -3.46 -9.75
CA ALA C 44 1.98 -4.81 -10.15
C ALA C 44 3.05 -4.70 -11.25
N THR C 45 4.19 -4.17 -10.88
CA THR C 45 5.31 -4.02 -11.85
C THR C 45 6.63 -4.07 -11.09
N ASP C 46 6.64 -3.53 -9.90
CA ASP C 46 7.88 -3.54 -9.06
C ASP C 46 8.21 -4.99 -8.66
N ARG C 47 9.01 -5.16 -7.62
CA ARG C 47 9.39 -6.53 -7.17
C ARG C 47 9.28 -6.62 -5.64
N VAL C 48 9.99 -7.53 -5.01
CA VAL C 48 9.92 -7.66 -3.53
C VAL C 48 11.27 -8.24 -3.01
N PRO C 49 11.97 -7.56 -2.13
CA PRO C 49 13.27 -8.07 -1.59
C PRO C 49 13.18 -9.55 -1.22
N ALA C 50 14.17 -10.31 -1.59
CA ALA C 50 14.17 -11.76 -1.27
C ALA C 50 13.90 -11.95 0.23
N GLY C 51 13.19 -12.99 0.59
CA GLY C 51 12.89 -13.24 2.04
C GLY C 51 11.52 -12.70 2.38
N LYS C 52 10.99 -11.83 1.57
CA LYS C 52 9.65 -11.24 1.85
C LYS C 52 8.56 -12.16 1.25
N ARG C 53 7.34 -12.01 1.71
CA ARG C 53 6.24 -12.87 1.17
C ARG C 53 5.76 -12.30 -0.16
N ASP C 54 5.59 -13.14 -1.15
CA ASP C 54 5.12 -12.63 -2.47
C ASP C 54 3.72 -12.04 -2.32
N ALA C 55 3.39 -11.06 -3.12
CA ALA C 55 2.03 -10.44 -3.00
C ALA C 55 1.75 -9.60 -4.25
N ILE C 56 0.51 -9.25 -4.46
CA ILE C 56 0.16 -8.39 -5.62
C ILE C 56 0.68 -6.99 -5.35
N SER C 57 -0.03 -5.99 -5.77
CA SER C 57 0.42 -4.59 -5.51
C SER C 57 -0.56 -3.93 -4.55
N LEU C 58 -0.06 -3.09 -3.68
CA LEU C 58 -0.96 -2.42 -2.71
C LEU C 58 -2.11 -1.78 -3.47
N ARG C 59 -2.00 -1.70 -4.77
CA ARG C 59 -3.08 -1.10 -5.59
C ARG C 59 -4.18 -2.15 -5.81
N GLU C 60 -3.80 -3.39 -5.97
CA GLU C 60 -4.83 -4.45 -6.17
C GLU C 60 -5.50 -4.73 -4.82
N LYS C 61 -4.73 -4.81 -3.76
CA LYS C 61 -5.34 -5.03 -2.43
C LYS C 61 -6.34 -3.93 -2.17
N ILE C 62 -5.97 -2.72 -2.49
CA ILE C 62 -6.89 -1.58 -2.29
C ILE C 62 -8.17 -1.81 -3.10
N ALA C 63 -8.01 -2.11 -4.36
CA ALA C 63 -9.21 -2.34 -5.23
C ALA C 63 -10.10 -3.42 -4.64
N GLU C 64 -9.56 -4.32 -3.86
CA GLU C 64 -10.41 -5.39 -3.26
C GLU C 64 -11.28 -4.79 -2.16
N LEU C 65 -10.78 -3.79 -1.48
CA LEU C 65 -11.60 -3.16 -0.41
C LEU C 65 -12.78 -2.44 -1.03
N GLN C 66 -12.54 -1.68 -2.06
CA GLN C 66 -13.63 -0.95 -2.76
C GLN C 66 -14.29 -1.86 -3.78
N LYS C 67 -14.35 -3.13 -3.49
CA LYS C 67 -14.97 -4.09 -4.45
C LYS C 67 -15.35 -5.39 -3.72
N ASP C 68 -14.54 -5.83 -2.80
CA ASP C 68 -14.85 -7.09 -2.06
C ASP C 68 -15.77 -6.78 -0.88
N ILE C 69 -15.46 -5.76 -0.13
CA ILE C 69 -16.32 -5.40 1.04
C ILE C 69 -17.43 -4.46 0.59
N GLU C 1 2.87 20.55 -5.85
CA GLU C 1 3.63 19.29 -5.72
C GLU C 1 3.15 18.52 -4.49
N LYS C 2 2.53 17.39 -4.68
CA LYS C 2 2.04 16.60 -3.52
C LYS C 2 3.21 15.80 -2.93
N ARG C 3 2.91 14.85 -2.07
CA ARG C 3 4.01 14.04 -1.47
C ARG C 3 4.48 12.97 -2.47
N ARG C 4 5.66 12.44 -2.26
CA ARG C 4 6.18 11.39 -3.19
C ARG C 4 6.79 10.25 -2.36
N ASP C 5 7.07 9.14 -2.98
CA ASP C 5 7.65 7.98 -2.23
C ASP C 5 9.16 8.13 -2.11
N ASN C 6 9.86 7.03 -2.11
CA ASN C 6 11.35 7.07 -1.99
C ASN C 6 11.98 7.16 -3.39
N ARG C 7 11.20 6.93 -4.42
CA ARG C 7 11.73 6.98 -5.82
C ARG C 7 11.25 8.27 -6.50
N GLY C 8 10.19 8.21 -7.27
CA GLY C 8 9.70 9.45 -7.94
C GLY C 8 8.22 9.28 -8.30
N ARG C 9 7.57 8.29 -7.76
CA ARG C 9 6.13 8.08 -8.07
C ARG C 9 5.28 8.97 -7.14
N ILE C 10 4.01 9.09 -7.42
CA ILE C 10 3.13 9.94 -6.56
C ILE C 10 2.30 9.07 -5.62
N LEU C 11 2.36 9.30 -4.34
CA LEU C 11 1.55 8.49 -3.39
C LEU C 11 0.19 9.16 -3.22
N LYS C 12 -0.86 8.39 -3.15
CA LYS C 12 -2.22 9.01 -2.99
C LYS C 12 -2.52 9.16 -1.49
N THR C 13 -3.39 10.06 -1.14
CA THR C 13 -3.72 10.25 0.30
C THR C 13 -4.08 8.90 0.91
N GLY C 14 -3.40 8.51 1.95
CA GLY C 14 -3.69 7.19 2.61
C GLY C 14 -2.50 6.25 2.37
N GLU C 15 -1.78 6.44 1.30
CA GLU C 15 -0.62 5.55 1.00
C GLU C 15 0.65 6.16 1.61
N SER C 16 1.65 5.35 1.84
CA SER C 16 2.92 5.87 2.43
C SER C 16 3.93 4.72 2.51
N GLN C 17 4.98 4.90 3.28
CA GLN C 17 6.01 3.82 3.41
C GLN C 17 6.51 3.78 4.85
N ARG C 18 6.49 2.63 5.46
CA ARG C 18 6.96 2.51 6.87
C ARG C 18 8.48 2.72 6.92
N LYS C 19 9.15 2.09 7.85
CA LYS C 19 10.62 2.24 7.97
C LYS C 19 11.32 1.15 7.14
N ASP C 20 10.65 0.07 6.88
CA ASP C 20 11.29 -1.03 6.09
C ASP C 20 11.21 -0.71 4.59
N GLY C 21 10.63 0.40 4.23
CA GLY C 21 10.54 0.78 2.79
C GLY C 21 9.29 0.15 2.17
N ARG C 22 8.68 -0.79 2.84
CA ARG C 22 7.46 -1.44 2.29
C ARG C 22 6.32 -0.42 2.27
N TYR C 23 5.48 -0.45 1.28
CA TYR C 23 4.37 0.52 1.21
C TYR C 23 3.27 0.11 2.21
N LEU C 24 2.53 1.06 2.70
CA LEU C 24 1.43 0.74 3.65
C LEU C 24 0.27 1.71 3.40
N TYR C 25 -0.94 1.20 3.38
CA TYR C 25 -2.13 2.06 3.12
C TYR C 25 -3.03 2.07 4.35
N LYS C 26 -3.09 3.20 5.02
CA LYS C 26 -3.93 3.31 6.24
C LYS C 26 -5.31 3.86 5.84
N TYR C 27 -6.35 3.36 6.42
CA TYR C 27 -7.71 3.87 6.06
C TYR C 27 -8.68 3.64 7.23
N ILE C 28 -9.49 4.61 7.53
CA ILE C 28 -10.45 4.47 8.66
C ILE C 28 -11.62 3.59 8.23
N ASP C 29 -11.90 2.55 8.96
CA ASP C 29 -13.02 1.65 8.59
C ASP C 29 -14.35 2.24 9.07
N SER C 30 -15.39 1.45 9.07
CA SER C 30 -16.71 1.95 9.51
C SER C 30 -16.79 1.96 11.05
N PHE C 31 -15.75 1.53 11.69
CA PHE C 31 -15.75 1.51 13.19
C PHE C 31 -15.13 2.81 13.71
N GLY C 32 -14.22 3.38 12.96
CA GLY C 32 -13.56 4.64 13.40
C GLY C 32 -12.15 4.33 13.86
N GLU C 33 -11.71 3.11 13.65
CA GLU C 33 -10.32 2.70 14.08
C GLU C 33 -9.44 2.51 12.83
N PRO C 34 -8.40 3.32 12.65
CA PRO C 34 -7.49 3.19 11.48
C PRO C 34 -7.12 1.73 11.18
N GLN C 35 -7.17 1.34 9.93
CA GLN C 35 -6.83 -0.07 9.54
C GLN C 35 -5.58 -0.06 8.65
N PHE C 36 -4.62 -0.91 8.93
CA PHE C 36 -3.37 -0.95 8.11
C PHE C 36 -3.45 -2.03 7.02
N VAL C 37 -2.82 -1.76 5.91
CA VAL C 37 -2.76 -2.75 4.79
C VAL C 37 -1.33 -2.66 4.25
N TYR C 38 -0.53 -3.68 4.44
CA TYR C 38 0.90 -3.62 3.99
C TYR C 38 1.09 -4.33 2.64
N SER C 39 2.17 -4.01 1.99
CA SER C 39 2.49 -4.64 0.67
C SER C 39 3.88 -4.15 0.23
N TRP C 40 4.53 -4.86 -0.65
CA TRP C 40 5.89 -4.43 -1.11
C TRP C 40 5.78 -3.73 -2.47
N LYS C 41 4.91 -4.19 -3.32
CA LYS C 41 4.78 -3.56 -4.68
C LYS C 41 3.72 -2.45 -4.65
N LEU C 42 3.93 -1.41 -5.41
CA LEU C 42 2.89 -0.35 -5.49
C LEU C 42 1.94 -0.81 -6.59
N VAL C 43 2.46 -1.62 -7.48
CA VAL C 43 1.62 -2.17 -8.60
C VAL C 43 2.15 -3.58 -8.88
N ALA C 44 1.31 -4.46 -9.33
CA ALA C 44 1.79 -5.84 -9.58
C ALA C 44 2.67 -5.89 -10.82
N THR C 45 3.81 -5.25 -10.73
CA THR C 45 4.79 -5.24 -11.85
C THR C 45 6.20 -5.14 -11.25
N ASP C 46 6.31 -4.48 -10.14
CA ASP C 46 7.63 -4.35 -9.47
C ASP C 46 8.09 -5.73 -8.99
N ARG C 47 8.82 -5.80 -7.91
CA ARG C 47 9.32 -7.12 -7.40
C ARG C 47 9.23 -7.15 -5.87
N VAL C 48 9.92 -8.08 -5.24
CA VAL C 48 9.89 -8.16 -3.75
C VAL C 48 11.17 -8.87 -3.26
N PRO C 49 11.97 -8.26 -2.40
CA PRO C 49 13.22 -8.89 -1.88
C PRO C 49 13.00 -10.36 -1.51
N ALA C 50 13.93 -11.19 -1.86
CA ALA C 50 13.80 -12.64 -1.53
C ALA C 50 13.58 -12.80 -0.02
N GLY C 51 12.92 -13.85 0.39
CA GLY C 51 12.67 -14.06 1.86
C GLY C 51 11.35 -13.42 2.27
N LYS C 52 10.83 -12.54 1.45
CA LYS C 52 9.54 -11.87 1.79
C LYS C 52 8.38 -12.73 1.28
N ARG C 53 7.24 -12.65 1.92
CA ARG C 53 6.08 -13.47 1.45
C ARG C 53 5.46 -12.77 0.25
N ASP C 54 5.31 -13.47 -0.84
CA ASP C 54 4.70 -12.84 -2.05
C ASP C 54 3.32 -12.28 -1.72
N ALA C 55 2.97 -11.18 -2.32
CA ALA C 55 1.64 -10.57 -2.06
C ALA C 55 1.23 -9.75 -3.28
N ILE C 56 -0.03 -9.49 -3.45
CA ILE C 56 -0.46 -8.69 -4.61
C ILE C 56 -0.07 -7.24 -4.36
N SER C 57 -0.16 -6.40 -5.34
CA SER C 57 0.21 -4.98 -5.12
C SER C 57 -0.84 -4.36 -4.22
N LEU C 58 -0.49 -3.33 -3.51
CA LEU C 58 -1.48 -2.69 -2.60
C LEU C 58 -2.71 -2.30 -3.43
N ARG C 59 -2.52 -1.86 -4.65
CA ARG C 59 -3.66 -1.45 -5.50
C ARG C 59 -4.67 -2.60 -5.65
N GLU C 60 -4.23 -3.83 -5.62
CA GLU C 60 -5.20 -4.95 -5.74
C GLU C 60 -5.96 -5.08 -4.42
N LYS C 61 -5.27 -4.98 -3.32
CA LYS C 61 -5.96 -5.05 -2.01
C LYS C 61 -6.91 -3.86 -1.91
N ILE C 62 -6.36 -2.67 -1.92
CA ILE C 62 -7.18 -1.43 -1.85
C ILE C 62 -8.45 -1.58 -2.70
N ALA C 63 -8.32 -2.09 -3.88
CA ALA C 63 -9.51 -2.25 -4.76
C ALA C 63 -10.60 -3.07 -4.07
N GLU C 64 -10.24 -4.10 -3.36
CA GLU C 64 -11.29 -4.91 -2.68
C GLU C 64 -11.83 -4.14 -1.47
N LEU C 65 -11.03 -3.31 -0.87
CA LEU C 65 -11.51 -2.54 0.30
C LEU C 65 -12.59 -1.56 -0.14
N GLN C 66 -12.46 -1.00 -1.32
CA GLN C 66 -13.50 -0.06 -1.82
C GLN C 66 -14.67 -0.88 -2.35
N LYS C 67 -14.40 -1.84 -3.18
CA LYS C 67 -15.50 -2.70 -3.71
C LYS C 67 -15.93 -3.69 -2.64
N ASP C 68 -15.61 -4.94 -2.82
CA ASP C 68 -15.99 -5.97 -1.80
C ASP C 68 -15.08 -7.20 -1.97
N ILE C 69 -15.61 -8.25 -2.54
CA ILE C 69 -14.81 -9.48 -2.75
C ILE C 69 -15.40 -10.26 -3.94
N GLU C 1 1.07 20.49 -2.53
CA GLU C 1 1.80 19.48 -1.70
C GLU C 1 1.43 18.07 -2.17
N LYS C 2 2.34 17.14 -2.04
CA LYS C 2 2.05 15.75 -2.49
C LYS C 2 3.05 14.80 -1.84
N ARG C 3 2.58 13.68 -1.34
CA ARG C 3 3.51 12.71 -0.70
C ARG C 3 4.19 11.87 -1.79
N ARG C 4 5.50 11.76 -1.74
CA ARG C 4 6.23 10.95 -2.77
C ARG C 4 6.67 9.62 -2.17
N ASP C 5 6.93 8.64 -2.99
CA ASP C 5 7.35 7.32 -2.46
C ASP C 5 8.86 7.35 -2.16
N ASN C 6 9.49 6.20 -2.13
CA ASN C 6 10.96 6.16 -1.84
C ASN C 6 11.77 6.23 -3.14
N ARG C 7 11.11 6.13 -4.26
CA ARG C 7 11.84 6.20 -5.58
C ARG C 7 11.61 7.56 -6.24
N GLY C 8 10.65 7.67 -7.11
CA GLY C 8 10.39 8.98 -7.79
C GLY C 8 8.93 9.03 -8.27
N ARG C 9 8.13 8.11 -7.82
CA ARG C 9 6.71 8.09 -8.26
C ARG C 9 5.90 9.05 -7.36
N ILE C 10 4.60 8.93 -7.36
CA ILE C 10 3.75 9.83 -6.50
C ILE C 10 2.70 9.00 -5.77
N LEU C 11 2.67 9.08 -4.47
CA LEU C 11 1.66 8.31 -3.68
C LEU C 11 0.39 9.16 -3.56
N LYS C 12 -0.76 8.55 -3.49
CA LYS C 12 -2.02 9.34 -3.35
C LYS C 12 -2.32 9.56 -1.87
N THR C 13 -3.27 10.40 -1.57
CA THR C 13 -3.61 10.68 -0.15
C THR C 13 -4.10 9.38 0.51
N GLY C 14 -3.29 8.78 1.33
CA GLY C 14 -3.71 7.51 2.02
C GLY C 14 -2.54 6.53 2.04
N GLU C 15 -1.78 6.46 0.97
CA GLU C 15 -0.64 5.50 0.91
C GLU C 15 0.62 6.16 1.46
N SER C 16 1.45 5.40 2.14
CA SER C 16 2.71 5.96 2.70
C SER C 16 3.66 4.79 2.99
N GLN C 17 4.73 5.03 3.71
CA GLN C 17 5.69 3.93 4.02
C GLN C 17 6.23 4.10 5.45
N ARG C 18 6.55 3.01 6.09
CA ARG C 18 7.09 3.10 7.49
C ARG C 18 8.62 3.13 7.44
N LYS C 19 9.26 2.65 8.47
CA LYS C 19 10.74 2.65 8.50
C LYS C 19 11.28 1.47 7.68
N ASP C 20 10.47 0.47 7.48
CA ASP C 20 10.93 -0.73 6.71
C ASP C 20 10.84 -0.43 5.20
N GLY C 21 10.38 0.74 4.84
CA GLY C 21 10.30 1.08 3.39
C GLY C 21 9.06 0.45 2.76
N ARG C 22 8.46 -0.51 3.41
CA ARG C 22 7.24 -1.15 2.81
C ARG C 22 6.11 -0.12 2.79
N TYR C 23 5.12 -0.34 1.98
CA TYR C 23 3.99 0.63 1.90
C TYR C 23 2.98 0.39 3.02
N LEU C 24 2.28 1.43 3.42
CA LEU C 24 1.26 1.31 4.49
C LEU C 24 0.06 2.17 4.09
N TYR C 25 -1.08 1.57 3.87
CA TYR C 25 -2.29 2.36 3.47
C TYR C 25 -3.22 2.45 4.67
N LYS C 26 -3.21 3.58 5.33
CA LYS C 26 -4.09 3.79 6.52
C LYS C 26 -5.37 4.49 6.05
N TYR C 27 -6.52 4.03 6.47
CA TYR C 27 -7.78 4.70 6.02
C TYR C 27 -8.90 4.43 7.04
N ILE C 28 -9.66 5.44 7.35
CA ILE C 28 -10.76 5.26 8.33
C ILE C 28 -11.95 4.60 7.63
N ASP C 29 -12.38 3.46 8.12
CA ASP C 29 -13.52 2.75 7.47
C ASP C 29 -14.83 3.39 7.92
N SER C 30 -15.94 2.89 7.43
CA SER C 30 -17.26 3.47 7.80
C SER C 30 -17.56 3.17 9.27
N PHE C 31 -16.59 2.65 9.99
CA PHE C 31 -16.81 2.34 11.44
C PHE C 31 -16.20 3.47 12.26
N GLY C 32 -15.19 4.12 11.73
CA GLY C 32 -14.53 5.23 12.47
C GLY C 32 -13.23 4.72 13.08
N GLU C 33 -12.93 3.45 12.88
CA GLU C 33 -11.67 2.87 13.45
C GLU C 33 -10.63 2.70 12.33
N PRO C 34 -9.51 3.39 12.37
CA PRO C 34 -8.46 3.27 11.32
C PRO C 34 -8.22 1.82 10.90
N GLN C 35 -7.68 1.61 9.72
CA GLN C 35 -7.42 0.23 9.23
C GLN C 35 -6.02 0.18 8.61
N PHE C 36 -5.26 -0.85 8.89
CA PHE C 36 -3.86 -0.96 8.35
C PHE C 36 -3.78 -2.02 7.24
N VAL C 37 -3.13 -1.69 6.15
CA VAL C 37 -2.93 -2.67 5.04
C VAL C 37 -1.48 -2.54 4.58
N TYR C 38 -0.71 -3.61 4.66
CA TYR C 38 0.73 -3.53 4.26
C TYR C 38 0.96 -4.11 2.87
N SER C 39 2.08 -3.81 2.27
CA SER C 39 2.39 -4.35 0.91
C SER C 39 3.77 -3.83 0.47
N TRP C 40 4.57 -4.67 -0.14
CA TRP C 40 5.91 -4.22 -0.60
C TRP C 40 5.78 -3.65 -2.01
N LYS C 41 4.92 -4.24 -2.79
CA LYS C 41 4.74 -3.79 -4.20
C LYS C 41 3.57 -2.78 -4.25
N LEU C 42 3.75 -1.70 -4.97
CA LEU C 42 2.66 -0.68 -5.08
C LEU C 42 1.71 -1.10 -6.19
N VAL C 43 2.20 -1.86 -7.14
CA VAL C 43 1.34 -2.34 -8.27
C VAL C 43 1.74 -3.76 -8.60
N ALA C 44 0.83 -4.56 -9.05
CA ALA C 44 1.17 -5.97 -9.36
C ALA C 44 2.14 -6.06 -10.54
N THR C 45 3.32 -5.51 -10.38
CA THR C 45 4.34 -5.58 -11.47
C THR C 45 5.74 -5.54 -10.84
N ASP C 46 5.88 -4.86 -9.73
CA ASP C 46 7.20 -4.77 -9.04
C ASP C 46 7.58 -6.14 -8.46
N ARG C 47 8.51 -6.17 -7.55
CA ARG C 47 8.95 -7.47 -6.94
C ARG C 47 9.15 -7.27 -5.43
N VAL C 48 9.89 -8.14 -4.79
CA VAL C 48 10.13 -8.01 -3.32
C VAL C 48 11.48 -8.70 -3.00
N PRO C 49 12.36 -8.06 -2.27
CA PRO C 49 13.68 -8.67 -1.93
C PRO C 49 13.57 -10.17 -1.63
N ALA C 50 14.41 -10.96 -2.22
CA ALA C 50 14.37 -12.43 -1.99
C ALA C 50 14.31 -12.71 -0.49
N GLY C 51 13.63 -13.75 -0.10
CA GLY C 51 13.53 -14.10 1.35
C GLY C 51 12.24 -13.52 1.93
N LYS C 52 11.71 -12.48 1.32
CA LYS C 52 10.46 -11.86 1.84
C LYS C 52 9.24 -12.58 1.25
N ARG C 53 8.12 -12.51 1.91
CA ARG C 53 6.91 -13.19 1.40
C ARG C 53 6.29 -12.36 0.26
N ASP C 54 5.87 -13.00 -0.79
CA ASP C 54 5.26 -12.26 -1.92
C ASP C 54 3.84 -11.83 -1.54
N ALA C 55 3.30 -10.86 -2.21
CA ALA C 55 1.93 -10.40 -1.89
C ALA C 55 1.38 -9.58 -3.05
N ILE C 56 0.09 -9.49 -3.19
CA ILE C 56 -0.46 -8.68 -4.29
C ILE C 56 -0.20 -7.22 -3.95
N SER C 57 0.12 -6.42 -4.92
CA SER C 57 0.39 -5.00 -4.61
C SER C 57 -0.77 -4.42 -3.80
N LEU C 58 -0.48 -3.43 -3.01
CA LEU C 58 -1.52 -2.81 -2.16
C LEU C 58 -2.76 -2.48 -3.02
N ARG C 59 -2.58 -1.95 -4.20
CA ARG C 59 -3.75 -1.60 -5.06
C ARG C 59 -4.70 -2.80 -5.18
N GLU C 60 -4.20 -4.01 -5.13
CA GLU C 60 -5.12 -5.17 -5.25
C GLU C 60 -5.88 -5.33 -3.94
N LYS C 61 -5.23 -5.11 -2.82
CA LYS C 61 -5.94 -5.22 -1.52
C LYS C 61 -6.92 -4.06 -1.41
N ILE C 62 -6.50 -2.89 -1.81
CA ILE C 62 -7.41 -1.72 -1.75
C ILE C 62 -8.59 -1.98 -2.69
N ALA C 63 -8.33 -2.45 -3.87
CA ALA C 63 -9.42 -2.71 -4.83
C ALA C 63 -10.47 -3.63 -4.21
N GLU C 64 -10.08 -4.45 -3.28
CA GLU C 64 -11.07 -5.37 -2.64
C GLU C 64 -11.96 -4.53 -1.71
N LEU C 65 -11.39 -3.54 -1.09
CA LEU C 65 -12.19 -2.67 -0.17
C LEU C 65 -13.19 -1.85 -1.00
N GLN C 66 -12.75 -1.33 -2.11
CA GLN C 66 -13.67 -0.51 -2.96
C GLN C 66 -14.51 -1.48 -3.79
N LYS C 67 -14.60 -2.69 -3.34
CA LYS C 67 -15.38 -3.72 -4.07
C LYS C 67 -15.77 -4.85 -3.11
N ASP C 68 -15.08 -5.96 -3.11
CA ASP C 68 -15.43 -7.07 -2.18
C ASP C 68 -14.23 -7.99 -2.01
N ILE C 69 -14.36 -9.23 -2.40
CA ILE C 69 -13.23 -10.20 -2.28
C ILE C 69 -12.52 -10.31 -3.63
N GLU C 1 4.65 19.28 -4.64
CA GLU C 1 3.35 19.46 -3.92
C GLU C 1 2.96 18.13 -3.27
N LYS C 2 2.44 17.20 -4.04
CA LYS C 2 2.03 15.90 -3.45
C LYS C 2 3.28 15.18 -2.93
N ARG C 3 3.09 14.24 -2.03
CA ARG C 3 4.26 13.49 -1.48
C ARG C 3 4.63 12.37 -2.45
N ARG C 4 5.90 12.01 -2.49
CA ARG C 4 6.35 10.92 -3.42
C ARG C 4 6.80 9.70 -2.61
N ASP C 5 7.01 8.59 -3.27
CA ASP C 5 7.45 7.36 -2.54
C ASP C 5 8.97 7.40 -2.33
N ASN C 6 9.55 6.30 -1.96
CA ASN C 6 11.03 6.27 -1.74
C ASN C 6 11.75 6.31 -3.08
N ARG C 7 11.07 6.71 -4.13
CA ARG C 7 11.71 6.77 -5.49
C ARG C 7 11.35 8.10 -6.15
N GLY C 8 10.40 8.07 -7.06
CA GLY C 8 9.99 9.34 -7.76
C GLY C 8 8.53 9.24 -8.15
N ARG C 9 7.83 8.25 -7.65
CA ARG C 9 6.39 8.08 -7.98
C ARG C 9 5.55 8.98 -7.07
N ILE C 10 4.32 9.24 -7.43
CA ILE C 10 3.45 10.12 -6.60
C ILE C 10 2.45 9.28 -5.80
N LEU C 11 2.50 9.36 -4.50
CA LEU C 11 1.54 8.59 -3.66
C LEU C 11 0.29 9.44 -3.41
N LYS C 12 -0.88 8.85 -3.42
CA LYS C 12 -2.12 9.65 -3.18
C LYS C 12 -2.42 9.70 -1.69
N THR C 13 -3.08 10.74 -1.23
CA THR C 13 -3.39 10.85 0.22
C THR C 13 -4.01 9.53 0.71
N GLY C 14 -3.25 8.75 1.42
CA GLY C 14 -3.78 7.45 1.93
C GLY C 14 -2.65 6.42 1.94
N GLU C 15 -1.88 6.36 0.90
CA GLU C 15 -0.75 5.38 0.84
C GLU C 15 0.52 6.03 1.40
N SER C 16 1.41 5.25 1.93
CA SER C 16 2.67 5.82 2.49
C SER C 16 3.72 4.71 2.60
N GLN C 17 4.77 4.96 3.34
CA GLN C 17 5.84 3.92 3.51
C GLN C 17 6.45 4.04 4.89
N ARG C 18 6.49 2.95 5.63
CA ARG C 18 7.06 3.00 7.01
C ARG C 18 8.60 2.96 6.93
N LYS C 19 9.24 2.66 8.02
CA LYS C 19 10.71 2.62 8.04
C LYS C 19 11.20 1.30 7.43
N ASP C 20 10.34 0.32 7.34
CA ASP C 20 10.76 -0.99 6.77
C ASP C 20 10.76 -0.91 5.24
N GLY C 21 10.29 0.17 4.68
CA GLY C 21 10.27 0.30 3.20
C GLY C 21 8.96 -0.23 2.61
N ARG C 22 8.28 -1.09 3.30
CA ARG C 22 6.99 -1.62 2.74
C ARG C 22 5.96 -0.49 2.71
N TYR C 23 5.01 -0.57 1.82
CA TYR C 23 3.99 0.50 1.73
C TYR C 23 2.94 0.31 2.83
N LEU C 24 2.22 1.35 3.18
CA LEU C 24 1.17 1.23 4.24
C LEU C 24 -0.03 2.09 3.86
N TYR C 25 -1.17 1.47 3.69
CA TYR C 25 -2.40 2.25 3.34
C TYR C 25 -3.27 2.32 4.59
N LYS C 26 -3.28 3.47 5.22
CA LYS C 26 -4.08 3.66 6.47
C LYS C 26 -5.38 4.38 6.10
N TYR C 27 -6.50 3.92 6.59
CA TYR C 27 -7.78 4.61 6.26
C TYR C 27 -8.83 4.31 7.33
N ILE C 28 -9.71 5.24 7.57
CA ILE C 28 -10.77 5.05 8.60
C ILE C 28 -11.92 4.26 7.98
N ASP C 29 -12.19 3.08 8.49
CA ASP C 29 -13.30 2.26 7.92
C ASP C 29 -14.63 2.75 8.48
N SER C 30 -15.72 2.21 7.98
CA SER C 30 -17.06 2.65 8.47
C SER C 30 -17.27 2.20 9.92
N PHE C 31 -16.23 1.78 10.57
CA PHE C 31 -16.36 1.33 11.99
C PHE C 31 -15.94 2.47 12.91
N GLY C 32 -15.01 3.28 12.48
CA GLY C 32 -14.53 4.42 13.32
C GLY C 32 -13.18 4.06 13.91
N GLU C 33 -12.45 3.20 13.25
CA GLU C 33 -11.10 2.78 13.76
C GLU C 33 -10.16 2.58 12.56
N PRO C 34 -9.07 3.33 12.47
CA PRO C 34 -8.10 3.19 11.34
C PRO C 34 -7.84 1.72 10.98
N GLN C 35 -7.46 1.46 9.75
CA GLN C 35 -7.18 0.06 9.32
C GLN C 35 -5.82 0.01 8.61
N PHE C 36 -5.01 -0.96 8.93
CA PHE C 36 -3.65 -1.07 8.31
C PHE C 36 -3.64 -2.12 7.19
N VAL C 37 -3.04 -1.79 6.08
CA VAL C 37 -2.90 -2.75 4.95
C VAL C 37 -1.46 -2.60 4.42
N TYR C 38 -0.67 -3.65 4.53
CA TYR C 38 0.77 -3.55 4.09
C TYR C 38 0.98 -4.22 2.73
N SER C 39 2.06 -3.87 2.08
CA SER C 39 2.39 -4.47 0.75
C SER C 39 3.80 -4.05 0.36
N TRP C 40 4.43 -4.76 -0.55
CA TRP C 40 5.82 -4.39 -0.98
C TRP C 40 5.75 -3.76 -2.37
N LYS C 41 4.78 -4.16 -3.16
CA LYS C 41 4.65 -3.63 -4.54
C LYS C 41 3.56 -2.56 -4.60
N LEU C 42 3.81 -1.49 -5.30
CA LEU C 42 2.77 -0.42 -5.41
C LEU C 42 1.80 -0.81 -6.54
N VAL C 43 2.26 -1.61 -7.46
CA VAL C 43 1.40 -2.05 -8.59
C VAL C 43 1.78 -3.50 -8.93
N ALA C 44 0.90 -4.23 -9.55
CA ALA C 44 1.22 -5.65 -9.85
C ALA C 44 2.22 -5.75 -11.01
N THR C 45 3.39 -5.20 -10.84
CA THR C 45 4.43 -5.30 -11.89
C THR C 45 5.79 -5.35 -11.19
N ASP C 46 5.92 -4.69 -10.09
CA ASP C 46 7.20 -4.70 -9.33
C ASP C 46 7.43 -6.10 -8.77
N ARG C 47 8.40 -6.26 -7.89
CA ARG C 47 8.69 -7.61 -7.32
C ARG C 47 8.97 -7.47 -5.81
N VAL C 48 9.60 -8.45 -5.22
CA VAL C 48 9.92 -8.38 -3.76
C VAL C 48 11.17 -9.26 -3.52
N PRO C 49 12.15 -8.79 -2.77
CA PRO C 49 13.39 -9.59 -2.51
C PRO C 49 13.11 -11.08 -2.35
N ALA C 50 14.05 -11.89 -2.74
CA ALA C 50 13.87 -13.35 -2.63
C ALA C 50 13.73 -13.76 -1.15
N GLY C 51 12.68 -14.48 -0.83
CA GLY C 51 12.49 -14.94 0.59
C GLY C 51 11.38 -14.13 1.27
N LYS C 52 10.85 -13.13 0.62
CA LYS C 52 9.78 -12.31 1.25
C LYS C 52 8.43 -12.99 1.00
N ARG C 53 7.41 -12.61 1.73
CA ARG C 53 6.07 -13.22 1.51
C ARG C 53 5.43 -12.57 0.28
N ASP C 54 5.26 -13.32 -0.77
CA ASP C 54 4.66 -12.74 -2.01
C ASP C 54 3.27 -12.19 -1.71
N ALA C 55 2.80 -11.31 -2.55
CA ALA C 55 1.46 -10.70 -2.35
C ALA C 55 1.10 -9.90 -3.59
N ILE C 56 -0.15 -9.56 -3.75
CA ILE C 56 -0.54 -8.74 -4.91
C ILE C 56 0.02 -7.35 -4.70
N SER C 57 -0.45 -6.38 -5.43
CA SER C 57 0.04 -5.00 -5.24
C SER C 57 -0.91 -4.26 -4.33
N LEU C 58 -0.44 -3.25 -3.66
CA LEU C 58 -1.32 -2.50 -2.75
C LEU C 58 -2.60 -2.08 -3.49
N ARG C 59 -2.48 -1.68 -4.73
CA ARG C 59 -3.67 -1.24 -5.50
C ARG C 59 -4.68 -2.41 -5.62
N GLU C 60 -4.24 -3.63 -5.65
CA GLU C 60 -5.22 -4.74 -5.75
C GLU C 60 -5.90 -4.92 -4.39
N LYS C 61 -5.15 -4.79 -3.32
CA LYS C 61 -5.77 -4.91 -1.97
C LYS C 61 -6.71 -3.73 -1.79
N ILE C 62 -6.21 -2.54 -2.01
CA ILE C 62 -7.06 -1.33 -1.88
C ILE C 62 -8.33 -1.53 -2.72
N ALA C 63 -8.18 -2.10 -3.89
CA ALA C 63 -9.36 -2.33 -4.77
C ALA C 63 -10.44 -3.11 -4.02
N GLU C 64 -10.05 -4.02 -3.17
CA GLU C 64 -11.07 -4.81 -2.42
C GLU C 64 -11.72 -3.92 -1.36
N LEU C 65 -10.97 -3.02 -0.80
CA LEU C 65 -11.53 -2.11 0.24
C LEU C 65 -12.49 -1.13 -0.43
N GLN C 66 -12.36 -0.93 -1.71
CA GLN C 66 -13.26 0.01 -2.42
C GLN C 66 -14.57 -0.71 -2.75
N LYS C 67 -14.75 -1.90 -2.24
CA LYS C 67 -15.99 -2.65 -2.50
C LYS C 67 -16.13 -3.78 -1.48
N ASP C 68 -15.70 -4.96 -1.84
CA ASP C 68 -15.80 -6.11 -0.88
C ASP C 68 -14.71 -7.14 -1.21
N ILE C 69 -15.02 -8.08 -2.07
CA ILE C 69 -14.01 -9.11 -2.44
C ILE C 69 -14.23 -9.54 -3.89
N GLU C 1 -1.72 17.93 -0.34
CA GLU C 1 -0.23 17.87 -0.26
C GLU C 1 0.19 16.57 0.42
N LYS C 2 1.03 15.80 -0.22
CA LYS C 2 1.48 14.50 0.38
C LYS C 2 2.97 14.30 0.09
N ARG C 3 3.56 13.29 0.66
CA ARG C 3 5.01 13.03 0.43
C ARG C 3 5.18 12.21 -0.85
N ARG C 4 6.26 11.48 -0.95
CA ARG C 4 6.53 10.64 -2.16
C ARG C 4 6.85 9.21 -1.70
N ASP C 5 6.99 8.29 -2.62
CA ASP C 5 7.31 6.89 -2.22
C ASP C 5 8.82 6.75 -2.00
N ASN C 6 9.33 5.56 -2.14
CA ASN C 6 10.80 5.36 -1.94
C ASN C 6 11.55 5.84 -3.18
N ARG C 7 10.84 6.20 -4.21
CA ARG C 7 11.50 6.69 -5.47
C ARG C 7 11.30 8.21 -5.59
N GLY C 8 10.51 8.65 -6.54
CA GLY C 8 10.27 10.12 -6.70
C GLY C 8 8.86 10.33 -7.20
N ARG C 9 8.08 9.28 -7.24
CA ARG C 9 6.68 9.38 -7.73
C ARG C 9 5.77 9.77 -6.56
N ILE C 10 4.69 10.45 -6.84
CA ILE C 10 3.76 10.89 -5.75
C ILE C 10 2.73 9.80 -5.44
N LEU C 11 2.51 9.55 -4.17
CA LEU C 11 1.50 8.52 -3.76
C LEU C 11 0.15 9.22 -3.59
N LYS C 12 -0.92 8.47 -3.51
CA LYS C 12 -2.26 9.11 -3.32
C LYS C 12 -2.53 9.24 -1.83
N THR C 13 -3.27 10.25 -1.43
CA THR C 13 -3.56 10.44 0.02
C THR C 13 -3.97 9.10 0.66
N GLY C 14 -3.69 8.94 1.92
CA GLY C 14 -4.05 7.67 2.61
C GLY C 14 -2.90 6.66 2.45
N GLU C 15 -2.24 6.66 1.32
CA GLU C 15 -1.13 5.70 1.10
C GLU C 15 0.19 6.28 1.60
N SER C 16 1.13 5.44 1.92
CA SER C 16 2.45 5.92 2.43
C SER C 16 3.40 4.73 2.54
N GLN C 17 4.49 4.88 3.25
CA GLN C 17 5.46 3.75 3.42
C GLN C 17 5.99 3.76 4.85
N ARG C 18 6.11 2.61 5.46
CA ARG C 18 6.61 2.55 6.86
C ARG C 18 8.13 2.72 6.89
N LYS C 19 8.77 2.15 7.86
CA LYS C 19 10.25 2.28 7.97
C LYS C 19 10.93 1.13 7.20
N ASP C 20 10.21 0.07 6.96
CA ASP C 20 10.80 -1.09 6.24
C ASP C 20 10.81 -0.83 4.73
N GLY C 21 10.37 0.34 4.32
CA GLY C 21 10.36 0.64 2.86
C GLY C 21 9.11 0.04 2.22
N ARG C 22 8.48 -0.89 2.88
CA ARG C 22 7.26 -1.50 2.30
C ARG C 22 6.13 -0.46 2.24
N TYR C 23 5.19 -0.64 1.37
CA TYR C 23 4.08 0.34 1.28
C TYR C 23 3.09 0.13 2.42
N LEU C 24 2.40 1.18 2.82
CA LEU C 24 1.42 1.07 3.93
C LEU C 24 0.19 1.94 3.60
N TYR C 25 -0.98 1.38 3.72
CA TYR C 25 -2.23 2.16 3.42
C TYR C 25 -3.22 1.97 4.57
N LYS C 26 -3.23 2.89 5.50
CA LYS C 26 -4.19 2.79 6.64
C LYS C 26 -5.34 3.76 6.37
N TYR C 27 -6.55 3.38 6.67
CA TYR C 27 -7.70 4.31 6.41
C TYR C 27 -8.85 4.01 7.36
N ILE C 28 -9.63 5.02 7.66
CA ILE C 28 -10.78 4.83 8.58
C ILE C 28 -11.93 4.14 7.82
N ASP C 29 -12.34 2.98 8.28
CA ASP C 29 -13.43 2.25 7.58
C ASP C 29 -14.79 2.83 7.98
N SER C 30 -14.84 4.11 8.13
CA SER C 30 -16.14 4.78 8.50
C SER C 30 -16.68 4.20 9.81
N PHE C 31 -15.96 3.31 10.43
CA PHE C 31 -16.45 2.72 11.71
C PHE C 31 -15.80 3.48 12.88
N GLY C 32 -14.61 3.99 12.67
CA GLY C 32 -13.90 4.74 13.75
C GLY C 32 -12.66 3.96 14.16
N GLU C 33 -12.05 3.27 13.22
CA GLU C 33 -10.83 2.47 13.55
C GLU C 33 -10.03 2.25 12.25
N PRO C 34 -8.88 2.87 12.09
CA PRO C 34 -8.05 2.71 10.85
C PRO C 34 -7.98 1.26 10.38
N GLN C 35 -7.66 1.06 9.12
CA GLN C 35 -7.55 -0.31 8.55
C GLN C 35 -6.21 -0.44 7.80
N PHE C 36 -5.22 -1.01 8.45
CA PHE C 36 -3.87 -1.14 7.82
C PHE C 36 -3.86 -2.20 6.71
N VAL C 37 -3.11 -1.93 5.66
CA VAL C 37 -2.94 -2.89 4.54
C VAL C 37 -1.45 -2.90 4.19
N TYR C 38 -0.80 -4.03 4.28
CA TYR C 38 0.68 -4.09 4.01
C TYR C 38 0.97 -4.70 2.64
N SER C 39 1.94 -4.17 1.96
CA SER C 39 2.33 -4.70 0.62
C SER C 39 3.73 -4.18 0.27
N TRP C 40 4.40 -4.79 -0.68
CA TRP C 40 5.77 -4.32 -1.06
C TRP C 40 5.70 -3.68 -2.44
N LYS C 41 4.87 -4.22 -3.30
CA LYS C 41 4.74 -3.67 -4.67
C LYS C 41 3.56 -2.71 -4.75
N LEU C 42 3.78 -1.53 -5.26
CA LEU C 42 2.65 -0.57 -5.38
C LEU C 42 1.79 -1.02 -6.57
N VAL C 43 2.34 -1.86 -7.41
CA VAL C 43 1.58 -2.38 -8.57
C VAL C 43 2.02 -3.82 -8.82
N ALA C 44 1.17 -4.63 -9.39
CA ALA C 44 1.54 -6.05 -9.61
C ALA C 44 2.49 -6.14 -10.80
N THR C 45 3.65 -5.54 -10.67
CA THR C 45 4.67 -5.59 -11.76
C THR C 45 6.06 -5.50 -11.14
N ASP C 46 6.20 -4.77 -10.06
CA ASP C 46 7.52 -4.65 -9.40
C ASP C 46 7.92 -6.01 -8.81
N ARG C 47 8.88 -6.03 -7.92
CA ARG C 47 9.34 -7.33 -7.31
C ARG C 47 9.33 -7.21 -5.78
N VAL C 48 10.03 -8.07 -5.10
CA VAL C 48 10.07 -8.03 -3.61
C VAL C 48 11.35 -8.71 -3.10
N PRO C 49 12.20 -8.03 -2.35
CA PRO C 49 13.47 -8.63 -1.83
C PRO C 49 13.25 -10.04 -1.28
N ALA C 50 14.20 -10.90 -1.47
CA ALA C 50 14.07 -12.30 -0.96
C ALA C 50 13.81 -12.27 0.56
N GLY C 51 13.19 -13.29 1.09
CA GLY C 51 12.92 -13.33 2.56
C GLY C 51 11.59 -12.64 2.86
N LYS C 52 11.06 -11.90 1.92
CA LYS C 52 9.76 -11.21 2.16
C LYS C 52 8.61 -12.14 1.78
N ARG C 53 7.47 -11.96 2.38
CA ARG C 53 6.30 -12.83 2.06
C ARG C 53 5.65 -12.31 0.77
N ASP C 54 5.12 -13.19 -0.02
CA ASP C 54 4.48 -12.76 -1.30
C ASP C 54 3.12 -12.13 -1.01
N ALA C 55 2.63 -11.34 -1.93
CA ALA C 55 1.31 -10.68 -1.74
C ALA C 55 0.96 -9.91 -3.02
N ILE C 56 -0.31 -9.71 -3.28
CA ILE C 56 -0.68 -8.94 -4.50
C ILE C 56 -0.33 -7.49 -4.28
N SER C 57 -0.08 -6.77 -5.33
CA SER C 57 0.28 -5.33 -5.16
C SER C 57 -0.70 -4.65 -4.22
N LEU C 58 -0.41 -3.46 -3.83
CA LEU C 58 -1.31 -2.72 -2.92
C LEU C 58 -2.60 -2.38 -3.67
N ARG C 59 -2.48 -1.94 -4.89
CA ARG C 59 -3.69 -1.59 -5.69
C ARG C 59 -4.59 -2.82 -5.85
N GLU C 60 -4.04 -4.00 -5.78
CA GLU C 60 -4.90 -5.21 -5.92
C GLU C 60 -5.63 -5.40 -4.59
N LYS C 61 -4.95 -5.24 -3.48
CA LYS C 61 -5.65 -5.36 -2.18
C LYS C 61 -6.65 -4.21 -2.07
N ILE C 62 -6.14 -3.01 -2.10
CA ILE C 62 -7.02 -1.81 -2.01
C ILE C 62 -8.25 -2.01 -2.92
N ALA C 63 -8.05 -2.53 -4.09
CA ALA C 63 -9.20 -2.73 -5.02
C ALA C 63 -10.30 -3.54 -4.33
N GLU C 64 -9.96 -4.54 -3.58
CA GLU C 64 -11.01 -5.35 -2.91
C GLU C 64 -11.61 -4.55 -1.75
N LEU C 65 -10.80 -3.77 -1.07
CA LEU C 65 -11.32 -2.96 0.07
C LEU C 65 -12.28 -1.89 -0.47
N GLN C 66 -12.06 -1.43 -1.67
CA GLN C 66 -12.95 -0.40 -2.25
C GLN C 66 -14.22 -1.09 -2.76
N LYS C 67 -14.56 -2.20 -2.17
CA LYS C 67 -15.77 -2.96 -2.61
C LYS C 67 -16.26 -3.81 -1.43
N ASP C 68 -16.18 -5.10 -1.55
CA ASP C 68 -16.65 -5.99 -0.45
C ASP C 68 -15.97 -7.35 -0.58
N ILE C 69 -15.95 -7.89 -1.76
CA ILE C 69 -15.31 -9.23 -1.99
C ILE C 69 -14.82 -9.29 -3.44
N GLU C 1 0.78 17.31 0.35
CA GLU C 1 -0.40 16.51 -0.10
C GLU C 1 0.00 15.63 -1.28
N LYS C 2 0.85 16.13 -2.14
CA LYS C 2 1.29 15.33 -3.31
C LYS C 2 2.12 14.14 -2.82
N ARG C 3 3.27 14.42 -2.26
CA ARG C 3 4.16 13.34 -1.74
C ARG C 3 4.52 12.38 -2.87
N ARG C 4 5.69 11.78 -2.79
CA ARG C 4 6.13 10.83 -3.86
C ARG C 4 6.73 9.57 -3.21
N ASP C 5 6.81 8.50 -3.95
CA ASP C 5 7.38 7.25 -3.39
C ASP C 5 8.91 7.31 -3.46
N ASN C 6 9.58 6.31 -2.94
CA ASN C 6 11.07 6.32 -2.99
C ASN C 6 11.54 6.03 -4.41
N ARG C 7 10.80 6.47 -5.39
CA ARG C 7 11.20 6.22 -6.82
C ARG C 7 11.01 7.51 -7.62
N GLY C 8 9.83 8.06 -7.62
CA GLY C 8 9.60 9.32 -8.38
C GLY C 8 8.11 9.43 -8.78
N ARG C 9 7.31 8.47 -8.42
CA ARG C 9 5.87 8.52 -8.77
C ARG C 9 5.13 9.42 -7.77
N ILE C 10 3.82 9.34 -7.74
CA ILE C 10 3.02 10.19 -6.79
C ILE C 10 2.10 9.30 -5.97
N LEU C 11 2.23 9.34 -4.66
CA LEU C 11 1.34 8.51 -3.79
C LEU C 11 0.09 9.32 -3.43
N LYS C 12 -1.07 8.70 -3.42
CA LYS C 12 -2.31 9.45 -3.08
C LYS C 12 -2.53 9.39 -1.57
N THR C 13 -3.39 10.21 -1.03
CA THR C 13 -3.64 10.19 0.44
C THR C 13 -3.88 8.74 0.88
N GLY C 14 -3.96 8.48 2.15
CA GLY C 14 -4.18 7.09 2.60
C GLY C 14 -2.94 6.25 2.30
N GLU C 15 -2.35 6.43 1.14
CA GLU C 15 -1.13 5.65 0.77
C GLU C 15 0.12 6.41 1.21
N SER C 16 1.16 5.70 1.56
CA SER C 16 2.41 6.38 1.99
C SER C 16 3.56 5.37 1.99
N GLN C 17 4.41 5.40 2.98
CA GLN C 17 5.54 4.43 3.04
C GLN C 17 6.02 4.28 4.49
N ARG C 18 6.20 3.06 4.93
CA ARG C 18 6.64 2.83 6.33
C ARG C 18 8.14 3.15 6.48
N LYS C 19 8.78 2.51 7.43
CA LYS C 19 10.23 2.75 7.67
C LYS C 19 11.06 1.70 6.94
N ASP C 20 10.49 0.54 6.68
CA ASP C 20 11.26 -0.52 5.97
C ASP C 20 11.22 -0.28 4.46
N GLY C 21 10.77 0.87 4.04
CA GLY C 21 10.72 1.16 2.58
C GLY C 21 9.47 0.55 1.96
N ARG C 22 8.85 -0.39 2.63
CA ARG C 22 7.62 -1.01 2.07
C ARG C 22 6.50 0.03 2.04
N TYR C 23 5.54 -0.14 1.17
CA TYR C 23 4.44 0.86 1.09
C TYR C 23 3.51 0.68 2.30
N LEU C 24 2.97 1.78 2.80
CA LEU C 24 2.05 1.72 3.99
C LEU C 24 0.73 2.39 3.61
N TYR C 25 -0.36 1.70 3.78
CA TYR C 25 -1.70 2.28 3.46
C TYR C 25 -2.50 2.38 4.76
N LYS C 26 -2.49 3.54 5.36
CA LYS C 26 -3.22 3.76 6.63
C LYS C 26 -4.59 4.35 6.30
N TYR C 27 -5.63 3.76 6.80
CA TYR C 27 -6.99 4.31 6.49
C TYR C 27 -7.98 3.91 7.59
N ILE C 28 -9.00 4.70 7.78
CA ILE C 28 -10.03 4.39 8.83
C ILE C 28 -11.14 3.58 8.17
N ASP C 29 -11.43 2.41 8.69
CA ASP C 29 -12.51 1.58 8.09
C ASP C 29 -13.88 2.08 8.55
N SER C 30 -14.92 1.58 7.95
CA SER C 30 -16.29 2.03 8.32
C SER C 30 -16.62 1.59 9.76
N PHE C 31 -15.65 1.09 10.47
CA PHE C 31 -15.89 0.65 11.88
C PHE C 31 -15.43 1.76 12.83
N GLY C 32 -14.46 2.52 12.41
CA GLY C 32 -13.93 3.63 13.28
C GLY C 32 -12.63 3.17 13.94
N GLU C 33 -11.91 2.29 13.28
CA GLU C 33 -10.63 1.78 13.85
C GLU C 33 -9.57 1.72 12.72
N PRO C 34 -8.52 2.51 12.80
CA PRO C 34 -7.46 2.51 11.75
C PRO C 34 -7.07 1.08 11.32
N GLN C 35 -6.90 0.87 10.04
CA GLN C 35 -6.52 -0.50 9.54
C GLN C 35 -5.20 -0.40 8.76
N PHE C 36 -4.30 -1.31 9.02
CA PHE C 36 -2.97 -1.28 8.31
C PHE C 36 -2.93 -2.32 7.19
N VAL C 37 -2.41 -1.94 6.04
CA VAL C 37 -2.25 -2.90 4.91
C VAL C 37 -0.84 -2.67 4.34
N TYR C 38 0.03 -3.64 4.50
CA TYR C 38 1.44 -3.47 4.02
C TYR C 38 1.68 -4.18 2.70
N SER C 39 2.62 -3.69 1.94
CA SER C 39 2.96 -4.32 0.63
C SER C 39 4.30 -3.75 0.14
N TRP C 40 4.89 -4.32 -0.88
CA TRP C 40 6.20 -3.82 -1.39
C TRP C 40 6.02 -3.25 -2.80
N LYS C 41 5.17 -3.85 -3.59
CA LYS C 41 4.97 -3.37 -4.99
C LYS C 41 3.80 -2.36 -5.01
N LEU C 42 4.04 -1.15 -5.42
CA LEU C 42 2.92 -0.17 -5.49
C LEU C 42 1.93 -0.65 -6.53
N VAL C 43 2.42 -1.29 -7.57
CA VAL C 43 1.52 -1.82 -8.63
C VAL C 43 2.02 -3.21 -9.02
N ALA C 44 1.18 -4.03 -9.56
CA ALA C 44 1.63 -5.39 -9.92
C ALA C 44 2.58 -5.33 -11.11
N THR C 45 3.73 -4.74 -10.91
CA THR C 45 4.73 -4.64 -12.00
C THR C 45 6.14 -4.57 -11.39
N ASP C 46 6.25 -4.00 -10.22
CA ASP C 46 7.58 -3.89 -9.56
C ASP C 46 8.05 -5.28 -9.11
N ARG C 47 9.03 -5.34 -8.24
CA ARG C 47 9.55 -6.67 -7.76
C ARG C 47 9.62 -6.64 -6.23
N VAL C 48 10.20 -7.65 -5.62
CA VAL C 48 10.28 -7.69 -4.13
C VAL C 48 11.45 -8.59 -3.70
N PRO C 49 12.28 -8.17 -2.76
CA PRO C 49 13.42 -9.00 -2.28
C PRO C 49 13.04 -10.48 -2.16
N ALA C 50 13.87 -11.34 -2.64
CA ALA C 50 13.56 -12.79 -2.58
C ALA C 50 13.32 -13.23 -1.12
N GLY C 51 13.99 -12.61 -0.19
CA GLY C 51 13.80 -13.00 1.23
C GLY C 51 12.48 -12.44 1.77
N LYS C 52 11.82 -11.61 1.00
CA LYS C 52 10.53 -11.01 1.47
C LYS C 52 9.36 -11.90 1.01
N ARG C 53 8.22 -11.74 1.61
CA ARG C 53 7.04 -12.57 1.21
C ARG C 53 6.42 -12.01 -0.06
N ASP C 54 6.42 -12.77 -1.12
CA ASP C 54 5.82 -12.28 -2.39
C ASP C 54 4.37 -11.85 -2.12
N ALA C 55 3.87 -10.91 -2.86
CA ALA C 55 2.47 -10.46 -2.63
C ALA C 55 1.99 -9.65 -3.83
N ILE C 56 0.72 -9.39 -3.91
CA ILE C 56 0.22 -8.57 -5.03
C ILE C 56 0.70 -7.16 -4.79
N SER C 57 0.11 -6.20 -5.44
CA SER C 57 0.52 -4.79 -5.22
C SER C 57 -0.47 -4.14 -4.27
N LEU C 58 -0.01 -3.26 -3.43
CA LEU C 58 -0.93 -2.59 -2.47
C LEU C 58 -2.17 -2.13 -3.23
N ARG C 59 -1.99 -1.67 -4.43
CA ARG C 59 -3.15 -1.21 -5.24
C ARG C 59 -4.15 -2.36 -5.43
N GLU C 60 -3.68 -3.59 -5.47
CA GLU C 60 -4.62 -4.73 -5.63
C GLU C 60 -5.31 -4.99 -4.28
N LYS C 61 -4.56 -4.92 -3.20
CA LYS C 61 -5.18 -5.13 -1.86
C LYS C 61 -6.19 -4.01 -1.61
N ILE C 62 -5.83 -2.81 -1.99
CA ILE C 62 -6.76 -1.66 -1.79
C ILE C 62 -8.04 -1.93 -2.59
N ALA C 63 -7.90 -2.36 -3.81
CA ALA C 63 -9.09 -2.63 -4.66
C ALA C 63 -10.01 -3.65 -3.98
N GLU C 64 -9.47 -4.50 -3.14
CA GLU C 64 -10.33 -5.51 -2.46
C GLU C 64 -11.18 -4.81 -1.40
N LEU C 65 -10.62 -3.84 -0.73
CA LEU C 65 -11.39 -3.11 0.32
C LEU C 65 -12.49 -2.28 -0.34
N GLN C 66 -12.28 -1.88 -1.57
CA GLN C 66 -13.30 -1.06 -2.27
C GLN C 66 -14.40 -1.95 -2.87
N LYS C 67 -14.06 -3.14 -3.29
CA LYS C 67 -15.09 -4.02 -3.88
C LYS C 67 -15.95 -4.64 -2.76
N ASP C 68 -15.99 -5.93 -2.69
CA ASP C 68 -16.80 -6.61 -1.64
C ASP C 68 -16.34 -8.06 -1.47
N ILE C 69 -15.30 -8.29 -0.70
CA ILE C 69 -14.82 -9.69 -0.51
C ILE C 69 -15.54 -10.31 0.69
N GLU C 1 0.02 18.15 0.09
CA GLU C 1 0.93 18.35 -1.08
C GLU C 1 1.10 17.03 -1.82
N LYS C 2 1.75 17.04 -2.95
CA LYS C 2 1.96 15.78 -3.72
C LYS C 2 3.18 15.04 -3.15
N ARG C 3 2.96 14.01 -2.38
CA ARG C 3 4.11 13.26 -1.81
C ARG C 3 4.66 12.29 -2.86
N ARG C 4 5.87 11.81 -2.66
CA ARG C 4 6.48 10.85 -3.63
C ARG C 4 6.95 9.60 -2.90
N ASP C 5 7.01 8.49 -3.58
CA ASP C 5 7.47 7.23 -2.91
C ASP C 5 8.99 7.20 -2.88
N ASN C 6 9.56 6.08 -2.50
CA ASN C 6 11.05 5.99 -2.43
C ASN C 6 11.59 5.59 -3.82
N ARG C 7 10.77 5.70 -4.84
CA ARG C 7 11.23 5.33 -6.22
C ARG C 7 10.95 6.49 -7.18
N GLY C 8 9.77 6.55 -7.75
CA GLY C 8 9.46 7.65 -8.70
C GLY C 8 7.94 7.79 -8.89
N ARG C 9 7.17 6.94 -8.28
CA ARG C 9 5.69 7.04 -8.44
C ARG C 9 5.18 8.13 -7.49
N ILE C 10 3.90 8.25 -7.33
CA ILE C 10 3.33 9.30 -6.42
C ILE C 10 2.33 8.66 -5.46
N LEU C 11 2.46 8.91 -4.18
CA LEU C 11 1.51 8.33 -3.19
C LEU C 11 0.34 9.29 -2.98
N LYS C 12 -0.85 8.78 -2.85
CA LYS C 12 -2.04 9.67 -2.65
C LYS C 12 -2.21 9.91 -1.14
N THR C 13 -3.15 10.73 -0.76
CA THR C 13 -3.37 11.01 0.70
C THR C 13 -3.90 9.74 1.38
N GLY C 14 -3.17 8.66 1.27
CA GLY C 14 -3.64 7.39 1.90
C GLY C 14 -2.49 6.37 1.87
N GLU C 15 -1.70 6.40 0.83
CA GLU C 15 -0.58 5.42 0.72
C GLU C 15 0.69 6.02 1.35
N SER C 16 1.54 5.17 1.86
CA SER C 16 2.81 5.66 2.48
C SER C 16 3.75 4.47 2.69
N GLN C 17 4.64 4.56 3.63
CA GLN C 17 5.57 3.41 3.88
C GLN C 17 6.08 3.44 5.33
N ARG C 18 6.47 2.31 5.83
CA ARG C 18 6.98 2.24 7.25
C ARG C 18 8.50 2.45 7.25
N LYS C 19 9.14 2.09 8.33
CA LYS C 19 10.61 2.25 8.42
C LYS C 19 11.31 1.16 7.60
N ASP C 20 10.63 0.08 7.33
CA ASP C 20 11.26 -1.02 6.54
C ASP C 20 11.20 -0.69 5.05
N GLY C 21 10.61 0.42 4.69
CA GLY C 21 10.53 0.80 3.25
C GLY C 21 9.30 0.15 2.62
N ARG C 22 8.67 -0.76 3.33
CA ARG C 22 7.47 -1.42 2.76
C ARG C 22 6.34 -0.39 2.63
N TYR C 23 5.40 -0.62 1.77
CA TYR C 23 4.29 0.38 1.62
C TYR C 23 3.27 0.20 2.74
N LEU C 24 2.58 1.26 3.07
CA LEU C 24 1.56 1.19 4.16
C LEU C 24 0.36 2.06 3.76
N TYR C 25 -0.78 1.45 3.58
CA TYR C 25 -2.00 2.21 3.20
C TYR C 25 -2.93 2.23 4.42
N LYS C 26 -3.03 3.36 5.06
CA LYS C 26 -3.92 3.48 6.26
C LYS C 26 -5.26 4.08 5.83
N TYR C 27 -6.35 3.59 6.35
CA TYR C 27 -7.67 4.15 5.96
C TYR C 27 -8.69 3.93 7.07
N ILE C 28 -9.38 4.96 7.46
CA ILE C 28 -10.38 4.85 8.56
C ILE C 28 -11.53 3.95 8.08
N ASP C 29 -11.73 2.83 8.73
CA ASP C 29 -12.83 1.92 8.31
C ASP C 29 -14.16 2.43 8.85
N SER C 30 -15.24 1.83 8.42
CA SER C 30 -16.59 2.28 8.90
C SER C 30 -16.74 1.98 10.39
N PHE C 31 -15.67 1.62 11.05
CA PHE C 31 -15.74 1.31 12.50
C PHE C 31 -15.28 2.55 13.29
N GLY C 32 -14.40 3.32 12.71
CA GLY C 32 -13.88 4.54 13.40
C GLY C 32 -12.50 4.24 13.98
N GLU C 33 -11.76 3.35 13.33
CA GLU C 33 -10.40 3.01 13.83
C GLU C 33 -9.48 2.74 12.62
N PRO C 34 -8.43 3.53 12.44
CA PRO C 34 -7.49 3.33 11.29
C PRO C 34 -7.15 1.85 11.06
N GLN C 35 -7.12 1.43 9.82
CA GLN C 35 -6.81 0.01 9.48
C GLN C 35 -5.47 -0.05 8.74
N PHE C 36 -4.66 -1.06 9.00
CA PHE C 36 -3.32 -1.16 8.33
C PHE C 36 -3.36 -2.18 7.17
N VAL C 37 -2.80 -1.81 6.05
CA VAL C 37 -2.70 -2.75 4.88
C VAL C 37 -1.26 -2.65 4.37
N TYR C 38 -0.52 -3.74 4.39
CA TYR C 38 0.91 -3.67 3.97
C TYR C 38 1.11 -4.23 2.56
N SER C 39 2.24 -3.91 1.97
CA SER C 39 2.56 -4.40 0.61
C SER C 39 3.96 -3.90 0.22
N TRP C 40 4.65 -4.60 -0.65
CA TRP C 40 6.02 -4.16 -1.06
C TRP C 40 5.94 -3.62 -2.48
N LYS C 41 5.02 -4.12 -3.27
CA LYS C 41 4.88 -3.65 -4.68
C LYS C 41 3.79 -2.58 -4.78
N LEU C 42 4.13 -1.39 -5.18
CA LEU C 42 3.10 -0.33 -5.31
C LEU C 42 2.12 -0.73 -6.41
N VAL C 43 2.55 -1.58 -7.31
CA VAL C 43 1.64 -2.04 -8.41
C VAL C 43 1.94 -3.51 -8.71
N ALA C 44 1.00 -4.19 -9.30
CA ALA C 44 1.20 -5.64 -9.59
C ALA C 44 2.11 -5.83 -10.80
N THR C 45 3.32 -5.35 -10.73
CA THR C 45 4.29 -5.54 -11.84
C THR C 45 5.67 -5.70 -11.22
N ASP C 46 5.94 -4.94 -10.19
CA ASP C 46 7.25 -5.05 -9.48
C ASP C 46 7.30 -6.41 -8.77
N ARG C 47 8.21 -6.58 -7.84
CA ARG C 47 8.31 -7.88 -7.10
C ARG C 47 8.61 -7.61 -5.63
N VAL C 48 8.38 -8.57 -4.79
CA VAL C 48 8.65 -8.39 -3.34
C VAL C 48 10.14 -8.67 -3.06
N PRO C 49 10.84 -7.80 -2.36
CA PRO C 49 12.28 -8.01 -2.04
C PRO C 49 12.58 -9.46 -1.68
N ALA C 50 13.67 -9.99 -2.16
CA ALA C 50 14.03 -11.40 -1.85
C ALA C 50 13.96 -11.61 -0.33
N GLY C 51 13.42 -12.72 0.10
CA GLY C 51 13.32 -13.00 1.57
C GLY C 51 11.93 -12.63 2.08
N LYS C 52 11.23 -11.77 1.38
CA LYS C 52 9.86 -11.38 1.83
C LYS C 52 8.84 -12.35 1.24
N ARG C 53 7.66 -12.40 1.78
CA ARG C 53 6.62 -13.33 1.26
C ARG C 53 5.95 -12.72 0.03
N ASP C 54 5.05 -13.45 -0.59
CA ASP C 54 4.37 -12.92 -1.80
C ASP C 54 3.13 -12.11 -1.39
N ALA C 55 2.67 -11.24 -2.25
CA ALA C 55 1.47 -10.43 -1.92
C ALA C 55 1.08 -9.59 -3.14
N ILE C 56 -0.19 -9.38 -3.33
CA ILE C 56 -0.62 -8.55 -4.49
C ILE C 56 -0.27 -7.10 -4.19
N SER C 57 -0.04 -6.31 -5.20
CA SER C 57 0.29 -4.89 -4.96
C SER C 57 -0.77 -4.29 -4.05
N LEU C 58 -0.44 -3.25 -3.35
CA LEU C 58 -1.45 -2.63 -2.45
C LEU C 58 -2.65 -2.19 -3.29
N ARG C 59 -2.41 -1.70 -4.49
CA ARG C 59 -3.52 -1.25 -5.36
C ARG C 59 -4.55 -2.39 -5.55
N GLU C 60 -4.13 -3.63 -5.48
CA GLU C 60 -5.13 -4.73 -5.64
C GLU C 60 -5.92 -4.85 -4.34
N LYS C 61 -5.25 -4.82 -3.21
CA LYS C 61 -5.99 -4.88 -1.92
C LYS C 61 -6.91 -3.66 -1.86
N ILE C 62 -6.34 -2.50 -1.93
CA ILE C 62 -7.13 -1.24 -1.89
C ILE C 62 -8.37 -1.38 -2.79
N ALA C 63 -8.21 -1.94 -3.95
CA ALA C 63 -9.36 -2.10 -4.88
C ALA C 63 -10.49 -2.87 -4.18
N GLU C 64 -10.16 -3.83 -3.37
CA GLU C 64 -11.23 -4.61 -2.68
C GLU C 64 -11.84 -3.75 -1.57
N LEU C 65 -11.02 -2.99 -0.89
CA LEU C 65 -11.53 -2.13 0.21
C LEU C 65 -12.36 -0.99 -0.37
N GLN C 66 -12.17 -0.67 -1.63
CA GLN C 66 -12.93 0.44 -2.24
C GLN C 66 -14.33 -0.04 -2.68
N LYS C 67 -14.42 -1.19 -3.30
CA LYS C 67 -15.75 -1.68 -3.74
C LYS C 67 -16.51 -2.21 -2.54
N ASP C 68 -17.04 -3.39 -2.66
CA ASP C 68 -17.81 -4.00 -1.53
C ASP C 68 -18.00 -5.50 -1.79
N ILE C 69 -16.95 -6.28 -1.65
CA ILE C 69 -17.09 -7.75 -1.88
C ILE C 69 -16.07 -8.51 -1.05
N GLU C 1 0.95 19.18 -0.68
CA GLU C 1 1.37 18.53 0.60
C GLU C 1 1.38 17.01 0.42
N LYS C 2 0.93 16.53 -0.71
CA LYS C 2 0.90 15.06 -0.94
C LYS C 2 2.28 14.46 -0.64
N ARG C 3 2.32 13.22 -0.23
CA ARG C 3 3.62 12.56 0.09
C ARG C 3 4.23 12.02 -1.21
N ARG C 4 5.46 11.54 -1.15
CA ARG C 4 6.12 10.98 -2.37
C ARG C 4 6.66 9.58 -2.04
N ASP C 5 6.91 8.78 -3.05
CA ASP C 5 7.42 7.41 -2.79
C ASP C 5 8.94 7.45 -2.56
N ASN C 6 9.58 6.31 -2.66
CA ASN C 6 11.05 6.25 -2.45
C ASN C 6 11.77 6.54 -3.78
N ARG C 7 11.04 6.57 -4.88
CA ARG C 7 11.68 6.84 -6.21
C ARG C 7 11.41 8.30 -6.61
N GLY C 8 10.34 8.56 -7.32
CA GLY C 8 10.06 9.97 -7.72
C GLY C 8 8.64 10.14 -8.22
N ARG C 9 7.78 9.16 -8.03
CA ARG C 9 6.37 9.31 -8.52
C ARG C 9 5.58 10.09 -7.45
N ILE C 10 4.27 10.05 -7.52
CA ILE C 10 3.44 10.76 -6.50
C ILE C 10 2.27 9.86 -6.10
N LEU C 11 2.18 9.53 -4.84
CA LEU C 11 1.05 8.65 -4.40
C LEU C 11 -0.15 9.55 -4.06
N LYS C 12 -1.32 8.98 -3.96
CA LYS C 12 -2.52 9.81 -3.62
C LYS C 12 -2.69 9.81 -2.11
N THR C 13 -3.45 10.74 -1.57
CA THR C 13 -3.66 10.78 -0.09
C THR C 13 -4.02 9.38 0.40
N GLY C 14 -3.87 9.14 1.68
CA GLY C 14 -4.20 7.79 2.22
C GLY C 14 -2.98 6.87 2.12
N GLU C 15 -2.36 6.82 0.96
CA GLU C 15 -1.17 5.92 0.79
C GLU C 15 0.12 6.67 1.19
N SER C 16 1.13 5.95 1.59
CA SER C 16 2.41 6.60 1.99
C SER C 16 3.41 5.52 2.42
N GLN C 17 4.68 5.73 2.20
CA GLN C 17 5.68 4.70 2.62
C GLN C 17 6.02 4.86 4.10
N ARG C 18 6.37 3.79 4.76
CA ARG C 18 6.70 3.87 6.21
C ARG C 18 8.22 4.02 6.39
N LYS C 19 8.77 3.37 7.38
CA LYS C 19 10.24 3.46 7.63
C LYS C 19 10.95 2.29 6.94
N ASP C 20 10.27 1.19 6.75
CA ASP C 20 10.93 0.01 6.10
C ASP C 20 10.87 0.16 4.57
N GLY C 21 10.49 1.32 4.09
CA GLY C 21 10.41 1.52 2.62
C GLY C 21 9.16 0.82 2.09
N ARG C 22 8.50 0.06 2.92
CA ARG C 22 7.28 -0.65 2.48
C ARG C 22 6.16 0.35 2.22
N TYR C 23 5.31 0.08 1.27
CA TYR C 23 4.18 1.00 1.02
C TYR C 23 3.15 0.77 2.11
N LEU C 24 2.65 1.82 2.73
CA LEU C 24 1.65 1.66 3.83
C LEU C 24 0.38 2.44 3.50
N TYR C 25 -0.75 1.87 3.79
CA TYR C 25 -2.05 2.55 3.49
C TYR C 25 -2.96 2.43 4.72
N LYS C 26 -3.09 3.49 5.47
CA LYS C 26 -3.96 3.48 6.68
C LYS C 26 -5.34 3.98 6.27
N TYR C 27 -6.39 3.36 6.76
CA TYR C 27 -7.75 3.82 6.38
C TYR C 27 -8.76 3.41 7.45
N ILE C 28 -9.52 4.34 7.94
CA ILE C 28 -10.55 4.03 8.97
C ILE C 28 -11.61 3.12 8.34
N ASP C 29 -11.79 1.93 8.88
CA ASP C 29 -12.80 1.01 8.29
C ASP C 29 -14.20 1.41 8.76
N SER C 30 -15.21 0.83 8.16
CA SER C 30 -16.61 1.16 8.56
C SER C 30 -16.87 0.71 10.00
N PHE C 31 -15.84 0.28 10.69
CA PHE C 31 -16.02 -0.17 12.10
C PHE C 31 -15.63 0.98 13.03
N GLY C 32 -14.73 1.82 12.58
CA GLY C 32 -14.27 2.97 13.41
C GLY C 32 -12.93 2.63 14.03
N GLU C 33 -12.12 1.85 13.35
CA GLU C 33 -10.78 1.47 13.88
C GLU C 33 -9.74 1.51 12.74
N PRO C 34 -8.76 2.39 12.79
CA PRO C 34 -7.72 2.47 11.73
C PRO C 34 -7.20 1.08 11.32
N GLN C 35 -7.13 0.82 10.04
CA GLN C 35 -6.65 -0.52 9.55
C GLN C 35 -5.34 -0.32 8.78
N PHE C 36 -4.45 -1.29 8.85
CA PHE C 36 -3.14 -1.17 8.12
C PHE C 36 -3.08 -2.16 6.96
N VAL C 37 -2.48 -1.74 5.86
CA VAL C 37 -2.31 -2.65 4.69
C VAL C 37 -0.84 -2.54 4.26
N TYR C 38 -0.09 -3.61 4.39
CA TYR C 38 1.36 -3.56 4.04
C TYR C 38 1.62 -4.22 2.68
N SER C 39 2.55 -3.71 1.93
CA SER C 39 2.88 -4.29 0.61
C SER C 39 4.21 -3.70 0.12
N TRP C 40 4.94 -4.41 -0.70
CA TRP C 40 6.24 -3.87 -1.21
C TRP C 40 6.02 -3.24 -2.58
N LYS C 41 5.21 -3.85 -3.38
CA LYS C 41 4.95 -3.35 -4.76
C LYS C 41 3.72 -2.45 -4.78
N LEU C 42 3.82 -1.30 -5.41
CA LEU C 42 2.63 -0.39 -5.47
C LEU C 42 1.69 -0.93 -6.55
N VAL C 43 2.22 -1.57 -7.55
CA VAL C 43 1.37 -2.15 -8.63
C VAL C 43 1.92 -3.52 -8.99
N ALA C 44 1.09 -4.41 -9.45
CA ALA C 44 1.57 -5.76 -9.78
C ALA C 44 2.51 -5.70 -10.98
N THR C 45 3.67 -5.12 -10.78
CA THR C 45 4.68 -5.02 -11.86
C THR C 45 6.06 -5.07 -11.21
N ASP C 46 6.22 -4.34 -10.13
CA ASP C 46 7.52 -4.33 -9.40
C ASP C 46 7.72 -5.72 -8.77
N ARG C 47 8.68 -5.86 -7.87
CA ARG C 47 8.92 -7.20 -7.22
C ARG C 47 9.17 -7.01 -5.72
N VAL C 48 8.93 -8.02 -4.94
CA VAL C 48 9.17 -7.93 -3.47
C VAL C 48 10.66 -8.22 -3.17
N PRO C 49 11.32 -7.45 -2.33
CA PRO C 49 12.74 -7.71 -1.98
C PRO C 49 13.01 -9.20 -1.74
N ALA C 50 14.06 -9.72 -2.32
CA ALA C 50 14.39 -11.14 -2.14
C ALA C 50 14.47 -11.47 -0.63
N GLY C 51 13.87 -12.56 -0.22
CA GLY C 51 13.90 -12.95 1.22
C GLY C 51 12.59 -12.58 1.90
N LYS C 52 11.81 -11.72 1.30
CA LYS C 52 10.51 -11.31 1.91
C LYS C 52 9.40 -12.27 1.45
N ARG C 53 8.24 -12.16 2.03
CA ARG C 53 7.12 -13.07 1.65
C ARG C 53 6.52 -12.60 0.32
N ASP C 54 5.72 -13.43 -0.29
CA ASP C 54 5.08 -13.04 -1.58
C ASP C 54 3.80 -12.26 -1.30
N ALA C 55 3.46 -11.35 -2.17
CA ALA C 55 2.23 -10.54 -1.97
C ALA C 55 1.89 -9.80 -3.25
N ILE C 56 0.65 -9.49 -3.46
CA ILE C 56 0.27 -8.74 -4.68
C ILE C 56 0.78 -7.32 -4.51
N SER C 57 0.21 -6.38 -5.19
CA SER C 57 0.64 -4.97 -5.05
C SER C 57 -0.36 -4.25 -4.16
N LEU C 58 0.10 -3.30 -3.39
CA LEU C 58 -0.83 -2.56 -2.50
C LEU C 58 -2.08 -2.17 -3.30
N ARG C 59 -1.88 -1.61 -4.45
CA ARG C 59 -3.03 -1.20 -5.30
C ARG C 59 -3.98 -2.39 -5.50
N GLU C 60 -3.47 -3.59 -5.53
CA GLU C 60 -4.38 -4.75 -5.70
C GLU C 60 -5.07 -5.03 -4.37
N LYS C 61 -4.36 -4.89 -3.28
CA LYS C 61 -5.00 -5.11 -1.96
C LYS C 61 -6.08 -4.06 -1.78
N ILE C 62 -5.79 -2.85 -2.17
CA ILE C 62 -6.79 -1.76 -2.05
C ILE C 62 -8.03 -2.17 -2.87
N ALA C 63 -7.81 -2.73 -4.02
CA ALA C 63 -8.96 -3.16 -4.88
C ALA C 63 -9.86 -4.12 -4.10
N GLU C 64 -9.30 -4.87 -3.18
CA GLU C 64 -10.15 -5.82 -2.40
C GLU C 64 -11.02 -5.02 -1.43
N LEU C 65 -10.48 -3.98 -0.86
CA LEU C 65 -11.26 -3.15 0.08
C LEU C 65 -12.34 -2.41 -0.70
N GLN C 66 -12.13 -2.20 -1.97
CA GLN C 66 -13.13 -1.48 -2.79
C GLN C 66 -14.23 -2.47 -3.22
N LYS C 67 -13.88 -3.70 -3.43
CA LYS C 67 -14.90 -4.71 -3.83
C LYS C 67 -15.77 -5.07 -2.63
N ASP C 68 -15.54 -6.20 -2.03
CA ASP C 68 -16.35 -6.60 -0.84
C ASP C 68 -15.57 -7.61 0.00
N ILE C 69 -14.91 -8.55 -0.63
CA ILE C 69 -14.13 -9.58 0.13
C ILE C 69 -12.85 -9.91 -0.68
N GLU C 1 0.78 20.29 -2.46
CA GLU C 1 2.16 19.76 -2.58
C GLU C 1 2.11 18.33 -3.14
N LYS C 2 3.19 17.60 -3.02
CA LYS C 2 3.20 16.21 -3.55
C LYS C 2 4.25 15.37 -2.80
N ARG C 3 3.82 14.29 -2.23
CA ARG C 3 4.77 13.40 -1.49
C ARG C 3 5.46 12.44 -2.47
N ARG C 4 6.46 11.73 -2.02
CA ARG C 4 7.18 10.77 -2.92
C ARG C 4 7.45 9.46 -2.18
N ASP C 5 7.64 8.38 -2.89
CA ASP C 5 7.92 7.07 -2.24
C ASP C 5 9.41 6.97 -1.93
N ASN C 6 9.90 5.79 -1.69
CA ASN C 6 11.35 5.62 -1.38
C ASN C 6 12.15 5.58 -2.69
N ARG C 7 11.56 6.02 -3.77
CA ARG C 7 12.28 6.02 -5.09
C ARG C 7 12.03 7.34 -5.80
N GLY C 8 11.18 7.32 -6.80
CA GLY C 8 10.88 8.59 -7.56
C GLY C 8 9.40 8.59 -7.96
N ARG C 9 8.66 7.60 -7.55
CA ARG C 9 7.23 7.54 -7.91
C ARG C 9 6.42 8.38 -6.92
N ILE C 10 5.32 8.95 -7.35
CA ILE C 10 4.51 9.81 -6.44
C ILE C 10 3.36 8.99 -5.83
N LEU C 11 3.25 9.00 -4.53
CA LEU C 11 2.13 8.23 -3.87
C LEU C 11 0.94 9.18 -3.68
N LYS C 12 -0.25 8.67 -3.75
CA LYS C 12 -1.45 9.55 -3.56
C LYS C 12 -1.81 9.56 -2.08
N THR C 13 -2.49 10.59 -1.62
CA THR C 13 -2.86 10.64 -0.17
C THR C 13 -3.46 9.30 0.25
N GLY C 14 -3.26 8.91 1.49
CA GLY C 14 -3.81 7.61 1.97
C GLY C 14 -2.70 6.55 1.93
N GLU C 15 -1.93 6.52 0.87
CA GLU C 15 -0.84 5.50 0.77
C GLU C 15 0.46 6.07 1.34
N SER C 16 1.35 5.22 1.77
CA SER C 16 2.65 5.70 2.33
C SER C 16 3.61 4.51 2.49
N GLN C 17 4.65 4.67 3.27
CA GLN C 17 5.61 3.55 3.47
C GLN C 17 6.05 3.51 4.94
N ARG C 18 6.23 2.34 5.47
CA ARG C 18 6.63 2.22 6.90
C ARG C 18 8.15 2.33 7.04
N LYS C 19 8.72 1.59 7.96
CA LYS C 19 10.18 1.63 8.19
C LYS C 19 10.87 0.52 7.41
N ASP C 20 10.15 -0.53 7.08
CA ASP C 20 10.75 -1.66 6.34
C ASP C 20 10.77 -1.34 4.84
N GLY C 21 10.29 -0.18 4.45
CA GLY C 21 10.28 0.17 3.00
C GLY C 21 9.00 -0.34 2.34
N ARG C 22 8.33 -1.28 2.95
CA ARG C 22 7.09 -1.82 2.34
C ARG C 22 6.02 -0.72 2.34
N TYR C 23 5.07 -0.81 1.45
CA TYR C 23 4.01 0.25 1.41
C TYR C 23 3.00 0.01 2.53
N LEU C 24 2.44 1.07 3.05
CA LEU C 24 1.45 0.95 4.15
C LEU C 24 0.28 1.90 3.86
N TYR C 25 -0.88 1.36 3.65
CA TYR C 25 -2.08 2.21 3.36
C TYR C 25 -2.98 2.24 4.60
N LYS C 26 -3.00 3.36 5.28
CA LYS C 26 -3.85 3.50 6.50
C LYS C 26 -5.12 4.27 6.11
N TYR C 27 -6.26 3.86 6.60
CA TYR C 27 -7.51 4.59 6.24
C TYR C 27 -8.57 4.39 7.33
N ILE C 28 -9.32 5.41 7.62
CA ILE C 28 -10.36 5.31 8.68
C ILE C 28 -11.58 4.56 8.10
N ASP C 29 -11.96 3.48 8.70
CA ASP C 29 -13.13 2.71 8.17
C ASP C 29 -14.43 3.42 8.57
N SER C 30 -15.54 2.98 8.04
CA SER C 30 -16.83 3.63 8.38
C SER C 30 -17.18 3.35 9.84
N PHE C 31 -16.26 2.82 10.60
CA PHE C 31 -16.54 2.52 12.03
C PHE C 31 -15.94 3.63 12.89
N GLY C 32 -14.84 4.20 12.45
CA GLY C 32 -14.17 5.29 13.22
C GLY C 32 -12.90 4.74 13.86
N GLU C 33 -12.26 3.80 13.21
CA GLU C 33 -11.00 3.21 13.78
C GLU C 33 -10.01 2.94 12.63
N PRO C 34 -8.87 3.60 12.61
CA PRO C 34 -7.85 3.39 11.53
C PRO C 34 -7.68 1.90 11.19
N GLN C 35 -7.26 1.60 9.98
CA GLN C 35 -7.06 0.18 9.57
C GLN C 35 -5.73 0.04 8.83
N PHE C 36 -5.02 -1.03 9.07
CA PHE C 36 -3.68 -1.24 8.41
C PHE C 36 -3.78 -2.23 7.25
N VAL C 37 -3.17 -1.88 6.13
CA VAL C 37 -3.12 -2.80 4.96
C VAL C 37 -1.67 -2.81 4.49
N TYR C 38 -1.02 -3.95 4.50
CA TYR C 38 0.42 -4.01 4.12
C TYR C 38 0.60 -4.52 2.69
N SER C 39 1.72 -4.20 2.09
CA SER C 39 2.02 -4.66 0.71
C SER C 39 3.43 -4.18 0.34
N TRP C 40 4.01 -4.72 -0.71
CA TRP C 40 5.39 -4.30 -1.12
C TRP C 40 5.31 -3.62 -2.48
N LYS C 41 4.40 -4.03 -3.31
CA LYS C 41 4.27 -3.44 -4.67
C LYS C 41 3.22 -2.34 -4.67
N LEU C 42 3.52 -1.18 -5.22
CA LEU C 42 2.50 -0.11 -5.27
C LEU C 42 1.48 -0.49 -6.34
N VAL C 43 1.93 -1.18 -7.36
CA VAL C 43 0.99 -1.64 -8.44
C VAL C 43 1.37 -3.07 -8.81
N ALA C 44 0.46 -3.79 -9.39
CA ALA C 44 0.77 -5.20 -9.74
C ALA C 44 1.70 -5.23 -10.96
N THR C 45 2.90 -4.73 -10.79
CA THR C 45 3.89 -4.73 -11.91
C THR C 45 5.29 -4.83 -11.30
N ASP C 46 5.50 -4.21 -10.17
CA ASP C 46 6.83 -4.27 -9.50
C ASP C 46 7.10 -5.70 -9.04
N ARG C 47 8.02 -5.89 -8.14
CA ARG C 47 8.35 -7.27 -7.64
C ARG C 47 8.48 -7.24 -6.11
N VAL C 48 9.13 -8.23 -5.54
CA VAL C 48 9.28 -8.25 -4.05
C VAL C 48 10.52 -9.11 -3.67
N PRO C 49 11.53 -8.54 -3.03
CA PRO C 49 12.74 -9.30 -2.63
C PRO C 49 12.41 -10.65 -1.99
N ALA C 50 13.21 -11.64 -2.24
CA ALA C 50 12.94 -12.99 -1.66
C ALA C 50 12.80 -12.87 -0.14
N GLY C 51 12.17 -13.83 0.48
CA GLY C 51 11.98 -13.77 1.96
C GLY C 51 10.68 -13.02 2.28
N LYS C 52 10.19 -12.26 1.34
CA LYS C 52 8.94 -11.50 1.57
C LYS C 52 7.74 -12.38 1.19
N ARG C 53 6.62 -12.19 1.83
CA ARG C 53 5.42 -13.02 1.50
C ARG C 53 4.76 -12.46 0.24
N ASP C 54 4.64 -13.26 -0.80
CA ASP C 54 4.01 -12.78 -2.05
C ASP C 54 2.66 -12.13 -1.74
N ALA C 55 2.21 -11.25 -2.59
CA ALA C 55 0.90 -10.58 -2.36
C ALA C 55 0.57 -9.69 -3.55
N ILE C 56 -0.66 -9.32 -3.72
CA ILE C 56 -1.02 -8.44 -4.85
C ILE C 56 -0.49 -7.05 -4.53
N SER C 57 -0.77 -6.10 -5.37
CA SER C 57 -0.29 -4.73 -5.08
C SER C 57 -1.31 -4.04 -4.18
N LEU C 58 -0.87 -3.21 -3.28
CA LEU C 58 -1.83 -2.53 -2.37
C LEU C 58 -2.98 -1.94 -3.20
N ARG C 59 -2.66 -1.48 -4.38
CA ARG C 59 -3.71 -0.90 -5.26
C ARG C 59 -4.83 -1.93 -5.49
N GLU C 60 -4.52 -3.20 -5.44
CA GLU C 60 -5.58 -4.23 -5.63
C GLU C 60 -6.38 -4.35 -4.33
N LYS C 61 -5.71 -4.49 -3.22
CA LYS C 61 -6.44 -4.59 -1.93
C LYS C 61 -7.29 -3.33 -1.76
N ILE C 62 -6.72 -2.19 -2.03
CA ILE C 62 -7.48 -0.91 -1.91
C ILE C 62 -8.73 -0.99 -2.80
N ALA C 63 -8.59 -1.50 -3.98
CA ALA C 63 -9.76 -1.60 -4.91
C ALA C 63 -10.90 -2.33 -4.22
N GLU C 64 -10.61 -3.25 -3.34
CA GLU C 64 -11.69 -3.99 -2.64
C GLU C 64 -12.35 -3.08 -1.60
N LEU C 65 -11.56 -2.29 -0.94
CA LEU C 65 -12.11 -1.37 0.10
C LEU C 65 -12.93 -0.27 -0.58
N GLN C 66 -12.67 0.00 -1.83
CA GLN C 66 -13.41 1.08 -2.53
C GLN C 66 -14.77 0.53 -3.03
N LYS C 67 -14.78 -0.65 -3.60
CA LYS C 67 -16.06 -1.20 -4.09
C LYS C 67 -16.88 -1.71 -2.90
N ASP C 68 -17.11 -2.99 -2.84
CA ASP C 68 -17.90 -3.55 -1.71
C ASP C 68 -17.62 -5.05 -1.56
N ILE C 69 -16.64 -5.57 -2.27
CA ILE C 69 -16.32 -7.02 -2.16
C ILE C 69 -15.30 -7.25 -1.05
N GLU C 1 3.04 20.68 -4.23
CA GLU C 1 3.67 19.75 -3.25
C GLU C 1 2.76 18.54 -3.02
N LYS C 2 3.32 17.43 -2.66
CA LYS C 2 2.48 16.23 -2.41
C LYS C 2 3.31 15.19 -1.63
N ARG C 3 3.37 13.98 -2.13
CA ARG C 3 4.15 12.92 -1.43
C ARG C 3 4.58 11.87 -2.45
N ARG C 4 5.85 11.57 -2.52
CA ARG C 4 6.36 10.55 -3.50
C ARG C 4 6.85 9.32 -2.73
N ASP C 5 7.08 8.23 -3.42
CA ASP C 5 7.56 7.00 -2.73
C ASP C 5 9.07 7.07 -2.54
N ASN C 6 9.67 5.99 -2.11
CA ASN C 6 11.14 6.00 -1.88
C ASN C 6 11.87 6.22 -3.21
N ARG C 7 11.15 6.15 -4.31
CA ARG C 7 11.80 6.36 -5.65
C ARG C 7 11.45 7.75 -6.18
N GLY C 8 10.45 7.85 -7.03
CA GLY C 8 10.08 9.18 -7.57
C GLY C 8 8.64 9.14 -8.08
N ARG C 9 7.90 8.13 -7.70
CA ARG C 9 6.48 8.04 -8.15
C ARG C 9 5.61 8.90 -7.24
N ILE C 10 4.32 8.88 -7.43
CA ILE C 10 3.40 9.72 -6.59
C ILE C 10 2.44 8.82 -5.81
N LEU C 11 2.50 8.87 -4.50
CA LEU C 11 1.58 8.02 -3.68
C LEU C 11 0.29 8.82 -3.42
N LYS C 12 -0.84 8.16 -3.42
CA LYS C 12 -2.12 8.89 -3.18
C LYS C 12 -2.40 8.91 -1.67
N THR C 13 -3.26 9.79 -1.23
CA THR C 13 -3.57 9.86 0.23
C THR C 13 -3.84 8.45 0.76
N GLY C 14 -3.76 8.25 2.04
CA GLY C 14 -4.02 6.90 2.60
C GLY C 14 -2.79 6.00 2.36
N GLU C 15 -2.14 6.17 1.24
CA GLU C 15 -0.94 5.33 0.92
C GLU C 15 0.34 6.00 1.44
N SER C 16 1.30 5.21 1.84
CA SER C 16 2.58 5.78 2.35
C SER C 16 3.63 4.67 2.43
N GLN C 17 4.61 4.81 3.29
CA GLN C 17 5.66 3.74 3.40
C GLN C 17 6.11 3.60 4.85
N ARG C 18 6.20 2.38 5.32
CA ARG C 18 6.63 2.14 6.73
C ARG C 18 8.16 2.16 6.80
N LYS C 19 8.71 2.46 7.95
CA LYS C 19 10.19 2.50 8.10
C LYS C 19 10.82 1.28 7.42
N ASP C 20 10.05 0.27 7.17
CA ASP C 20 10.60 -0.95 6.50
C ASP C 20 10.69 -0.73 4.99
N GLY C 21 10.24 0.40 4.52
CA GLY C 21 10.31 0.67 3.04
C GLY C 21 9.07 0.08 2.36
N ARG C 22 8.43 -0.87 2.97
CA ARG C 22 7.23 -1.49 2.34
C ARG C 22 6.11 -0.44 2.30
N TYR C 23 5.13 -0.62 1.46
CA TYR C 23 4.02 0.37 1.39
C TYR C 23 3.02 0.08 2.52
N LEU C 24 2.34 1.11 2.97
CA LEU C 24 1.35 0.94 4.07
C LEU C 24 0.11 1.78 3.75
N TYR C 25 -0.99 1.14 3.47
CA TYR C 25 -2.24 1.88 3.14
C TYR C 25 -3.16 1.86 4.37
N LYS C 26 -3.20 2.96 5.07
CA LYS C 26 -4.06 3.06 6.28
C LYS C 26 -5.40 3.67 5.90
N TYR C 27 -6.48 3.11 6.37
CA TYR C 27 -7.81 3.68 6.04
C TYR C 27 -8.82 3.30 7.12
N ILE C 28 -9.28 4.27 7.85
CA ILE C 28 -10.26 4.00 8.94
C ILE C 28 -11.58 3.51 8.33
N ASP C 29 -12.20 2.56 8.94
CA ASP C 29 -13.49 2.03 8.40
C ASP C 29 -14.66 2.90 8.87
N SER C 30 -15.81 2.70 8.30
CA SER C 30 -16.99 3.52 8.70
C SER C 30 -17.31 3.28 10.18
N PHE C 31 -16.52 2.48 10.85
CA PHE C 31 -16.77 2.19 12.29
C PHE C 31 -15.86 3.10 13.13
N GLY C 32 -14.71 3.43 12.61
CA GLY C 32 -13.75 4.31 13.36
C GLY C 32 -12.57 3.47 13.83
N GLU C 33 -12.45 2.26 13.34
CA GLU C 33 -11.32 1.37 13.76
C GLU C 33 -10.23 1.38 12.67
N PRO C 34 -9.10 2.01 12.92
CA PRO C 34 -8.00 2.07 11.92
C PRO C 34 -7.72 0.71 11.27
N GLN C 35 -7.81 0.63 9.95
CA GLN C 35 -7.55 -0.66 9.24
C GLN C 35 -6.17 -0.58 8.55
N PHE C 36 -5.38 -1.62 8.69
CA PHE C 36 -4.01 -1.63 8.08
C PHE C 36 -3.93 -2.61 6.91
N VAL C 37 -3.22 -2.24 5.86
CA VAL C 37 -3.02 -3.15 4.70
C VAL C 37 -1.55 -3.00 4.28
N TYR C 38 -0.78 -4.07 4.33
CA TYR C 38 0.67 -3.98 3.98
C TYR C 38 0.94 -4.51 2.57
N SER C 39 2.05 -4.13 2.00
CA SER C 39 2.43 -4.59 0.63
C SER C 39 3.82 -4.05 0.30
N TRP C 40 4.46 -4.57 -0.72
CA TRP C 40 5.82 -4.08 -1.10
C TRP C 40 5.74 -3.40 -2.47
N LYS C 41 4.90 -3.91 -3.33
CA LYS C 41 4.76 -3.33 -4.70
C LYS C 41 3.60 -2.32 -4.71
N LEU C 42 3.82 -1.14 -5.22
CA LEU C 42 2.71 -0.17 -5.29
C LEU C 42 1.79 -0.60 -6.43
N VAL C 43 2.34 -1.27 -7.40
CA VAL C 43 1.52 -1.77 -8.56
C VAL C 43 2.01 -3.18 -8.91
N ALA C 44 1.14 -4.01 -9.42
CA ALA C 44 1.55 -5.39 -9.75
C ALA C 44 2.49 -5.38 -10.96
N THR C 45 3.64 -4.79 -10.79
CA THR C 45 4.65 -4.75 -11.89
C THR C 45 6.05 -4.72 -11.27
N ASP C 46 6.18 -4.07 -10.14
CA ASP C 46 7.50 -3.99 -9.46
C ASP C 46 7.89 -5.40 -8.97
N ARG C 47 8.79 -5.50 -8.04
CA ARG C 47 9.22 -6.84 -7.51
C ARG C 47 9.27 -6.81 -5.99
N VAL C 48 9.81 -7.82 -5.37
CA VAL C 48 9.89 -7.86 -3.87
C VAL C 48 11.04 -8.78 -3.45
N PRO C 49 11.85 -8.39 -2.49
CA PRO C 49 12.97 -9.25 -2.01
C PRO C 49 12.54 -10.72 -1.89
N ALA C 50 13.32 -11.60 -2.44
CA ALA C 50 12.97 -13.05 -2.38
C ALA C 50 12.75 -13.49 -0.93
N GLY C 51 13.41 -12.86 0.00
CA GLY C 51 13.23 -13.27 1.42
C GLY C 51 11.95 -12.65 2.00
N LYS C 52 11.29 -11.81 1.24
CA LYS C 52 10.04 -11.17 1.76
C LYS C 52 8.82 -12.01 1.35
N ARG C 53 7.69 -11.69 1.91
CA ARG C 53 6.44 -12.45 1.60
C ARG C 53 5.88 -11.97 0.26
N ASP C 54 5.33 -12.86 -0.52
CA ASP C 54 4.75 -12.45 -1.83
C ASP C 54 3.34 -11.90 -1.59
N ALA C 55 2.89 -11.01 -2.43
CA ALA C 55 1.53 -10.43 -2.25
C ALA C 55 1.19 -9.56 -3.45
N ILE C 56 -0.08 -9.35 -3.70
CA ILE C 56 -0.47 -8.50 -4.85
C ILE C 56 -0.19 -7.04 -4.48
N SER C 57 0.20 -6.24 -5.41
CA SER C 57 0.48 -4.82 -5.09
C SER C 57 -0.69 -4.24 -4.31
N LEU C 58 -0.40 -3.33 -3.42
CA LEU C 58 -1.50 -2.73 -2.61
C LEU C 58 -2.62 -2.25 -3.53
N ARG C 59 -2.29 -1.81 -4.72
CA ARG C 59 -3.34 -1.32 -5.66
C ARG C 59 -4.39 -2.41 -5.87
N GLU C 60 -3.99 -3.66 -5.83
CA GLU C 60 -4.98 -4.76 -6.04
C GLU C 60 -5.78 -4.93 -4.74
N LYS C 61 -5.13 -4.97 -3.61
CA LYS C 61 -5.87 -5.10 -2.33
C LYS C 61 -6.83 -3.92 -2.21
N ILE C 62 -6.36 -2.75 -2.53
CA ILE C 62 -7.22 -1.54 -2.47
C ILE C 62 -8.36 -1.70 -3.49
N ALA C 63 -8.05 -2.20 -4.65
CA ALA C 63 -9.09 -2.39 -5.69
C ALA C 63 -10.27 -3.18 -5.14
N GLU C 64 -10.03 -4.06 -4.20
CA GLU C 64 -11.16 -4.86 -3.64
C GLU C 64 -11.99 -3.97 -2.73
N LEU C 65 -11.34 -3.13 -1.96
CA LEU C 65 -12.08 -2.23 -1.05
C LEU C 65 -12.86 -1.20 -1.89
N GLN C 66 -12.38 -0.92 -3.06
CA GLN C 66 -13.06 0.06 -3.95
C GLN C 66 -14.17 -0.65 -4.73
N LYS C 67 -14.78 -1.64 -4.15
CA LYS C 67 -15.85 -2.37 -4.85
C LYS C 67 -16.80 -3.02 -3.82
N ASP C 68 -16.88 -4.32 -3.81
CA ASP C 68 -17.79 -4.99 -2.84
C ASP C 68 -17.37 -6.46 -2.69
N ILE C 69 -16.63 -6.77 -1.66
CA ILE C 69 -16.19 -8.18 -1.45
C ILE C 69 -17.29 -8.93 -0.69
N GLU C 1 2.37 19.46 -5.17
CA GLU C 1 1.50 19.56 -3.97
C GLU C 1 1.23 18.15 -3.41
N LYS C 2 1.27 17.17 -4.26
CA LYS C 2 1.02 15.77 -3.79
C LYS C 2 2.31 15.20 -3.18
N ARG C 3 2.19 14.17 -2.41
CA ARG C 3 3.40 13.55 -1.79
C ARG C 3 4.04 12.60 -2.80
N ARG C 4 5.22 12.10 -2.49
CA ARG C 4 5.92 11.17 -3.43
C ARG C 4 6.49 9.99 -2.64
N ASP C 5 6.79 8.91 -3.31
CA ASP C 5 7.35 7.73 -2.61
C ASP C 5 8.85 7.90 -2.40
N ASN C 6 9.57 6.82 -2.21
CA ASN C 6 11.04 6.92 -2.00
C ASN C 6 11.78 6.91 -3.34
N ARG C 7 11.09 7.22 -4.41
CA ARG C 7 11.75 7.24 -5.76
C ARG C 7 11.33 8.49 -6.53
N GLY C 8 10.23 8.43 -7.24
CA GLY C 8 9.78 9.62 -8.01
C GLY C 8 8.32 9.45 -8.42
N ARG C 9 7.63 8.49 -7.85
CA ARG C 9 6.19 8.29 -8.21
C ARG C 9 5.35 9.28 -7.40
N ILE C 10 4.04 9.15 -7.45
CA ILE C 10 3.16 10.09 -6.68
C ILE C 10 2.14 9.29 -5.86
N LEU C 11 2.29 9.28 -4.57
CA LEU C 11 1.32 8.54 -3.71
C LEU C 11 0.17 9.48 -3.34
N LYS C 12 -1.05 9.04 -3.49
CA LYS C 12 -2.21 9.92 -3.15
C LYS C 12 -2.57 9.73 -1.68
N THR C 13 -3.46 10.55 -1.17
CA THR C 13 -3.84 10.42 0.27
C THR C 13 -4.14 8.96 0.60
N GLY C 14 -4.05 8.60 1.85
CA GLY C 14 -4.33 7.19 2.24
C GLY C 14 -3.13 6.31 1.87
N GLU C 15 -2.52 6.55 0.74
CA GLU C 15 -1.34 5.73 0.32
C GLU C 15 -0.06 6.35 0.88
N SER C 16 0.77 5.55 1.48
CA SER C 16 2.04 6.08 2.04
C SER C 16 3.06 4.94 2.15
N GLN C 17 4.02 5.08 3.02
CA GLN C 17 5.04 4.00 3.18
C GLN C 17 5.61 4.05 4.60
N ARG C 18 5.96 2.92 5.15
CA ARG C 18 6.51 2.91 6.53
C ARG C 18 7.98 3.36 6.51
N LYS C 19 8.77 2.86 7.42
CA LYS C 19 10.21 3.26 7.47
C LYS C 19 11.05 2.24 6.72
N ASP C 20 10.60 1.02 6.63
CA ASP C 20 11.38 -0.03 5.91
C ASP C 20 11.08 0.05 4.41
N GLY C 21 10.50 1.14 3.96
CA GLY C 21 10.17 1.27 2.52
C GLY C 21 8.91 0.46 2.21
N ARG C 22 8.30 -0.09 3.22
CA ARG C 22 7.07 -0.91 2.99
C ARG C 22 5.92 0.01 2.56
N TYR C 23 5.30 -0.28 1.47
CA TYR C 23 4.14 0.56 1.05
C TYR C 23 2.98 0.20 1.96
N LEU C 24 2.25 1.17 2.46
CA LEU C 24 1.12 0.85 3.38
C LEU C 24 -0.07 1.77 3.08
N TYR C 25 -1.25 1.30 3.36
CA TYR C 25 -2.48 2.10 3.13
C TYR C 25 -3.34 2.03 4.39
N LYS C 26 -3.53 3.15 5.04
CA LYS C 26 -4.34 3.18 6.29
C LYS C 26 -5.77 3.65 5.97
N TYR C 27 -6.76 3.10 6.61
CA TYR C 27 -8.16 3.54 6.34
C TYR C 27 -9.02 3.28 7.57
N ILE C 28 -9.79 4.26 7.97
CA ILE C 28 -10.64 4.10 9.18
C ILE C 28 -11.88 3.27 8.82
N ASP C 29 -12.11 2.18 9.51
CA ASP C 29 -13.30 1.35 9.20
C ASP C 29 -14.55 1.99 9.79
N SER C 30 -15.68 1.36 9.65
CA SER C 30 -16.95 1.95 10.19
C SER C 30 -16.96 1.85 11.72
N PHE C 31 -15.93 1.33 12.30
CA PHE C 31 -15.88 1.21 13.79
C PHE C 31 -15.14 2.42 14.37
N GLY C 32 -14.27 3.02 13.61
CA GLY C 32 -13.51 4.21 14.10
C GLY C 32 -12.11 3.76 14.53
N GLU C 33 -11.69 2.61 14.08
CA GLU C 33 -10.33 2.07 14.44
C GLU C 33 -9.47 1.95 13.18
N PRO C 34 -8.45 2.75 13.01
CA PRO C 34 -7.56 2.68 11.80
C PRO C 34 -7.20 1.23 11.44
N GLN C 35 -7.05 0.95 10.17
CA GLN C 35 -6.69 -0.43 9.73
C GLN C 35 -5.49 -0.35 8.77
N PHE C 36 -4.48 -1.17 8.98
CA PHE C 36 -3.26 -1.11 8.10
C PHE C 36 -3.32 -2.17 7.00
N VAL C 37 -2.70 -1.87 5.88
CA VAL C 37 -2.60 -2.83 4.74
C VAL C 37 -1.17 -2.69 4.19
N TYR C 38 -0.28 -3.62 4.53
CA TYR C 38 1.14 -3.50 4.09
C TYR C 38 1.42 -4.32 2.82
N SER C 39 2.58 -4.13 2.25
CA SER C 39 2.98 -4.87 1.02
C SER C 39 4.44 -4.51 0.71
N TRP C 40 4.88 -4.68 -0.52
CA TRP C 40 6.29 -4.34 -0.87
C TRP C 40 6.32 -3.69 -2.26
N LYS C 41 5.43 -4.09 -3.12
CA LYS C 41 5.39 -3.54 -4.51
C LYS C 41 4.32 -2.45 -4.62
N LEU C 42 4.65 -1.31 -5.16
CA LEU C 42 3.63 -0.24 -5.31
C LEU C 42 2.62 -0.68 -6.36
N VAL C 43 3.10 -1.30 -7.42
CA VAL C 43 2.17 -1.81 -8.49
C VAL C 43 2.63 -3.22 -8.85
N ALA C 44 1.76 -4.01 -9.40
CA ALA C 44 2.15 -5.38 -9.75
C ALA C 44 3.17 -5.37 -10.89
N THR C 45 4.34 -4.84 -10.62
CA THR C 45 5.40 -4.79 -11.65
C THR C 45 6.76 -4.85 -10.95
N ASP C 46 6.87 -4.23 -9.81
CA ASP C 46 8.15 -4.25 -9.04
C ASP C 46 8.41 -5.67 -8.55
N ARG C 47 9.25 -5.84 -7.55
CA ARG C 47 9.54 -7.21 -7.02
C ARG C 47 9.65 -7.18 -5.49
N VAL C 48 10.33 -8.15 -4.91
CA VAL C 48 10.49 -8.18 -3.42
C VAL C 48 11.79 -8.95 -3.10
N PRO C 49 12.72 -8.38 -2.37
CA PRO C 49 13.99 -9.07 -2.02
C PRO C 49 13.77 -10.54 -1.68
N ALA C 50 14.52 -11.40 -2.31
CA ALA C 50 14.38 -12.86 -2.04
C ALA C 50 14.36 -13.12 -0.53
N GLY C 51 13.63 -14.11 -0.10
CA GLY C 51 13.55 -14.43 1.35
C GLY C 51 12.30 -13.79 1.96
N LYS C 52 11.76 -12.80 1.31
CA LYS C 52 10.55 -12.13 1.85
C LYS C 52 9.29 -12.86 1.36
N ARG C 53 8.16 -12.58 1.95
CA ARG C 53 6.91 -13.28 1.54
C ARG C 53 6.38 -12.65 0.24
N ASP C 54 5.75 -13.43 -0.59
CA ASP C 54 5.21 -12.88 -1.88
C ASP C 54 3.84 -12.26 -1.63
N ALA C 55 3.42 -11.39 -2.51
CA ALA C 55 2.09 -10.74 -2.35
C ALA C 55 1.82 -9.87 -3.58
N ILE C 56 0.58 -9.50 -3.79
CA ILE C 56 0.27 -8.65 -4.95
C ILE C 56 0.82 -7.26 -4.66
N SER C 57 0.40 -6.27 -5.39
CA SER C 57 0.89 -4.89 -5.12
C SER C 57 -0.13 -4.18 -4.24
N LEU C 58 0.33 -3.41 -3.30
CA LEU C 58 -0.62 -2.69 -2.40
C LEU C 58 -1.73 -2.05 -3.22
N ARG C 59 -1.48 -1.82 -4.48
CA ARG C 59 -2.52 -1.19 -5.34
C ARG C 59 -3.62 -2.22 -5.61
N GLU C 60 -3.27 -3.49 -5.67
CA GLU C 60 -4.30 -4.53 -5.92
C GLU C 60 -5.08 -4.75 -4.62
N LYS C 61 -4.41 -4.73 -3.50
CA LYS C 61 -5.13 -4.90 -2.21
C LYS C 61 -6.09 -3.73 -2.04
N ILE C 62 -5.62 -2.55 -2.31
CA ILE C 62 -6.50 -1.36 -2.17
C ILE C 62 -7.72 -1.55 -3.08
N ALA C 63 -7.51 -2.04 -4.27
CA ALA C 63 -8.64 -2.26 -5.21
C ALA C 63 -9.70 -3.16 -4.57
N GLU C 64 -9.31 -4.04 -3.70
CA GLU C 64 -10.30 -4.94 -3.05
C GLU C 64 -11.13 -4.13 -2.05
N LEU C 65 -10.53 -3.17 -1.43
CA LEU C 65 -11.27 -2.32 -0.45
C LEU C 65 -12.28 -1.46 -1.20
N GLN C 66 -11.93 -1.03 -2.38
CA GLN C 66 -12.87 -0.18 -3.18
C GLN C 66 -13.86 -1.10 -3.91
N LYS C 67 -13.47 -2.31 -4.19
CA LYS C 67 -14.39 -3.25 -4.89
C LYS C 67 -15.49 -3.72 -3.94
N ASP C 68 -15.34 -4.87 -3.35
CA ASP C 68 -16.38 -5.38 -2.41
C ASP C 68 -15.75 -6.39 -1.45
N ILE C 69 -15.07 -5.91 -0.43
CA ILE C 69 -14.43 -6.84 0.54
C ILE C 69 -15.44 -7.20 1.64
N GLU C 1 1.54 20.12 -2.36
CA GLU C 1 1.49 18.88 -3.20
C GLU C 1 1.12 17.69 -2.32
N LYS C 2 0.84 16.56 -2.92
CA LYS C 2 0.48 15.36 -2.11
C LYS C 2 1.76 14.74 -1.55
N ARG C 3 2.26 13.70 -2.17
CA ARG C 3 3.49 13.04 -1.68
C ARG C 3 4.16 12.28 -2.82
N ARG C 4 5.30 11.69 -2.57
CA ARG C 4 6.03 10.93 -3.63
C ARG C 4 6.51 9.60 -3.07
N ASP C 5 6.67 8.60 -3.89
CA ASP C 5 7.14 7.28 -3.41
C ASP C 5 8.67 7.29 -3.29
N ASN C 6 9.26 6.13 -3.22
CA ASN C 6 10.75 6.07 -3.10
C ASN C 6 11.38 6.11 -4.49
N ARG C 7 10.58 6.05 -5.53
CA ARG C 7 11.12 6.09 -6.92
C ARG C 7 10.83 7.44 -7.57
N GLY C 8 9.69 7.59 -8.19
CA GLY C 8 9.35 8.89 -8.83
C GLY C 8 7.85 8.95 -9.14
N ARG C 9 7.09 8.03 -8.64
CA ARG C 9 5.62 8.04 -8.90
C ARG C 9 4.95 8.98 -7.89
N ILE C 10 3.64 9.04 -7.89
CA ILE C 10 2.92 9.94 -6.93
C ILE C 10 1.95 9.12 -6.07
N LEU C 11 2.13 9.14 -4.78
CA LEU C 11 1.21 8.37 -3.89
C LEU C 11 0.01 9.26 -3.54
N LYS C 12 -1.17 8.70 -3.50
CA LYS C 12 -2.38 9.53 -3.18
C LYS C 12 -2.58 9.57 -1.66
N THR C 13 -3.23 10.59 -1.16
CA THR C 13 -3.45 10.69 0.32
C THR C 13 -3.94 9.35 0.85
N GLY C 14 -3.05 8.51 1.29
CA GLY C 14 -3.46 7.18 1.81
C GLY C 14 -2.26 6.23 1.77
N GLU C 15 -1.60 6.15 0.64
CA GLU C 15 -0.43 5.23 0.53
C GLU C 15 0.84 5.96 0.93
N SER C 16 1.55 5.44 1.91
CA SER C 16 2.82 6.08 2.36
C SER C 16 3.73 5.01 2.96
N GLN C 17 4.91 4.86 2.43
CA GLN C 17 5.84 3.82 2.96
C GLN C 17 6.13 4.09 4.43
N ARG C 18 6.54 3.07 5.15
CA ARG C 18 6.84 3.21 6.62
C ARG C 18 8.35 3.13 6.86
N LYS C 19 8.73 2.42 7.88
CA LYS C 19 10.18 2.29 8.22
C LYS C 19 10.79 1.09 7.49
N ASP C 20 10.00 0.12 7.14
CA ASP C 20 10.56 -1.08 6.45
C ASP C 20 10.69 -0.79 4.95
N GLY C 21 10.37 0.39 4.53
CA GLY C 21 10.48 0.73 3.08
C GLY C 21 9.27 0.17 2.33
N ARG C 22 8.60 -0.79 2.91
CA ARG C 22 7.41 -1.38 2.24
C ARG C 22 6.30 -0.34 2.17
N TYR C 23 5.38 -0.48 1.26
CA TYR C 23 4.27 0.50 1.17
C TYR C 23 3.29 0.25 2.32
N LEU C 24 2.71 1.28 2.89
CA LEU C 24 1.73 1.09 4.02
C LEU C 24 0.52 1.97 3.74
N TYR C 25 -0.61 1.35 3.47
CA TYR C 25 -1.85 2.12 3.17
C TYR C 25 -2.74 2.14 4.41
N LYS C 26 -2.71 3.23 5.13
CA LYS C 26 -3.55 3.36 6.35
C LYS C 26 -4.81 4.14 5.98
N TYR C 27 -5.96 3.68 6.40
CA TYR C 27 -7.21 4.43 6.05
C TYR C 27 -8.30 4.16 7.10
N ILE C 28 -9.03 5.18 7.46
CA ILE C 28 -10.11 5.00 8.46
C ILE C 28 -11.29 4.29 7.79
N ASP C 29 -11.77 3.23 8.36
CA ASP C 29 -12.91 2.51 7.73
C ASP C 29 -14.21 3.23 8.05
N SER C 30 -15.28 2.87 7.40
CA SER C 30 -16.59 3.54 7.65
C SER C 30 -17.04 3.32 9.10
N PHE C 31 -16.21 2.70 9.90
CA PHE C 31 -16.59 2.46 11.33
C PHE C 31 -15.91 3.51 12.21
N GLY C 32 -14.76 3.98 11.81
CA GLY C 32 -14.02 5.02 12.62
C GLY C 32 -12.85 4.34 13.32
N GLU C 33 -12.30 3.31 12.72
CA GLU C 33 -11.14 2.58 13.33
C GLU C 33 -10.04 2.43 12.26
N PRO C 34 -8.89 3.05 12.41
CA PRO C 34 -7.79 2.94 11.42
C PRO C 34 -7.60 1.50 10.91
N GLN C 35 -7.08 1.35 9.72
CA GLN C 35 -6.88 -0.03 9.15
C GLN C 35 -5.47 -0.13 8.54
N PHE C 36 -4.75 -1.19 8.85
CA PHE C 36 -3.37 -1.35 8.31
C PHE C 36 -3.33 -2.34 7.14
N VAL C 37 -2.79 -1.93 6.02
CA VAL C 37 -2.64 -2.85 4.84
C VAL C 37 -1.18 -2.76 4.39
N TYR C 38 -0.45 -3.86 4.44
CA TYR C 38 0.99 -3.83 4.05
C TYR C 38 1.21 -4.38 2.65
N SER C 39 2.32 -4.05 2.04
CA SER C 39 2.63 -4.54 0.67
C SER C 39 4.01 -4.02 0.27
N TRP C 40 4.68 -4.69 -0.66
CA TRP C 40 6.03 -4.23 -1.10
C TRP C 40 5.93 -3.61 -2.49
N LYS C 41 5.09 -4.16 -3.34
CA LYS C 41 4.95 -3.62 -4.73
C LYS C 41 3.78 -2.63 -4.76
N LEU C 42 3.97 -1.47 -5.34
CA LEU C 42 2.83 -0.51 -5.42
C LEU C 42 1.87 -1.03 -6.49
N VAL C 43 2.39 -1.65 -7.50
CA VAL C 43 1.53 -2.21 -8.59
C VAL C 43 2.07 -3.59 -8.95
N ALA C 44 1.21 -4.47 -9.38
CA ALA C 44 1.68 -5.83 -9.71
C ALA C 44 2.59 -5.79 -10.95
N THR C 45 3.73 -5.16 -10.81
CA THR C 45 4.70 -5.09 -11.94
C THR C 45 6.11 -4.98 -11.37
N ASP C 46 6.24 -4.31 -10.25
CA ASP C 46 7.58 -4.15 -9.61
C ASP C 46 8.05 -5.53 -9.10
N ARG C 47 8.97 -5.55 -8.17
CA ARG C 47 9.48 -6.86 -7.63
C ARG C 47 9.45 -6.82 -6.09
N VAL C 48 10.14 -7.72 -5.45
CA VAL C 48 10.14 -7.75 -3.96
C VAL C 48 11.41 -8.47 -3.46
N PRO C 49 12.29 -7.80 -2.72
CA PRO C 49 13.54 -8.44 -2.21
C PRO C 49 13.30 -9.85 -1.66
N ALA C 50 14.21 -10.73 -1.89
CA ALA C 50 14.06 -12.12 -1.38
C ALA C 50 13.84 -12.10 0.14
N GLY C 51 13.24 -13.13 0.68
CA GLY C 51 13.00 -13.17 2.16
C GLY C 51 11.66 -12.50 2.48
N LYS C 52 11.12 -11.77 1.55
CA LYS C 52 9.81 -11.09 1.79
C LYS C 52 8.66 -12.03 1.42
N ARG C 53 7.52 -11.86 2.03
CA ARG C 53 6.36 -12.74 1.72
C ARG C 53 5.68 -12.24 0.44
N ASP C 54 5.69 -13.02 -0.61
CA ASP C 54 5.04 -12.59 -1.86
C ASP C 54 3.62 -12.10 -1.57
N ALA C 55 3.11 -11.19 -2.36
CA ALA C 55 1.74 -10.66 -2.11
C ALA C 55 1.33 -9.81 -3.30
N ILE C 56 0.06 -9.57 -3.48
CA ILE C 56 -0.37 -8.72 -4.61
C ILE C 56 -0.02 -7.28 -4.28
N SER C 57 0.39 -6.53 -5.26
CA SER C 57 0.75 -5.12 -5.01
C SER C 57 -0.35 -4.45 -4.18
N LEU C 58 0.00 -3.49 -3.38
CA LEU C 58 -1.03 -2.81 -2.55
C LEU C 58 -2.22 -2.43 -3.43
N ARG C 59 -1.96 -1.74 -4.51
CA ARG C 59 -3.06 -1.32 -5.43
C ARG C 59 -4.02 -2.49 -5.67
N GLU C 60 -3.54 -3.72 -5.67
CA GLU C 60 -4.45 -4.87 -5.87
C GLU C 60 -5.18 -5.14 -4.56
N LYS C 61 -4.55 -4.84 -3.44
CA LYS C 61 -5.22 -5.04 -2.13
C LYS C 61 -6.30 -3.97 -1.97
N ILE C 62 -5.96 -2.75 -2.29
CA ILE C 62 -6.97 -1.66 -2.19
C ILE C 62 -8.11 -1.98 -3.17
N ALA C 63 -7.77 -2.48 -4.32
CA ALA C 63 -8.82 -2.82 -5.32
C ALA C 63 -9.83 -3.80 -4.73
N GLU C 64 -9.39 -4.65 -3.83
CA GLU C 64 -10.35 -5.64 -3.25
C GLU C 64 -11.30 -4.92 -2.30
N LEU C 65 -10.83 -3.92 -1.62
CA LEU C 65 -11.72 -3.17 -0.69
C LEU C 65 -12.82 -2.49 -1.50
N GLN C 66 -12.48 -1.93 -2.62
CA GLN C 66 -13.50 -1.25 -3.47
C GLN C 66 -14.21 -2.29 -4.36
N LYS C 67 -13.73 -3.51 -4.36
CA LYS C 67 -14.37 -4.56 -5.21
C LYS C 67 -15.70 -5.00 -4.60
N ASP C 68 -15.69 -6.08 -3.84
CA ASP C 68 -16.95 -6.58 -3.24
C ASP C 68 -17.22 -5.87 -1.91
N ILE C 69 -16.20 -5.41 -1.24
CA ILE C 69 -16.42 -4.71 0.05
C ILE C 69 -16.73 -3.24 -0.20
N GLU C 1 3.43 18.54 1.39
CA GLU C 1 4.69 17.88 0.94
C GLU C 1 4.36 16.53 0.30
N LYS C 2 4.58 16.40 -0.98
CA LYS C 2 4.29 15.11 -1.66
C LYS C 2 5.50 14.19 -1.54
N ARG C 3 5.40 13.13 -0.78
CA ARG C 3 6.55 12.20 -0.65
C ARG C 3 6.60 11.28 -1.87
N ARG C 4 7.58 10.41 -1.94
CA ARG C 4 7.70 9.47 -3.09
C ARG C 4 8.01 8.07 -2.58
N ASP C 5 8.10 7.11 -3.46
CA ASP C 5 8.43 5.72 -3.03
C ASP C 5 9.93 5.57 -2.88
N ASN C 6 10.41 4.40 -2.57
CA ASN C 6 11.87 4.19 -2.43
C ASN C 6 12.55 4.41 -3.78
N ARG C 7 11.76 4.57 -4.82
CA ARG C 7 12.35 4.77 -6.19
C ARG C 7 12.24 6.26 -6.56
N GLY C 8 11.23 6.64 -7.30
CA GLY C 8 11.11 8.08 -7.69
C GLY C 8 9.68 8.35 -8.19
N ARG C 9 8.76 7.48 -7.90
CA ARG C 9 7.36 7.69 -8.36
C ARG C 9 6.62 8.60 -7.37
N ILE C 10 5.33 8.65 -7.44
CA ILE C 10 4.54 9.52 -6.50
C ILE C 10 3.37 8.71 -5.93
N LEU C 11 3.28 8.59 -4.64
CA LEU C 11 2.13 7.84 -4.05
C LEU C 11 0.97 8.81 -3.80
N LYS C 12 -0.24 8.31 -3.78
CA LYS C 12 -1.40 9.21 -3.54
C LYS C 12 -1.64 9.30 -2.03
N THR C 13 -2.36 10.30 -1.58
CA THR C 13 -2.62 10.43 -0.12
C THR C 13 -3.05 9.07 0.45
N GLY C 14 -2.97 8.91 1.74
CA GLY C 14 -3.37 7.61 2.35
C GLY C 14 -2.23 6.60 2.18
N GLU C 15 -1.57 6.63 1.06
CA GLU C 15 -0.43 5.67 0.82
C GLU C 15 0.90 6.31 1.21
N SER C 16 1.81 5.53 1.72
CA SER C 16 3.15 6.06 2.11
C SER C 16 4.01 4.92 2.66
N GLN C 17 5.26 4.87 2.30
CA GLN C 17 6.13 3.77 2.81
C GLN C 17 6.43 4.00 4.29
N ARG C 18 6.51 2.93 5.06
CA ARG C 18 6.78 3.07 6.52
C ARG C 18 8.28 2.83 6.79
N LYS C 19 8.61 2.35 7.96
CA LYS C 19 10.03 2.13 8.31
C LYS C 19 10.57 0.83 7.68
N ASP C 20 9.72 -0.11 7.40
CA ASP C 20 10.21 -1.39 6.80
C ASP C 20 10.40 -1.22 5.29
N GLY C 21 10.18 -0.04 4.77
CA GLY C 21 10.36 0.17 3.30
C GLY C 21 9.14 -0.34 2.53
N ARG C 22 8.41 -1.26 3.09
CA ARG C 22 7.21 -1.77 2.36
C ARG C 22 6.16 -0.67 2.27
N TYR C 23 5.25 -0.77 1.33
CA TYR C 23 4.21 0.28 1.20
C TYR C 23 3.19 0.12 2.33
N LEU C 24 2.57 1.21 2.73
CA LEU C 24 1.56 1.15 3.82
C LEU C 24 0.40 2.08 3.47
N TYR C 25 -0.80 1.55 3.51
CA TYR C 25 -2.02 2.37 3.18
C TYR C 25 -2.95 2.35 4.39
N LYS C 26 -3.01 3.42 5.13
CA LYS C 26 -3.90 3.48 6.31
C LYS C 26 -5.28 3.98 5.86
N TYR C 27 -6.33 3.41 6.38
CA TYR C 27 -7.69 3.88 5.97
C TYR C 27 -8.68 3.66 7.12
N ILE C 28 -9.51 4.64 7.35
CA ILE C 28 -10.50 4.54 8.47
C ILE C 28 -11.69 3.70 8.02
N ASP C 29 -12.03 2.67 8.75
CA ASP C 29 -13.18 1.82 8.35
C ASP C 29 -14.49 2.49 8.78
N SER C 30 -15.60 1.85 8.53
CA SER C 30 -16.91 2.45 8.92
C SER C 30 -17.16 2.26 10.41
N PHE C 31 -16.15 1.84 11.14
CA PHE C 31 -16.31 1.63 12.61
C PHE C 31 -15.71 2.83 13.35
N GLY C 32 -14.72 3.45 12.76
CA GLY C 32 -14.07 4.64 13.41
C GLY C 32 -12.72 4.21 13.99
N GLU C 33 -12.05 3.28 13.34
CA GLU C 33 -10.72 2.82 13.85
C GLU C 33 -9.78 2.60 12.64
N PRO C 34 -8.69 3.33 12.53
CA PRO C 34 -7.74 3.16 11.39
C PRO C 34 -7.49 1.69 11.04
N GLN C 35 -7.06 1.42 9.83
CA GLN C 35 -6.80 0.01 9.40
C GLN C 35 -5.47 -0.05 8.65
N PHE C 36 -4.67 -1.05 8.92
CA PHE C 36 -3.32 -1.16 8.24
C PHE C 36 -3.37 -2.18 7.09
N VAL C 37 -2.97 -1.76 5.91
CA VAL C 37 -2.89 -2.70 4.74
C VAL C 37 -1.43 -2.73 4.31
N TYR C 38 -0.79 -3.87 4.34
CA TYR C 38 0.67 -3.95 3.99
C TYR C 38 0.86 -4.49 2.57
N SER C 39 1.95 -4.12 1.95
CA SER C 39 2.26 -4.61 0.57
C SER C 39 3.67 -4.14 0.19
N TRP C 40 4.41 -4.95 -0.52
CA TRP C 40 5.79 -4.54 -0.92
C TRP C 40 5.74 -3.99 -2.34
N LYS C 41 4.77 -4.41 -3.12
CA LYS C 41 4.66 -3.94 -4.53
C LYS C 41 3.66 -2.78 -4.62
N LEU C 42 4.01 -1.75 -5.32
CA LEU C 42 3.05 -0.61 -5.47
C LEU C 42 2.04 -0.99 -6.55
N VAL C 43 2.43 -1.85 -7.45
CA VAL C 43 1.50 -2.28 -8.53
C VAL C 43 1.78 -3.75 -8.86
N ALA C 44 0.81 -4.44 -9.39
CA ALA C 44 1.02 -5.87 -9.71
C ALA C 44 1.99 -6.01 -10.88
N THR C 45 3.22 -5.62 -10.66
CA THR C 45 4.26 -5.73 -11.72
C THR C 45 5.61 -5.96 -11.06
N ASP C 46 5.84 -5.29 -9.96
CA ASP C 46 7.12 -5.46 -9.22
C ASP C 46 7.15 -6.87 -8.62
N ARG C 47 8.10 -7.15 -7.75
CA ARG C 47 8.17 -8.50 -7.11
C ARG C 47 8.50 -8.34 -5.63
N VAL C 48 8.03 -9.25 -4.82
CA VAL C 48 8.32 -9.18 -3.36
C VAL C 48 9.67 -9.86 -3.07
N PRO C 49 10.50 -9.29 -2.21
CA PRO C 49 11.80 -9.92 -1.87
C PRO C 49 11.64 -11.42 -1.63
N ALA C 50 12.70 -12.16 -1.73
CA ALA C 50 12.62 -13.63 -1.54
C ALA C 50 12.02 -13.99 -0.16
N GLY C 51 12.80 -13.89 0.88
CA GLY C 51 12.30 -14.27 2.23
C GLY C 51 10.97 -13.58 2.56
N LYS C 52 10.46 -12.75 1.70
CA LYS C 52 9.17 -12.05 2.01
C LYS C 52 7.99 -12.86 1.47
N ARG C 53 6.82 -12.65 2.02
CA ARG C 53 5.61 -13.40 1.56
C ARG C 53 5.05 -12.73 0.31
N ASP C 54 4.05 -13.32 -0.30
CA ASP C 54 3.44 -12.72 -1.52
C ASP C 54 2.17 -11.96 -1.12
N ALA C 55 1.90 -10.87 -1.79
CA ALA C 55 0.67 -10.09 -1.45
C ALA C 55 0.37 -9.08 -2.55
N ILE C 56 0.07 -9.57 -3.73
CA ILE C 56 -0.29 -8.69 -4.90
C ILE C 56 0.31 -7.29 -4.74
N SER C 57 -0.43 -6.28 -5.12
CA SER C 57 0.05 -4.88 -4.97
C SER C 57 -0.99 -4.12 -4.17
N LEU C 58 -0.57 -3.17 -3.38
CA LEU C 58 -1.56 -2.43 -2.56
C LEU C 58 -2.72 -1.97 -3.45
N ARG C 59 -2.44 -1.61 -4.68
CA ARG C 59 -3.55 -1.16 -5.58
C ARG C 59 -4.52 -2.32 -5.81
N GLU C 60 -4.08 -3.54 -5.71
CA GLU C 60 -5.04 -4.67 -5.89
C GLU C 60 -5.86 -4.81 -4.61
N LYS C 61 -5.22 -4.69 -3.48
CA LYS C 61 -5.96 -4.77 -2.18
C LYS C 61 -6.89 -3.56 -2.09
N ILE C 62 -6.32 -2.38 -2.15
CA ILE C 62 -7.13 -1.13 -2.11
C ILE C 62 -8.35 -1.29 -3.03
N ALA C 63 -8.12 -1.78 -4.22
CA ALA C 63 -9.24 -1.95 -5.19
C ALA C 63 -10.35 -2.81 -4.56
N GLU C 64 -9.99 -3.76 -3.74
CA GLU C 64 -11.03 -4.62 -3.11
C GLU C 64 -11.78 -3.82 -2.04
N LEU C 65 -11.09 -2.96 -1.35
CA LEU C 65 -11.75 -2.14 -0.30
C LEU C 65 -12.71 -1.14 -0.95
N GLN C 66 -12.32 -0.58 -2.08
CA GLN C 66 -13.21 0.41 -2.76
C GLN C 66 -14.25 -0.34 -3.59
N LYS C 67 -13.99 -1.57 -3.92
CA LYS C 67 -14.98 -2.35 -4.73
C LYS C 67 -16.18 -2.71 -3.87
N ASP C 68 -16.01 -3.62 -2.95
CA ASP C 68 -17.16 -4.02 -2.07
C ASP C 68 -16.61 -4.56 -0.74
N ILE C 69 -16.10 -5.76 -0.75
CA ILE C 69 -15.55 -6.36 0.49
C ILE C 69 -14.41 -7.32 0.13
N GLU C 1 4.02 19.14 -2.15
CA GLU C 1 2.70 19.23 -1.47
C GLU C 1 2.29 17.84 -0.97
N LYS C 2 2.18 16.89 -1.85
CA LYS C 2 1.78 15.51 -1.43
C LYS C 2 3.02 14.69 -1.05
N ARG C 3 2.85 13.41 -0.91
CA ARG C 3 3.99 12.51 -0.53
C ARG C 3 4.63 11.91 -1.79
N ARG C 4 5.76 11.27 -1.63
CA ARG C 4 6.44 10.63 -2.80
C ARG C 4 7.02 9.28 -2.34
N ASP C 5 7.12 8.33 -3.23
CA ASP C 5 7.65 6.99 -2.85
C ASP C 5 9.18 7.03 -2.84
N ASN C 6 9.81 5.90 -2.67
CA ASN C 6 11.31 5.84 -2.65
C ASN C 6 11.85 5.58 -4.06
N ARG C 7 11.00 5.53 -5.04
CA ARG C 7 11.46 5.27 -6.44
C ARG C 7 11.48 6.59 -7.22
N GLY C 8 10.38 7.29 -7.21
CA GLY C 8 10.32 8.59 -7.95
C GLY C 8 8.89 8.85 -8.44
N ARG C 9 7.99 7.96 -8.16
CA ARG C 9 6.58 8.17 -8.59
C ARG C 9 5.91 9.12 -7.60
N ILE C 10 4.60 9.14 -7.55
CA ILE C 10 3.90 10.06 -6.61
C ILE C 10 2.82 9.30 -5.83
N LEU C 11 2.92 9.27 -4.53
CA LEU C 11 1.88 8.57 -3.71
C LEU C 11 0.76 9.54 -3.39
N LYS C 12 -0.47 9.09 -3.41
CA LYS C 12 -1.61 10.01 -3.11
C LYS C 12 -1.93 9.98 -1.62
N THR C 13 -3.05 10.53 -1.23
CA THR C 13 -3.41 10.51 0.21
C THR C 13 -3.79 9.09 0.61
N GLY C 14 -3.94 8.83 1.88
CA GLY C 14 -4.31 7.45 2.31
C GLY C 14 -3.10 6.52 2.08
N GLU C 15 -2.52 6.58 0.92
CA GLU C 15 -1.34 5.70 0.61
C GLU C 15 -0.05 6.45 0.99
N SER C 16 0.90 5.73 1.55
CA SER C 16 2.18 6.38 1.95
C SER C 16 3.29 5.31 2.01
N GLN C 17 4.07 5.32 3.05
CA GLN C 17 5.16 4.31 3.16
C GLN C 17 5.58 4.17 4.63
N ARG C 18 5.89 2.98 5.07
CA ARG C 18 6.29 2.79 6.50
C ARG C 18 7.80 3.06 6.66
N LYS C 19 8.41 2.45 7.65
CA LYS C 19 9.87 2.67 7.88
C LYS C 19 10.70 1.57 7.22
N ASP C 20 10.12 0.43 6.96
CA ASP C 20 10.90 -0.67 6.33
C ASP C 20 10.97 -0.45 4.82
N GLY C 21 10.40 0.63 4.33
CA GLY C 21 10.45 0.91 2.87
C GLY C 21 9.20 0.32 2.20
N ARG C 22 8.52 -0.56 2.87
CA ARG C 22 7.29 -1.16 2.28
C ARG C 22 6.21 -0.09 2.18
N TYR C 23 5.29 -0.25 1.27
CA TYR C 23 4.21 0.76 1.13
C TYR C 23 3.21 0.58 2.28
N LEU C 24 2.50 1.63 2.63
CA LEU C 24 1.51 1.54 3.75
C LEU C 24 0.25 2.31 3.36
N TYR C 25 -0.89 1.71 3.59
CA TYR C 25 -2.18 2.38 3.26
C TYR C 25 -3.10 2.32 4.47
N LYS C 26 -3.23 3.41 5.17
CA LYS C 26 -4.11 3.45 6.38
C LYS C 26 -5.47 4.03 5.96
N TYR C 27 -6.54 3.46 6.42
CA TYR C 27 -7.89 4.01 6.05
C TYR C 27 -8.88 3.70 7.17
N ILE C 28 -9.69 4.67 7.53
CA ILE C 28 -10.68 4.48 8.62
C ILE C 28 -11.90 3.73 8.07
N ASP C 29 -12.28 2.64 8.68
CA ASP C 29 -13.46 1.88 8.19
C ASP C 29 -14.74 2.55 8.68
N SER C 30 -15.88 2.03 8.31
CA SER C 30 -17.16 2.63 8.75
C SER C 30 -17.43 2.29 10.20
N PHE C 31 -16.45 1.76 10.90
CA PHE C 31 -16.64 1.40 12.33
C PHE C 31 -16.02 2.49 13.21
N GLY C 32 -14.99 3.12 12.71
CA GLY C 32 -14.32 4.21 13.49
C GLY C 32 -13.00 3.67 14.06
N GLU C 33 -12.35 2.80 13.32
CA GLU C 33 -11.06 2.21 13.81
C GLU C 33 -10.09 2.10 12.61
N PRO C 34 -8.98 2.83 12.61
CA PRO C 34 -8.00 2.77 11.48
C PRO C 34 -7.75 1.33 11.01
N GLN C 35 -7.25 1.18 9.80
CA GLN C 35 -6.99 -0.19 9.25
C GLN C 35 -5.62 -0.21 8.55
N PHE C 36 -4.78 -1.15 8.90
CA PHE C 36 -3.42 -1.23 8.28
C PHE C 36 -3.39 -2.24 7.12
N VAL C 37 -2.91 -1.81 5.99
CA VAL C 37 -2.77 -2.72 4.81
C VAL C 37 -1.32 -2.61 4.33
N TYR C 38 -0.56 -3.68 4.38
CA TYR C 38 0.88 -3.61 3.98
C TYR C 38 1.09 -4.20 2.58
N SER C 39 2.03 -3.67 1.85
CA SER C 39 2.32 -4.19 0.48
C SER C 39 3.73 -3.76 0.08
N TRP C 40 4.41 -4.57 -0.70
CA TRP C 40 5.81 -4.22 -1.13
C TRP C 40 5.76 -3.69 -2.57
N LYS C 41 4.93 -4.27 -3.38
CA LYS C 41 4.83 -3.84 -4.82
C LYS C 41 3.76 -2.76 -4.97
N LEU C 42 4.11 -1.64 -5.54
CA LEU C 42 3.10 -0.56 -5.72
C LEU C 42 2.16 -0.99 -6.85
N VAL C 43 2.63 -1.81 -7.75
CA VAL C 43 1.76 -2.28 -8.87
C VAL C 43 2.08 -3.75 -9.15
N ALA C 44 1.15 -4.49 -9.65
CA ALA C 44 1.39 -5.93 -9.90
C ALA C 44 2.36 -6.09 -11.06
N THR C 45 3.58 -5.66 -10.86
CA THR C 45 4.61 -5.78 -11.92
C THR C 45 5.99 -5.87 -11.25
N ASP C 46 6.16 -5.18 -10.17
CA ASP C 46 7.46 -5.21 -9.44
C ASP C 46 7.65 -6.60 -8.80
N ARG C 47 8.61 -6.72 -7.91
CA ARG C 47 8.87 -8.02 -7.23
C ARG C 47 8.98 -7.76 -5.72
N VAL C 48 9.68 -8.60 -4.99
CA VAL C 48 9.80 -8.38 -3.51
C VAL C 48 11.06 -9.08 -2.99
N PRO C 49 11.87 -8.43 -2.16
CA PRO C 49 13.10 -9.05 -1.59
C PRO C 49 12.87 -10.50 -1.15
N ALA C 50 13.75 -11.38 -1.52
CA ALA C 50 13.59 -12.80 -1.11
C ALA C 50 13.39 -12.87 0.42
N GLY C 51 12.64 -13.83 0.88
CA GLY C 51 12.39 -13.95 2.36
C GLY C 51 11.08 -13.25 2.72
N LYS C 52 10.62 -12.37 1.88
CA LYS C 52 9.35 -11.65 2.18
C LYS C 52 8.16 -12.48 1.65
N ARG C 53 7.00 -12.30 2.21
CA ARG C 53 5.81 -13.06 1.73
C ARG C 53 5.28 -12.41 0.46
N ASP C 54 4.86 -13.21 -0.50
CA ASP C 54 4.33 -12.64 -1.76
C ASP C 54 2.98 -11.97 -1.49
N ALA C 55 2.58 -11.06 -2.34
CA ALA C 55 1.27 -10.37 -2.12
C ALA C 55 0.91 -9.57 -3.37
N ILE C 56 -0.33 -9.28 -3.56
CA ILE C 56 -0.70 -8.49 -4.76
C ILE C 56 -0.24 -7.06 -4.50
N SER C 57 -0.16 -6.27 -5.51
CA SER C 57 0.31 -4.87 -5.31
C SER C 57 -0.68 -4.11 -4.45
N LEU C 58 -0.21 -3.09 -3.80
CA LEU C 58 -1.11 -2.29 -2.93
C LEU C 58 -2.35 -1.87 -3.75
N ARG C 59 -2.14 -1.38 -4.94
CA ARG C 59 -3.29 -0.94 -5.77
C ARG C 59 -4.29 -2.10 -5.94
N GLU C 60 -3.83 -3.34 -5.92
CA GLU C 60 -4.80 -4.45 -6.06
C GLU C 60 -5.55 -4.57 -4.74
N LYS C 61 -4.86 -4.35 -3.65
CA LYS C 61 -5.54 -4.39 -2.32
C LYS C 61 -6.50 -3.20 -2.27
N ILE C 62 -5.95 -2.02 -2.33
CA ILE C 62 -6.78 -0.79 -2.30
C ILE C 62 -7.91 -0.92 -3.33
N ALA C 63 -7.61 -1.47 -4.48
CA ALA C 63 -8.66 -1.60 -5.53
C ALA C 63 -9.91 -2.28 -4.96
N GLU C 64 -9.75 -3.25 -4.11
CA GLU C 64 -10.94 -3.93 -3.55
C GLU C 64 -11.62 -3.00 -2.55
N LEU C 65 -10.83 -2.25 -1.83
CA LEU C 65 -11.39 -1.32 -0.82
C LEU C 65 -12.03 -0.09 -1.49
N GLN C 66 -11.57 0.30 -2.65
CA GLN C 66 -12.16 1.52 -3.29
C GLN C 66 -13.46 1.17 -4.03
N LYS C 67 -13.57 -0.01 -4.57
CA LYS C 67 -14.81 -0.38 -5.30
C LYS C 67 -15.93 -0.65 -4.29
N ASP C 68 -16.46 -1.84 -4.30
CA ASP C 68 -17.57 -2.17 -3.35
C ASP C 68 -17.69 -3.69 -3.22
N ILE C 69 -16.72 -4.34 -2.64
CA ILE C 69 -16.79 -5.83 -2.49
C ILE C 69 -17.50 -6.17 -1.16
#